data_8PS4
#
_entry.id   8PS4
#
loop_
_entity.id
_entity.type
_entity.pdbx_description
1 polymer 'Shedu effector protein'
2 non-polymer 'MAGNESIUM ION'
#
_entity_poly.entity_id   1
_entity_poly.type   'polypeptide(L)'
_entity_poly.pdbx_seq_one_letter_code
;SNAMLQFSFVSNDVVMTYDGDSGEQIIWVWESLNKFQTVCISRIFNFQLQDLRNPPSTVQDFNDYEYSFNFGTLNNEYIT
VPGRILSINRDVLIHKSIKLERKVFASERNVSIFGRLSKLLDHTNPIIIGGDKPEAIPKSVFQELQSKFPNTGELDRYAN
ARVHAILAGYLDGMKDARERYEHYLNRKTVIRKTDKLDLEVLNKLEIEKYTLIRDIIQDALNNKTNLSEDDWQSLMIPFI
TLLFPKYIKVLEKVKIFDYYSNPSAKTNRFIDIALVDANGNLDIIEVKKPFDDKILRKTPYRDNYIPTSELSGGIMQAEK
YIFHLSKWGVKGEKELTNAYKNSLPAGMCIRISNPKAIIIVGRDQIANGNMTDGQLLDFEIIKRKYANMIDILTYDDLLR
RLNNTIEALKG
;
_entity_poly.pdbx_strand_id   A,B,C,D
#
# COMPACT_ATOMS: atom_id res chain seq x y z
N MET A 4 -34.39 28.00 -51.89
CA MET A 4 -34.68 29.00 -50.83
C MET A 4 -36.15 28.88 -50.39
N LEU A 5 -36.42 29.03 -49.10
CA LEU A 5 -37.81 28.95 -48.57
C LEU A 5 -38.21 30.31 -47.99
N GLN A 6 -39.26 30.93 -48.55
CA GLN A 6 -39.76 32.21 -48.00
C GLN A 6 -41.17 31.97 -47.44
N PHE A 7 -41.42 32.37 -46.19
CA PHE A 7 -42.73 32.08 -45.56
C PHE A 7 -43.53 33.37 -45.39
N SER A 8 -44.77 33.39 -45.92
CA SER A 8 -45.64 34.59 -45.80
C SER A 8 -47.06 34.14 -45.45
N PHE A 9 -47.82 34.99 -44.75
CA PHE A 9 -49.23 34.64 -44.44
C PHE A 9 -50.16 35.59 -45.19
N VAL A 10 -51.06 35.06 -46.02
CA VAL A 10 -52.06 35.94 -46.69
C VAL A 10 -53.46 35.58 -46.18
N SER A 11 -54.12 36.51 -45.49
CA SER A 11 -55.49 36.28 -44.98
C SER A 11 -55.55 34.98 -44.15
N ASN A 12 -56.52 34.13 -44.41
CA ASN A 12 -56.71 32.87 -43.64
C ASN A 12 -55.56 31.87 -43.84
N ASP A 13 -55.03 31.73 -45.06
CA ASP A 13 -54.01 30.68 -45.32
C ASP A 13 -52.59 31.25 -45.18
N VAL A 14 -51.61 30.37 -44.92
CA VAL A 14 -50.19 30.83 -44.90
C VAL A 14 -49.48 30.07 -46.01
N VAL A 15 -48.78 30.78 -46.90
CA VAL A 15 -48.17 30.09 -48.08
C VAL A 15 -46.65 30.18 -48.04
N MET A 16 -45.96 29.04 -48.20
CA MET A 16 -44.48 29.08 -48.29
C MET A 16 -44.10 29.04 -49.77
N THR A 17 -43.01 29.71 -50.14
CA THR A 17 -42.59 29.78 -51.57
C THR A 17 -41.25 29.06 -51.73
N TYR A 18 -41.15 28.14 -52.71
CA TYR A 18 -39.87 27.43 -52.97
C TYR A 18 -39.14 28.13 -54.12
N ASP A 19 -38.01 28.77 -53.83
CA ASP A 19 -37.27 29.54 -54.86
C ASP A 19 -35.95 28.82 -55.18
N GLU A 24 -31.73 25.24 -58.62
CA GLU A 24 -32.85 25.97 -59.25
C GLU A 24 -33.72 25.00 -60.04
N GLN A 25 -33.22 23.77 -60.26
CA GLN A 25 -34.00 22.74 -61.01
C GLN A 25 -35.21 22.31 -60.16
N ILE A 26 -36.41 22.76 -60.52
CA ILE A 26 -37.65 22.38 -59.78
C ILE A 26 -38.42 21.35 -60.62
N ILE A 27 -37.80 20.88 -61.71
CA ILE A 27 -38.47 19.91 -62.59
C ILE A 27 -38.75 18.65 -61.77
N TRP A 28 -37.79 18.24 -60.94
CA TRP A 28 -37.94 17.00 -60.16
C TRP A 28 -39.14 17.15 -59.22
N VAL A 29 -39.34 18.33 -58.65
CA VAL A 29 -40.45 18.50 -57.67
C VAL A 29 -41.77 18.21 -58.39
N TRP A 30 -41.95 18.77 -59.58
CA TRP A 30 -43.23 18.58 -60.30
C TRP A 30 -43.39 17.10 -60.65
N GLU A 31 -42.32 16.48 -61.16
CA GLU A 31 -42.40 15.06 -61.58
C GLU A 31 -42.78 14.20 -60.37
N SER A 32 -42.05 14.37 -59.26
CA SER A 32 -42.32 13.56 -58.04
C SER A 32 -43.72 13.85 -57.54
N LEU A 33 -44.14 15.11 -57.60
CA LEU A 33 -45.48 15.49 -57.09
C LEU A 33 -46.50 14.70 -57.90
N ASN A 34 -46.32 14.64 -59.22
CA ASN A 34 -47.24 13.83 -60.07
C ASN A 34 -47.08 12.34 -59.76
N LYS A 35 -45.83 11.88 -59.60
CA LYS A 35 -45.60 10.43 -59.41
C LYS A 35 -46.20 9.92 -58.10
N PHE A 36 -46.04 10.67 -57.00
CA PHE A 36 -46.49 10.13 -55.69
C PHE A 36 -47.60 10.96 -55.05
N GLN A 37 -48.02 12.07 -55.68
CA GLN A 37 -49.02 12.97 -55.04
C GLN A 37 -48.39 13.52 -53.76
N THR A 38 -47.06 13.61 -53.73
CA THR A 38 -46.33 14.13 -52.52
C THR A 38 -44.89 14.47 -52.90
N VAL A 39 -44.38 15.60 -52.41
CA VAL A 39 -42.95 15.93 -52.64
C VAL A 39 -42.33 16.31 -51.29
N CYS A 40 -41.01 16.15 -51.13
CA CYS A 40 -40.35 16.56 -49.87
C CYS A 40 -39.51 17.82 -50.14
N ILE A 41 -39.78 18.89 -49.39
CA ILE A 41 -39.02 20.17 -49.56
C ILE A 41 -38.13 20.36 -48.32
N SER A 42 -36.81 20.22 -48.48
CA SER A 42 -35.83 20.38 -47.36
C SER A 42 -35.90 19.17 -46.42
N ARG A 43 -36.61 18.11 -46.80
CA ARG A 43 -36.70 16.85 -46.01
C ARG A 43 -37.66 17.03 -44.82
N ILE A 44 -38.26 18.21 -44.68
CA ILE A 44 -39.15 18.48 -43.50
C ILE A 44 -40.57 18.81 -43.97
N PHE A 45 -40.75 19.09 -45.26
CA PHE A 45 -42.09 19.51 -45.75
C PHE A 45 -42.63 18.48 -46.76
N ASN A 46 -43.84 17.98 -46.54
CA ASN A 46 -44.46 17.02 -47.48
C ASN A 46 -45.71 17.67 -48.09
N PHE A 47 -45.67 18.01 -49.38
CA PHE A 47 -46.81 18.74 -49.97
C PHE A 47 -47.48 17.93 -51.09
N GLN A 48 -48.81 17.86 -51.07
CA GLN A 48 -49.57 17.16 -52.15
C GLN A 48 -49.69 18.09 -53.36
N LEU A 49 -50.11 17.55 -54.51
CA LEU A 49 -50.35 18.41 -55.71
C LEU A 49 -51.45 19.41 -55.35
N GLN A 50 -52.45 18.97 -54.58
CA GLN A 50 -53.55 19.87 -54.13
C GLN A 50 -52.96 20.99 -53.27
N ASP A 51 -51.95 20.68 -52.43
CA ASP A 51 -51.35 21.68 -51.52
C ASP A 51 -50.73 22.82 -52.33
N LEU A 52 -50.08 22.50 -53.46
CA LEU A 52 -49.51 23.53 -54.36
C LEU A 52 -50.65 24.45 -54.81
N ARG A 53 -50.52 25.76 -54.59
CA ARG A 53 -51.65 26.68 -54.90
C ARG A 53 -51.98 26.61 -56.39
N ASN A 54 -50.97 26.64 -57.26
CA ASN A 54 -51.22 26.49 -58.72
C ASN A 54 -50.24 25.46 -59.29
N PRO A 55 -50.70 24.41 -59.99
CA PRO A 55 -49.77 23.47 -60.63
C PRO A 55 -49.12 24.17 -61.84
N PRO A 56 -47.78 24.08 -62.01
CA PRO A 56 -47.14 24.67 -63.19
C PRO A 56 -47.57 23.94 -64.47
N SER A 57 -47.83 24.69 -65.54
CA SER A 57 -48.19 24.07 -66.84
C SER A 57 -46.99 23.30 -67.38
N THR A 58 -47.23 22.15 -68.02
CA THR A 58 -46.12 21.37 -68.63
C THR A 58 -45.41 22.25 -69.66
N VAL A 59 -46.14 23.18 -70.29
CA VAL A 59 -45.54 24.10 -71.31
C VAL A 59 -44.62 25.09 -70.59
N GLN A 60 -45.05 25.63 -69.44
CA GLN A 60 -44.21 26.56 -68.65
C GLN A 60 -42.99 25.82 -68.12
N ASP A 61 -41.81 26.45 -68.13
CA ASP A 61 -40.63 25.79 -67.52
C ASP A 61 -40.87 25.74 -66.01
N PHE A 62 -40.63 24.57 -65.41
CA PHE A 62 -40.82 24.40 -63.94
C PHE A 62 -39.81 25.28 -63.19
N ASN A 63 -38.57 25.37 -63.71
CA ASN A 63 -37.54 26.22 -63.08
C ASN A 63 -37.98 27.69 -63.13
N ASP A 64 -38.53 28.12 -64.27
CA ASP A 64 -39.01 29.52 -64.42
C ASP A 64 -40.17 29.77 -63.46
N TYR A 65 -41.07 28.80 -63.32
CA TYR A 65 -42.24 28.95 -62.40
C TYR A 65 -41.75 29.04 -60.96
N GLU A 66 -42.38 29.90 -60.15
CA GLU A 66 -42.02 29.98 -58.71
C GLU A 66 -43.02 29.12 -57.94
N TYR A 67 -42.53 28.13 -57.18
CA TYR A 67 -43.45 27.18 -56.50
C TYR A 67 -44.11 27.82 -55.27
N SER A 68 -45.39 27.55 -55.05
CA SER A 68 -46.13 28.13 -53.90
C SER A 68 -46.91 27.03 -53.17
N PHE A 69 -46.41 26.57 -52.02
CA PHE A 69 -47.07 25.48 -51.26
C PHE A 69 -47.92 26.10 -50.14
N ASN A 70 -49.10 25.55 -49.88
CA ASN A 70 -50.01 26.20 -48.90
C ASN A 70 -50.09 25.41 -47.59
N PHE A 71 -49.86 26.09 -46.45
CA PHE A 71 -50.02 25.43 -45.12
C PHE A 71 -51.49 25.49 -44.70
N GLY A 72 -51.85 24.82 -43.60
CA GLY A 72 -53.24 24.85 -43.10
C GLY A 72 -53.65 26.24 -42.67
N THR A 73 -54.95 26.56 -42.75
CA THR A 73 -55.43 27.93 -42.43
C THR A 73 -55.15 28.29 -40.97
N LEU A 74 -54.63 29.50 -40.73
CA LEU A 74 -54.41 29.98 -39.33
C LEU A 74 -55.77 30.38 -38.73
N ASN A 75 -55.96 30.16 -37.43
CA ASN A 75 -57.22 30.59 -36.76
C ASN A 75 -56.96 30.74 -35.26
N ASN A 76 -57.85 31.44 -34.54
CA ASN A 76 -57.69 31.68 -33.08
C ASN A 76 -56.33 32.33 -32.80
N GLU A 77 -55.79 33.07 -33.78
CA GLU A 77 -54.48 33.78 -33.62
C GLU A 77 -53.32 32.78 -33.58
N TYR A 78 -53.56 31.52 -33.97
CA TYR A 78 -52.47 30.51 -34.03
C TYR A 78 -52.40 29.91 -35.43
N ILE A 79 -51.20 29.88 -36.03
CA ILE A 79 -51.04 29.22 -37.34
C ILE A 79 -51.22 27.71 -37.09
N THR A 80 -52.09 27.05 -37.87
CA THR A 80 -52.24 25.58 -37.74
C THR A 80 -51.53 24.92 -38.92
N VAL A 81 -50.62 23.98 -38.64
CA VAL A 81 -49.83 23.33 -39.73
C VAL A 81 -50.24 21.86 -39.81
N PRO A 82 -50.58 21.31 -40.99
CA PRO A 82 -51.06 19.94 -41.12
C PRO A 82 -50.04 18.89 -40.65
N GLY A 83 -50.52 17.82 -40.02
CA GLY A 83 -49.63 16.72 -39.58
C GLY A 83 -48.96 16.05 -40.75
N ARG A 84 -49.66 15.91 -41.88
CA ARG A 84 -49.12 15.16 -43.06
C ARG A 84 -47.82 15.83 -43.55
N ILE A 85 -47.76 17.17 -43.56
CA ILE A 85 -46.55 17.87 -44.09
C ILE A 85 -45.33 17.50 -43.24
N LEU A 86 -45.50 17.37 -41.92
CA LEU A 86 -44.38 16.96 -41.02
C LEU A 86 -44.40 15.45 -40.82
N SER A 87 -45.31 14.74 -41.51
CA SER A 87 -45.45 13.26 -41.39
C SER A 87 -45.62 12.86 -39.92
N ILE A 88 -46.34 13.66 -39.14
CA ILE A 88 -46.61 13.33 -37.71
C ILE A 88 -48.12 13.21 -37.50
N ASN A 89 -48.55 12.36 -36.55
CA ASN A 89 -49.99 12.14 -36.29
C ASN A 89 -50.67 13.42 -35.78
N ARG A 90 -50.00 14.19 -34.93
CA ARG A 90 -50.66 15.39 -34.31
C ARG A 90 -50.31 16.67 -35.07
N ASP A 91 -51.30 17.51 -35.35
CA ASP A 91 -51.06 18.81 -36.04
C ASP A 91 -50.36 19.77 -35.09
N VAL A 92 -49.71 20.82 -35.61
CA VAL A 92 -48.93 21.73 -34.73
C VAL A 92 -49.48 23.16 -34.83
N LEU A 93 -49.51 23.89 -33.71
CA LEU A 93 -50.00 25.29 -33.69
C LEU A 93 -48.84 26.23 -33.38
N ILE A 94 -48.64 27.27 -34.21
CA ILE A 94 -47.50 28.22 -34.02
C ILE A 94 -48.08 29.61 -33.76
N HIS A 95 -47.60 30.31 -32.72
CA HIS A 95 -48.13 31.64 -32.37
C HIS A 95 -47.67 32.71 -33.37
N LYS A 96 -48.43 33.80 -33.51
CA LYS A 96 -48.08 34.91 -34.43
C LYS A 96 -46.76 35.55 -34.00
N SER A 97 -46.50 35.64 -32.69
CA SER A 97 -45.28 36.36 -32.22
C SER A 97 -44.02 35.72 -32.80
N ILE A 98 -43.96 34.38 -32.84
CA ILE A 98 -42.79 33.73 -33.53
C ILE A 98 -42.94 34.02 -35.02
N LYS A 99 -41.86 34.43 -35.69
CA LYS A 99 -41.93 34.64 -37.15
C LYS A 99 -41.77 33.26 -37.79
N LEU A 100 -42.71 32.86 -38.66
CA LEU A 100 -42.62 31.49 -39.23
C LEU A 100 -41.35 31.42 -40.06
N GLU A 101 -40.54 30.37 -39.86
CA GLU A 101 -39.27 30.22 -40.61
C GLU A 101 -38.86 28.74 -40.56
N ARG A 102 -37.78 28.39 -41.26
CA ARG A 102 -37.37 26.95 -41.33
C ARG A 102 -36.64 26.55 -40.05
N LYS A 103 -35.99 27.52 -39.38
CA LYS A 103 -35.21 27.22 -38.15
C LYS A 103 -36.16 26.67 -37.08
N VAL A 104 -37.36 27.25 -36.96
CA VAL A 104 -38.36 26.75 -35.97
C VAL A 104 -38.77 25.33 -36.35
N PHE A 105 -39.04 25.09 -37.64
CA PHE A 105 -39.51 23.76 -38.10
C PHE A 105 -38.42 22.68 -37.99
N ALA A 106 -37.17 23.01 -38.34
CA ALA A 106 -36.12 21.96 -38.36
C ALA A 106 -34.85 22.41 -37.66
N SER A 107 -34.14 21.46 -37.03
CA SER A 107 -32.85 21.78 -36.38
C SER A 107 -31.73 21.56 -37.40
N GLU A 108 -30.47 21.73 -36.98
CA GLU A 108 -29.30 21.52 -37.86
C GLU A 108 -29.27 20.07 -38.33
N ARG A 109 -28.81 19.80 -39.55
CA ARG A 109 -28.81 18.42 -40.13
C ARG A 109 -30.24 18.05 -40.53
N ASN A 110 -31.11 19.03 -40.74
CA ASN A 110 -32.51 18.78 -41.17
C ASN A 110 -33.20 17.83 -40.18
N VAL A 111 -32.98 18.03 -38.87
CA VAL A 111 -33.68 17.20 -37.86
C VAL A 111 -35.09 17.76 -37.67
N SER A 112 -36.12 16.91 -37.79
CA SER A 112 -37.52 17.36 -37.59
C SER A 112 -37.77 17.60 -36.10
N ILE A 113 -37.72 18.86 -35.66
CA ILE A 113 -37.90 19.18 -34.21
C ILE A 113 -39.30 18.73 -33.80
N PHE A 114 -40.31 19.06 -34.61
CA PHE A 114 -41.71 18.67 -34.31
C PHE A 114 -41.84 17.14 -34.38
N GLY A 115 -41.17 16.52 -35.35
CA GLY A 115 -41.27 15.05 -35.50
C GLY A 115 -40.73 14.31 -34.29
N ARG A 116 -39.57 14.72 -33.78
CA ARG A 116 -39.00 14.08 -32.55
C ARG A 116 -39.95 14.35 -31.38
N LEU A 117 -40.49 15.57 -31.30
CA LEU A 117 -41.41 15.94 -30.19
C LEU A 117 -42.65 15.05 -30.26
N SER A 118 -43.17 14.82 -31.47
CA SER A 118 -44.40 14.00 -31.63
C SER A 118 -44.15 12.57 -31.15
N LYS A 119 -42.99 12.00 -31.50
CA LYS A 119 -42.69 10.59 -31.10
C LYS A 119 -42.65 10.53 -29.58
N LEU A 120 -42.02 11.51 -28.93
CA LEU A 120 -41.92 11.56 -27.45
C LEU A 120 -43.30 11.74 -26.80
N LEU A 121 -44.17 12.56 -27.40
CA LEU A 121 -45.47 12.86 -26.74
C LEU A 121 -46.46 11.73 -27.01
N ASP A 122 -46.81 10.95 -25.99
CA ASP A 122 -47.80 9.85 -26.14
C ASP A 122 -49.19 10.45 -26.39
N HIS A 123 -49.49 11.60 -25.79
CA HIS A 123 -50.83 12.22 -25.93
C HIS A 123 -51.03 12.70 -27.37
N THR A 124 -52.26 12.62 -27.89
CA THR A 124 -52.55 13.00 -29.30
C THR A 124 -52.89 14.48 -29.40
N ASN A 125 -52.90 15.20 -28.27
CA ASN A 125 -53.29 16.64 -28.27
C ASN A 125 -52.33 17.43 -29.17
N PRO A 126 -52.82 18.37 -29.99
CA PRO A 126 -51.96 19.13 -30.91
C PRO A 126 -50.92 19.99 -30.18
N ILE A 127 -49.69 20.04 -30.71
CA ILE A 127 -48.62 20.86 -30.08
C ILE A 127 -48.97 22.34 -30.23
N ILE A 128 -48.77 23.15 -29.18
CA ILE A 128 -49.02 24.62 -29.25
C ILE A 128 -47.75 25.32 -28.76
N ILE A 129 -47.35 26.43 -29.38
CA ILE A 129 -46.11 27.16 -28.98
C ILE A 129 -46.44 28.62 -28.66
N GLY A 130 -45.99 29.13 -27.51
CA GLY A 130 -46.19 30.56 -27.16
C GLY A 130 -47.65 30.99 -27.19
N GLY A 131 -48.57 30.16 -26.69
CA GLY A 131 -49.99 30.47 -26.81
C GLY A 131 -50.66 30.78 -25.47
N ASP A 132 -51.77 31.50 -25.49
CA ASP A 132 -52.51 31.80 -24.24
C ASP A 132 -53.18 30.52 -23.74
N LYS A 133 -53.27 29.50 -24.61
CA LYS A 133 -53.87 28.20 -24.23
C LYS A 133 -53.00 27.54 -23.15
N PRO A 134 -53.59 26.83 -22.16
CA PRO A 134 -52.80 26.26 -21.06
C PRO A 134 -51.77 25.22 -21.55
N GLU A 135 -52.16 24.37 -22.50
CA GLU A 135 -51.24 23.34 -23.04
C GLU A 135 -50.38 23.97 -24.16
N ALA A 136 -49.48 24.89 -23.80
CA ALA A 136 -48.62 25.54 -24.81
C ALA A 136 -47.16 25.55 -24.33
N ILE A 137 -46.20 25.46 -25.25
CA ILE A 137 -44.76 25.53 -24.87
C ILE A 137 -44.41 26.99 -24.55
N PRO A 138 -43.81 27.38 -23.39
CA PRO A 138 -43.41 28.78 -23.20
C PRO A 138 -42.51 29.19 -24.37
N LYS A 139 -42.79 30.35 -24.99
CA LYS A 139 -42.02 30.74 -26.21
C LYS A 139 -40.53 30.89 -25.86
N SER A 140 -40.22 31.50 -24.72
CA SER A 140 -38.81 31.72 -24.33
C SER A 140 -38.11 30.38 -24.13
N VAL A 141 -38.79 29.43 -23.48
CA VAL A 141 -38.22 28.06 -23.27
C VAL A 141 -38.04 27.38 -24.63
N PHE A 142 -38.98 27.56 -25.54
CA PHE A 142 -38.89 26.93 -26.88
C PHE A 142 -37.64 27.46 -27.60
N GLN A 143 -37.37 28.76 -27.49
CA GLN A 143 -36.13 29.33 -28.08
C GLN A 143 -34.91 28.73 -27.37
N GLU A 144 -34.99 28.54 -26.05
CA GLU A 144 -33.88 27.91 -25.29
C GLU A 144 -33.65 26.49 -25.79
N LEU A 145 -34.73 25.75 -26.09
CA LEU A 145 -34.59 24.37 -26.63
C LEU A 145 -33.89 24.45 -27.99
N GLN A 146 -34.25 25.44 -28.82
CA GLN A 146 -33.61 25.62 -30.15
C GLN A 146 -32.09 25.84 -29.96
N SER A 147 -31.71 26.74 -29.05
CA SER A 147 -30.28 27.00 -28.79
C SER A 147 -29.58 25.71 -28.33
N LYS A 148 -30.25 24.92 -27.50
CA LYS A 148 -29.65 23.67 -26.96
C LYS A 148 -29.44 22.65 -28.10
N PHE A 149 -30.33 22.65 -29.09
CA PHE A 149 -30.25 21.67 -30.20
C PHE A 149 -28.87 21.78 -30.87
N PRO A 150 -28.32 20.69 -31.44
CA PRO A 150 -26.97 20.73 -32.04
C PRO A 150 -26.92 21.78 -33.15
N ASN A 151 -25.82 22.53 -33.22
CA ASN A 151 -25.69 23.63 -34.22
C ASN A 151 -24.34 23.48 -34.93
N THR A 152 -24.10 24.25 -35.99
CA THR A 152 -22.85 24.07 -36.76
C THR A 152 -21.67 24.26 -35.82
N GLY A 153 -20.70 23.33 -35.86
CA GLY A 153 -19.50 23.39 -34.99
C GLY A 153 -19.66 22.54 -33.75
N GLU A 154 -20.90 22.36 -33.26
CA GLU A 154 -21.12 21.42 -32.14
C GLU A 154 -20.91 20.01 -32.71
N LEU A 155 -21.45 19.78 -33.90
CA LEU A 155 -21.28 18.47 -34.60
C LEU A 155 -19.79 18.28 -34.91
N ASP A 156 -19.11 19.36 -35.31
CA ASP A 156 -17.67 19.29 -35.63
C ASP A 156 -16.89 18.86 -34.38
N ARG A 157 -17.25 19.40 -33.21
CA ARG A 157 -16.59 19.00 -31.95
C ARG A 157 -16.84 17.51 -31.68
N TYR A 158 -18.08 17.04 -31.89
CA TYR A 158 -18.38 15.60 -31.72
C TYR A 158 -17.58 14.78 -32.73
N ALA A 159 -17.49 15.27 -33.97
CA ALA A 159 -16.76 14.52 -35.03
C ALA A 159 -15.29 14.42 -34.64
N ASN A 160 -14.67 15.53 -34.28
CA ASN A 160 -13.25 15.54 -33.86
C ASN A 160 -13.08 14.56 -32.70
N ALA A 161 -13.99 14.57 -31.72
CA ALA A 161 -13.86 13.69 -30.54
C ALA A 161 -13.93 12.22 -30.96
N ARG A 162 -14.84 11.87 -31.87
CA ARG A 162 -15.01 10.44 -32.26
C ARG A 162 -13.72 9.91 -32.91
N VAL A 163 -13.16 10.66 -33.86
CA VAL A 163 -11.90 10.23 -34.53
C VAL A 163 -10.75 10.24 -33.51
N HIS A 164 -10.74 11.22 -32.61
CA HIS A 164 -9.67 11.32 -31.59
C HIS A 164 -9.69 10.07 -30.71
N ALA A 165 -10.88 9.61 -30.32
CA ALA A 165 -11.00 8.42 -29.44
C ALA A 165 -10.43 7.18 -30.15
N ILE A 166 -10.74 7.02 -31.44
CA ILE A 166 -10.27 5.82 -32.20
C ILE A 166 -8.74 5.81 -32.28
N LEU A 167 -8.11 6.97 -32.52
CA LEU A 167 -6.64 7.00 -32.76
C LEU A 167 -5.88 7.63 -31.58
N ALA A 168 -6.48 7.73 -30.40
CA ALA A 168 -5.79 8.47 -29.30
C ALA A 168 -4.45 7.81 -28.95
N GLY A 169 -4.42 6.48 -28.79
CA GLY A 169 -3.12 5.81 -28.54
C GLY A 169 -2.22 5.84 -29.76
N TYR A 170 -2.77 5.59 -30.95
CA TYR A 170 -1.95 5.51 -32.19
C TYR A 170 -1.35 6.85 -32.59
N LEU A 171 -2.10 7.95 -32.46
CA LEU A 171 -1.59 9.26 -32.94
C LEU A 171 -1.19 10.15 -31.77
N ASP A 172 0.01 10.73 -31.81
CA ASP A 172 0.47 11.65 -30.75
C ASP A 172 0.56 13.04 -31.35
N GLY A 173 0.23 14.09 -30.58
CA GLY A 173 0.20 15.45 -31.14
C GLY A 173 -1.20 15.83 -31.61
N MET A 174 -2.15 14.90 -31.54
CA MET A 174 -3.56 15.24 -31.88
C MET A 174 -4.07 16.23 -30.83
N LYS A 175 -4.84 17.24 -31.25
CA LYS A 175 -5.41 18.23 -30.29
C LYS A 175 -6.38 17.50 -29.35
N ASP A 176 -6.67 18.11 -28.19
CA ASP A 176 -7.56 17.45 -27.19
C ASP A 176 -9.01 17.71 -27.61
N ALA A 177 -9.44 17.12 -28.71
CA ALA A 177 -10.81 17.35 -29.24
C ALA A 177 -11.86 16.83 -28.25
N ARG A 178 -11.63 15.66 -27.65
CA ARG A 178 -12.64 15.06 -26.75
C ARG A 178 -12.85 15.99 -25.55
N GLU A 179 -11.78 16.52 -24.98
CA GLU A 179 -11.91 17.38 -23.77
C GLU A 179 -12.76 18.60 -24.13
N ARG A 180 -12.48 19.22 -25.28
CA ARG A 180 -13.23 20.44 -25.69
C ARG A 180 -14.70 20.08 -25.91
N TYR A 181 -14.97 18.95 -26.59
CA TYR A 181 -16.37 18.57 -26.89
C TYR A 181 -17.12 18.31 -25.59
N GLU A 182 -16.49 17.60 -24.65
CA GLU A 182 -17.16 17.28 -23.37
C GLU A 182 -17.44 18.58 -22.60
N HIS A 183 -16.49 19.52 -22.61
CA HIS A 183 -16.66 20.78 -21.86
C HIS A 183 -17.84 21.57 -22.41
N TYR A 184 -17.95 21.67 -23.74
CA TYR A 184 -19.08 22.41 -24.37
C TYR A 184 -20.40 21.70 -24.04
N LEU A 185 -20.39 20.36 -24.09
CA LEU A 185 -21.60 19.56 -23.75
C LEU A 185 -21.94 19.77 -22.27
N ASN A 186 -20.92 19.85 -21.40
CA ASN A 186 -21.14 19.97 -19.93
C ASN A 186 -21.92 21.25 -19.61
N ARG A 187 -21.64 22.34 -20.33
CA ARG A 187 -22.35 23.62 -20.08
C ARG A 187 -23.84 23.39 -20.32
N LYS A 188 -24.20 22.65 -21.37
CA LYS A 188 -25.64 22.30 -21.60
C LYS A 188 -26.08 21.32 -20.51
N THR A 189 -27.30 21.51 -19.99
CA THR A 189 -27.85 20.58 -18.96
C THR A 189 -29.20 20.05 -19.45
N VAL A 190 -29.19 18.90 -20.15
CA VAL A 190 -30.44 18.29 -20.71
C VAL A 190 -31.39 17.97 -19.55
N ILE A 191 -30.92 17.24 -18.55
CA ILE A 191 -31.83 16.80 -17.43
C ILE A 191 -32.22 18.01 -16.57
N ARG A 192 -33.41 17.94 -15.95
CA ARG A 192 -33.87 19.03 -15.05
C ARG A 192 -33.73 18.53 -13.61
N LYS A 193 -33.03 19.29 -12.76
CA LYS A 193 -32.78 18.82 -11.36
C LYS A 193 -34.09 18.53 -10.64
N THR A 194 -35.11 19.38 -10.80
CA THR A 194 -36.38 19.19 -10.07
C THR A 194 -36.98 17.81 -10.38
N ASP A 195 -36.86 17.36 -11.64
CA ASP A 195 -37.40 16.05 -12.05
C ASP A 195 -36.37 14.96 -11.75
N LYS A 196 -36.36 14.44 -10.52
CA LYS A 196 -35.41 13.35 -10.13
C LYS A 196 -36.20 12.16 -9.55
N LEU A 197 -35.51 11.14 -9.05
CA LEU A 197 -36.19 9.98 -8.42
C LEU A 197 -35.94 10.04 -6.91
N ASP A 198 -37.01 10.10 -6.11
CA ASP A 198 -36.84 10.25 -4.64
C ASP A 198 -36.12 9.04 -4.05
N LEU A 199 -36.53 7.82 -4.44
CA LEU A 199 -35.91 6.57 -3.94
C LEU A 199 -36.06 6.48 -2.42
N GLU A 200 -37.04 7.20 -1.85
CA GLU A 200 -37.20 7.24 -0.37
C GLU A 200 -37.62 5.86 0.17
N VAL A 201 -38.56 5.20 -0.51
CA VAL A 201 -39.07 3.88 -0.01
C VAL A 201 -37.93 2.87 -0.01
N LEU A 202 -37.09 2.88 -1.04
CA LEU A 202 -35.92 1.97 -1.09
C LEU A 202 -34.99 2.27 0.09
N ASN A 203 -34.74 3.56 0.36
CA ASN A 203 -33.84 3.96 1.47
C ASN A 203 -34.45 3.51 2.80
N LYS A 204 -35.77 3.65 2.96
CA LYS A 204 -36.45 3.24 4.22
C LYS A 204 -36.27 1.74 4.43
N LEU A 205 -36.41 0.96 3.36
CA LEU A 205 -36.21 -0.52 3.46
C LEU A 205 -34.76 -0.83 3.84
N GLU A 206 -33.81 -0.08 3.30
CA GLU A 206 -32.38 -0.28 3.67
C GLU A 206 -32.21 0.01 5.16
N ILE A 207 -32.86 1.07 5.67
CA ILE A 207 -32.78 1.38 7.13
C ILE A 207 -33.40 0.21 7.89
N GLU A 208 -34.53 -0.32 7.41
CA GLU A 208 -35.21 -1.44 8.11
C GLU A 208 -34.30 -2.67 8.14
N LYS A 209 -33.51 -2.87 7.07
CA LYS A 209 -32.58 -4.02 7.02
C LYS A 209 -31.41 -3.77 7.98
N TYR A 210 -30.85 -2.57 7.95
CA TYR A 210 -29.67 -2.26 8.79
C TYR A 210 -30.05 -2.28 10.29
N THR A 211 -31.22 -1.70 10.62
CA THR A 211 -31.67 -1.69 12.04
C THR A 211 -31.83 -3.13 12.53
N LEU A 212 -32.43 -3.99 11.71
CA LEU A 212 -32.70 -5.38 12.15
C LEU A 212 -31.37 -6.09 12.44
N ILE A 213 -30.39 -5.94 11.54
CA ILE A 213 -29.06 -6.60 11.73
C ILE A 213 -28.40 -6.01 12.98
N ARG A 214 -28.46 -4.68 13.13
CA ARG A 214 -27.81 -4.00 14.28
C ARG A 214 -28.46 -4.48 15.58
N ASP A 215 -29.80 -4.56 15.59
CA ASP A 215 -30.53 -4.95 16.83
C ASP A 215 -30.15 -6.39 17.20
N ILE A 216 -30.09 -7.30 16.23
CA ILE A 216 -29.83 -8.73 16.55
C ILE A 216 -28.39 -8.87 17.10
N ILE A 217 -27.41 -8.26 16.44
CA ILE A 217 -25.99 -8.38 16.89
C ILE A 217 -25.86 -7.75 18.28
N GLN A 218 -26.50 -6.60 18.50
CA GLN A 218 -26.41 -5.91 19.82
C GLN A 218 -27.03 -6.80 20.90
N ASP A 219 -28.18 -7.43 20.59
CA ASP A 219 -28.86 -8.32 21.57
C ASP A 219 -27.95 -9.51 21.87
N ALA A 220 -27.28 -10.04 20.85
CA ALA A 220 -26.39 -11.21 21.04
C ALA A 220 -25.22 -10.84 21.97
N LEU A 221 -24.64 -9.65 21.79
CA LEU A 221 -23.56 -9.20 22.70
C LEU A 221 -24.12 -9.04 24.12
N ASN A 222 -25.29 -8.40 24.25
CA ASN A 222 -25.85 -8.10 25.59
C ASN A 222 -26.29 -9.34 26.37
N ASN A 223 -26.97 -10.29 25.73
CA ASN A 223 -27.54 -11.43 26.52
C ASN A 223 -26.95 -12.79 26.17
N LYS A 224 -26.32 -12.95 25.00
CA LYS A 224 -25.87 -14.32 24.63
C LYS A 224 -24.36 -14.50 24.84
N THR A 225 -23.97 -15.19 25.92
CA THR A 225 -22.52 -15.51 26.14
C THR A 225 -22.39 -17.04 26.21
N ASN A 226 -23.50 -17.73 26.48
CA ASN A 226 -23.50 -19.22 26.61
C ASN A 226 -23.13 -19.88 25.28
N LEU A 227 -23.59 -19.33 24.16
CA LEU A 227 -23.36 -19.98 22.83
C LEU A 227 -21.86 -20.04 22.52
N SER A 228 -21.40 -21.10 21.85
CA SER A 228 -19.94 -21.28 21.61
C SER A 228 -19.44 -20.32 20.53
N GLU A 229 -18.13 -20.31 20.29
CA GLU A 229 -17.57 -19.45 19.21
C GLU A 229 -18.12 -19.94 17.87
N ASP A 230 -18.22 -21.26 17.69
CA ASP A 230 -18.81 -21.83 16.44
C ASP A 230 -20.27 -21.40 16.33
N ASP A 231 -21.00 -21.39 17.44
CA ASP A 231 -22.42 -20.94 17.44
C ASP A 231 -22.47 -19.45 17.06
N TRP A 232 -21.53 -18.64 17.57
CA TRP A 232 -21.48 -17.20 17.18
C TRP A 232 -21.20 -17.08 15.67
N GLN A 233 -20.26 -17.88 15.16
CA GLN A 233 -19.96 -17.85 13.71
C GLN A 233 -21.26 -18.12 12.95
N SER A 234 -22.02 -19.13 13.38
CA SER A 234 -23.29 -19.50 12.69
C SER A 234 -24.28 -18.35 12.77
N LEU A 235 -24.36 -17.67 13.93
CA LEU A 235 -25.31 -16.55 14.11
C LEU A 235 -24.95 -15.41 13.15
N MET A 236 -23.66 -15.11 12.97
CA MET A 236 -23.25 -13.95 12.13
C MET A 236 -23.12 -14.34 10.65
N ILE A 237 -23.17 -15.62 10.31
CA ILE A 237 -22.93 -16.04 8.89
C ILE A 237 -23.99 -15.46 7.94
N PRO A 238 -25.31 -15.45 8.24
CA PRO A 238 -26.28 -14.81 7.34
C PRO A 238 -26.05 -13.30 7.20
N PHE A 239 -25.72 -12.62 8.30
CA PHE A 239 -25.51 -11.14 8.29
C PHE A 239 -24.29 -10.76 7.45
N ILE A 240 -23.29 -11.64 7.33
CA ILE A 240 -22.01 -11.25 6.65
C ILE A 240 -22.30 -10.82 5.20
N THR A 241 -23.17 -11.54 4.49
CA THR A 241 -23.49 -11.20 3.08
C THR A 241 -24.14 -9.81 3.01
N LEU A 242 -25.01 -9.48 3.97
CA LEU A 242 -25.72 -8.18 3.97
C LEU A 242 -24.78 -7.07 4.46
N LEU A 243 -23.98 -7.33 5.50
CA LEU A 243 -22.99 -6.33 5.99
C LEU A 243 -21.96 -6.07 4.90
N PHE A 244 -21.64 -7.09 4.09
CA PHE A 244 -20.61 -6.94 3.04
C PHE A 244 -21.20 -7.42 1.70
N PRO A 245 -21.99 -6.58 0.99
CA PRO A 245 -22.64 -6.98 -0.27
C PRO A 245 -21.63 -7.32 -1.37
N LYS A 246 -20.41 -6.79 -1.28
CA LYS A 246 -19.36 -7.07 -2.30
C LYS A 246 -19.15 -8.58 -2.33
N TYR A 247 -19.10 -9.23 -1.16
CA TYR A 247 -19.00 -10.71 -1.12
C TYR A 247 -20.40 -11.28 -1.35
N ILE A 248 -20.60 -11.98 -2.47
CA ILE A 248 -21.98 -12.46 -2.83
C ILE A 248 -22.24 -13.82 -2.18
N LYS A 249 -21.22 -14.66 -2.03
CA LYS A 249 -21.43 -16.03 -1.48
C LYS A 249 -20.56 -16.27 -0.25
N VAL A 250 -21.06 -17.05 0.71
CA VAL A 250 -20.27 -17.40 1.94
C VAL A 250 -19.96 -18.89 1.87
N LEU A 251 -18.69 -19.27 2.05
CA LEU A 251 -18.28 -20.70 1.98
C LEU A 251 -17.76 -21.15 3.35
N GLU A 252 -18.07 -22.38 3.77
CA GLU A 252 -17.68 -22.85 5.12
C GLU A 252 -16.77 -24.08 5.01
N LYS A 253 -15.80 -24.21 5.91
CA LYS A 253 -14.88 -25.39 5.92
C LYS A 253 -14.17 -25.51 4.57
N VAL A 254 -13.70 -24.40 4.01
CA VAL A 254 -12.98 -24.42 2.71
C VAL A 254 -11.64 -25.13 2.89
N LYS A 255 -11.54 -26.37 2.40
CA LYS A 255 -10.26 -27.11 2.49
C LYS A 255 -9.23 -26.44 1.58
N ILE A 256 -8.01 -26.20 2.10
CA ILE A 256 -6.91 -25.64 1.27
C ILE A 256 -5.71 -26.59 1.44
N PHE A 257 -4.66 -26.44 0.62
CA PHE A 257 -3.53 -27.40 0.66
C PHE A 257 -2.27 -26.72 1.20
N ASP A 258 -1.52 -27.42 2.06
CA ASP A 258 -0.29 -26.83 2.66
C ASP A 258 0.96 -27.49 2.09
N TYR A 259 1.92 -26.66 1.67
CA TYR A 259 3.22 -27.21 1.21
C TYR A 259 4.32 -26.50 1.99
N TYR A 260 3.98 -25.95 3.16
CA TYR A 260 5.05 -25.32 3.98
C TYR A 260 5.19 -25.97 5.36
N SER A 261 4.07 -26.27 6.02
CA SER A 261 4.15 -26.81 7.41
C SER A 261 4.86 -28.17 7.41
N ASN A 262 4.52 -29.05 6.47
CA ASN A 262 5.24 -30.35 6.35
C ASN A 262 5.76 -30.49 4.93
N PRO A 263 7.10 -30.51 4.70
CA PRO A 263 7.65 -30.71 3.36
C PRO A 263 7.33 -32.09 2.77
N SER A 264 7.41 -33.15 3.59
CA SER A 264 7.21 -34.53 3.07
C SER A 264 5.79 -34.73 2.52
N ALA A 265 4.76 -34.24 3.23
CA ALA A 265 3.38 -34.49 2.79
C ALA A 265 2.53 -33.23 2.92
N LYS A 266 1.55 -33.06 2.02
CA LYS A 266 0.63 -31.88 2.09
C LYS A 266 -0.23 -31.99 3.35
N THR A 267 -0.51 -30.86 4.01
CA THR A 267 -1.40 -30.86 5.20
C THR A 267 -2.67 -30.07 4.86
N ASN A 268 -3.85 -30.68 5.06
CA ASN A 268 -5.14 -29.99 4.77
C ASN A 268 -5.39 -28.90 5.82
N ARG A 269 -5.85 -27.72 5.38
CA ARG A 269 -6.21 -26.62 6.32
C ARG A 269 -7.65 -26.22 6.03
N PHE A 270 -8.44 -25.91 7.06
CA PHE A 270 -9.88 -25.62 6.83
C PHE A 270 -10.21 -24.19 7.27
N ILE A 271 -10.62 -23.35 6.31
CA ILE A 271 -11.03 -21.96 6.67
C ILE A 271 -12.47 -22.04 7.15
N ASP A 272 -12.75 -21.61 8.38
CA ASP A 272 -14.11 -21.77 8.95
C ASP A 272 -15.12 -20.97 8.11
N ILE A 273 -14.79 -19.72 7.77
CA ILE A 273 -15.69 -18.88 6.92
C ILE A 273 -14.87 -18.21 5.81
N ALA A 274 -15.29 -18.37 4.55
CA ALA A 274 -14.61 -17.71 3.42
C ALA A 274 -15.64 -16.89 2.62
N LEU A 275 -15.21 -15.88 1.88
CA LEU A 275 -16.15 -14.98 1.16
C LEU A 275 -15.78 -14.95 -0.34
N VAL A 276 -16.78 -15.07 -1.21
CA VAL A 276 -16.54 -15.02 -2.68
C VAL A 276 -17.04 -13.68 -3.23
N ASP A 277 -16.17 -12.92 -3.91
CA ASP A 277 -16.54 -11.62 -4.50
C ASP A 277 -17.36 -11.85 -5.77
N ALA A 278 -18.08 -10.84 -6.25
CA ALA A 278 -18.82 -10.96 -7.54
C ALA A 278 -17.80 -11.24 -8.65
N ASN A 279 -16.61 -10.62 -8.56
CA ASN A 279 -15.52 -10.89 -9.53
C ASN A 279 -15.08 -12.36 -9.43
N GLY A 280 -15.31 -13.00 -8.28
CA GLY A 280 -14.86 -14.38 -8.06
C GLY A 280 -13.60 -14.43 -7.22
N ASN A 281 -13.11 -13.26 -6.79
CA ASN A 281 -11.92 -13.20 -5.91
C ASN A 281 -12.27 -13.85 -4.56
N LEU A 282 -11.28 -14.43 -3.87
CA LEU A 282 -11.57 -15.14 -2.61
C LEU A 282 -11.03 -14.36 -1.41
N ASP A 283 -11.86 -14.14 -0.39
CA ASP A 283 -11.43 -13.42 0.84
C ASP A 283 -11.78 -14.28 2.05
N ILE A 284 -11.14 -14.04 3.19
CA ILE A 284 -11.34 -14.89 4.40
C ILE A 284 -11.94 -14.01 5.51
N ILE A 285 -12.99 -14.48 6.19
CA ILE A 285 -13.51 -13.69 7.35
C ILE A 285 -13.33 -14.51 8.63
N GLU A 286 -12.82 -13.89 9.69
CA GLU A 286 -12.64 -14.60 10.99
C GLU A 286 -13.62 -14.02 12.01
N VAL A 287 -14.56 -14.83 12.50
CA VAL A 287 -15.54 -14.36 13.54
C VAL A 287 -15.08 -14.95 14.88
N LYS A 288 -14.89 -14.10 15.89
CA LYS A 288 -14.35 -14.59 17.20
C LYS A 288 -15.27 -14.13 18.34
N LYS A 289 -15.27 -14.86 19.45
CA LYS A 289 -16.17 -14.54 20.59
C LYS A 289 -15.91 -13.11 21.09
N PRO A 290 -16.92 -12.21 21.29
CA PRO A 290 -16.66 -10.88 21.84
C PRO A 290 -16.18 -10.90 23.30
N PHE A 291 -15.21 -10.05 23.64
CA PHE A 291 -14.73 -9.95 25.04
C PHE A 291 -14.53 -8.47 25.39
N ASP A 292 -14.50 -8.14 26.69
CA ASP A 292 -14.26 -6.74 27.12
C ASP A 292 -13.04 -6.18 26.37
N ASP A 293 -11.87 -6.82 26.51
CA ASP A 293 -10.64 -6.35 25.83
C ASP A 293 -9.95 -7.52 25.12
N LYS A 294 -10.51 -8.00 24.01
CA LYS A 294 -9.85 -9.07 23.21
C LYS A 294 -9.08 -8.39 22.08
N ILE A 295 -9.19 -7.07 21.97
CA ILE A 295 -8.55 -6.33 20.84
C ILE A 295 -7.29 -5.60 21.32
N LEU A 296 -7.14 -5.37 22.63
CA LEU A 296 -5.99 -4.57 23.14
C LEU A 296 -5.47 -5.17 24.44
N ARG A 297 -4.23 -4.85 24.82
CA ARG A 297 -3.66 -5.35 26.10
C ARG A 297 -4.03 -4.41 27.25
N LYS A 298 -3.47 -4.65 28.44
CA LYS A 298 -3.79 -3.83 29.65
C LYS A 298 -2.64 -2.84 29.90
N THR A 299 -1.39 -3.29 29.74
CA THR A 299 -0.22 -2.41 30.01
C THR A 299 0.57 -2.17 28.72
N PRO A 300 0.89 -0.90 28.38
CA PRO A 300 1.70 -0.61 27.18
C PRO A 300 3.15 -1.08 27.33
N TYR A 301 3.78 -1.49 26.23
CA TYR A 301 5.20 -1.91 26.28
C TYR A 301 6.07 -0.74 25.80
N ARG A 302 6.99 -0.27 26.64
CA ARG A 302 7.89 0.85 26.29
C ARG A 302 7.07 2.06 25.85
N ASP A 303 5.95 2.34 26.53
CA ASP A 303 5.11 3.54 26.25
C ASP A 303 4.32 3.37 24.94
N ASN A 304 4.27 2.15 24.39
CA ASN A 304 3.46 1.90 23.17
C ASN A 304 2.45 0.78 23.46
N TYR A 305 1.15 1.03 23.24
CA TYR A 305 0.15 -0.06 23.40
C TYR A 305 0.38 -1.10 22.31
N ILE A 306 0.21 -2.39 22.64
CA ILE A 306 0.52 -3.46 21.64
C ILE A 306 -0.70 -4.39 21.49
N PRO A 307 -0.86 -5.10 20.36
CA PRO A 307 -1.96 -6.05 20.19
C PRO A 307 -1.87 -7.21 21.19
N THR A 308 -3.01 -7.67 21.70
CA THR A 308 -3.02 -8.77 22.70
C THR A 308 -2.78 -10.11 22.00
N SER A 309 -2.49 -11.17 22.78
CA SER A 309 -2.20 -12.50 22.21
C SER A 309 -3.43 -12.98 21.42
N GLU A 310 -4.63 -12.72 21.94
CA GLU A 310 -5.88 -13.18 21.27
C GLU A 310 -5.94 -12.58 19.87
N LEU A 311 -5.85 -11.25 19.75
CA LEU A 311 -5.94 -10.59 18.42
C LEU A 311 -4.78 -11.05 17.54
N SER A 312 -3.56 -11.06 18.09
CA SER A 312 -2.36 -11.45 17.30
C SER A 312 -2.54 -12.87 16.76
N GLY A 313 -3.02 -13.79 17.59
CA GLY A 313 -3.25 -15.18 17.15
C GLY A 313 -4.31 -15.25 16.05
N GLY A 314 -5.38 -14.47 16.18
CA GLY A 314 -6.42 -14.42 15.14
C GLY A 314 -5.86 -13.89 13.82
N ILE A 315 -5.03 -12.84 13.89
CA ILE A 315 -4.39 -12.28 12.67
C ILE A 315 -3.49 -13.37 12.08
N MET A 316 -2.74 -14.07 12.92
CA MET A 316 -1.79 -15.11 12.44
C MET A 316 -2.56 -16.23 11.72
N GLN A 317 -3.69 -16.66 12.30
CA GLN A 317 -4.52 -17.74 11.67
C GLN A 317 -4.90 -17.30 10.27
N ALA A 318 -5.49 -16.11 10.13
CA ALA A 318 -5.92 -15.61 8.80
C ALA A 318 -4.70 -15.43 7.89
N GLU A 319 -3.58 -14.92 8.43
CA GLU A 319 -2.36 -14.70 7.61
C GLU A 319 -1.86 -16.04 7.07
N LYS A 320 -1.89 -17.09 7.91
CA LYS A 320 -1.45 -18.43 7.46
C LYS A 320 -2.33 -18.90 6.31
N TYR A 321 -3.66 -18.75 6.44
CA TYR A 321 -4.59 -19.25 5.39
C TYR A 321 -4.30 -18.51 4.09
N ILE A 322 -4.09 -17.19 4.16
CA ILE A 322 -3.80 -16.38 2.94
C ILE A 322 -2.48 -16.87 2.33
N PHE A 323 -1.48 -17.13 3.17
CA PHE A 323 -0.16 -17.59 2.67
C PHE A 323 -0.31 -18.94 1.98
N HIS A 324 -1.08 -19.85 2.59
CA HIS A 324 -1.27 -21.20 2.00
C HIS A 324 -1.99 -21.05 0.65
N LEU A 325 -3.00 -20.18 0.59
CA LEU A 325 -3.72 -19.94 -0.68
C LEU A 325 -2.76 -19.35 -1.71
N SER A 326 -1.93 -18.39 -1.32
CA SER A 326 -1.03 -17.73 -2.32
C SER A 326 -0.11 -18.79 -2.93
N LYS A 327 0.34 -19.75 -2.11
CA LYS A 327 1.21 -20.85 -2.62
C LYS A 327 0.39 -21.77 -3.53
N TRP A 328 -0.88 -22.04 -3.19
CA TRP A 328 -1.73 -22.93 -4.02
C TRP A 328 -1.87 -22.31 -5.41
N GLY A 329 -2.08 -20.99 -5.49
CA GLY A 329 -2.13 -20.27 -6.78
C GLY A 329 -3.17 -20.80 -7.76
N VAL A 330 -2.80 -20.96 -9.04
CA VAL A 330 -3.77 -21.37 -10.10
C VAL A 330 -4.33 -22.77 -9.80
N LYS A 331 -3.49 -23.69 -9.33
CA LYS A 331 -3.95 -25.09 -9.08
C LYS A 331 -5.05 -25.04 -8.03
N GLY A 332 -4.88 -24.19 -7.01
CA GLY A 332 -5.90 -24.06 -5.95
C GLY A 332 -7.21 -23.55 -6.49
N GLU A 333 -7.17 -22.57 -7.40
CA GLU A 333 -8.42 -21.98 -7.93
C GLU A 333 -9.22 -23.07 -8.63
N LYS A 334 -8.54 -23.91 -9.43
CA LYS A 334 -9.24 -24.97 -10.18
C LYS A 334 -9.88 -25.96 -9.20
N GLU A 335 -9.15 -26.35 -8.16
CA GLU A 335 -9.69 -27.30 -7.16
C GLU A 335 -10.88 -26.66 -6.44
N LEU A 336 -10.74 -25.41 -5.99
CA LEU A 336 -11.84 -24.73 -5.26
C LEU A 336 -13.04 -24.55 -6.18
N THR A 337 -12.80 -24.14 -7.43
CA THR A 337 -13.90 -23.92 -8.41
C THR A 337 -14.72 -25.20 -8.54
N ASN A 338 -14.06 -26.34 -8.80
CA ASN A 338 -14.80 -27.61 -9.02
C ASN A 338 -15.59 -27.98 -7.77
N ALA A 339 -14.99 -27.81 -6.59
CA ALA A 339 -15.67 -28.17 -5.32
C ALA A 339 -16.90 -27.29 -5.08
N TYR A 340 -16.81 -25.99 -5.39
CA TYR A 340 -17.93 -25.06 -5.07
C TYR A 340 -18.64 -24.55 -6.32
N LYS A 341 -18.53 -25.24 -7.45
CA LYS A 341 -19.12 -24.74 -8.72
C LYS A 341 -20.65 -24.60 -8.56
N ASN A 342 -21.29 -25.58 -7.91
CA ASN A 342 -22.76 -25.54 -7.71
C ASN A 342 -23.12 -24.35 -6.82
N SER A 343 -22.33 -24.11 -5.76
CA SER A 343 -22.60 -22.97 -4.84
C SER A 343 -22.44 -21.64 -5.58
N LEU A 344 -21.42 -21.52 -6.43
CA LEU A 344 -21.16 -20.26 -7.17
C LEU A 344 -22.22 -20.06 -8.26
N PRO A 345 -22.55 -18.80 -8.64
CA PRO A 345 -23.47 -18.55 -9.75
C PRO A 345 -22.83 -19.08 -11.05
N ALA A 346 -23.65 -19.55 -12.00
CA ALA A 346 -23.10 -20.16 -13.23
C ALA A 346 -22.24 -19.13 -13.98
N GLY A 347 -21.11 -19.57 -14.55
CA GLY A 347 -20.20 -18.65 -15.28
C GLY A 347 -19.23 -17.96 -14.33
N MET A 348 -19.20 -18.38 -13.06
CA MET A 348 -18.26 -17.78 -12.07
C MET A 348 -17.28 -18.84 -11.56
N CYS A 349 -15.99 -18.51 -11.55
CA CYS A 349 -14.95 -19.44 -11.00
C CYS A 349 -14.25 -18.72 -9.85
N ILE A 350 -13.85 -19.46 -8.82
CA ILE A 350 -13.08 -18.87 -7.68
C ILE A 350 -11.67 -18.53 -8.16
N ARG A 351 -11.22 -17.29 -7.96
CA ARG A 351 -9.82 -16.90 -8.31
C ARG A 351 -9.14 -16.41 -7.03
N ILE A 352 -7.93 -16.89 -6.73
CA ILE A 352 -7.29 -16.51 -5.44
C ILE A 352 -7.10 -14.97 -5.44
N SER A 353 -6.57 -14.40 -6.52
CA SER A 353 -6.49 -12.92 -6.66
C SER A 353 -5.93 -12.23 -5.41
N ASN A 354 -4.82 -12.73 -4.85
CA ASN A 354 -4.23 -12.14 -3.62
C ASN A 354 -5.28 -12.09 -2.49
N PRO A 355 -5.64 -13.19 -1.77
CA PRO A 355 -6.72 -13.11 -0.77
C PRO A 355 -6.43 -12.18 0.42
N LYS A 356 -7.46 -11.48 0.90
CA LYS A 356 -7.31 -10.59 2.08
C LYS A 356 -8.24 -11.11 3.18
N ALA A 357 -8.10 -10.62 4.41
CA ALA A 357 -8.92 -11.17 5.52
C ALA A 357 -9.70 -10.07 6.26
N ILE A 358 -10.95 -10.36 6.63
CA ILE A 358 -11.77 -9.40 7.43
C ILE A 358 -11.85 -9.99 8.85
N ILE A 359 -11.51 -9.21 9.88
CA ILE A 359 -11.45 -9.79 11.25
C ILE A 359 -12.49 -9.11 12.15
N ILE A 360 -13.26 -9.91 12.91
CA ILE A 360 -14.22 -9.31 13.89
C ILE A 360 -13.87 -9.85 15.28
N VAL A 361 -12.99 -9.15 16.02
CA VAL A 361 -12.51 -9.69 17.34
C VAL A 361 -12.80 -8.72 18.49
N GLY A 362 -13.47 -9.18 19.55
CA GLY A 362 -13.65 -8.35 20.76
C GLY A 362 -14.63 -7.19 20.62
N ARG A 363 -14.68 -6.32 21.64
CA ARG A 363 -15.55 -5.12 21.60
C ARG A 363 -14.69 -3.91 21.99
N ASP A 364 -14.85 -2.77 21.32
CA ASP A 364 -13.97 -1.59 21.60
C ASP A 364 -14.31 -1.00 22.97
N GLN A 365 -13.31 -0.44 23.65
CA GLN A 365 -13.54 0.23 24.95
C GLN A 365 -13.82 1.72 24.71
N ILE A 366 -13.84 2.15 23.44
CA ILE A 366 -14.18 3.57 23.11
C ILE A 366 -15.62 3.84 23.57
N ALA A 367 -16.53 2.88 23.33
CA ALA A 367 -17.93 3.04 23.79
C ALA A 367 -17.93 3.13 25.32
N ASN A 368 -17.12 2.31 25.98
CA ASN A 368 -17.00 2.37 27.46
C ASN A 368 -16.41 3.73 27.86
N GLY A 369 -15.48 4.25 27.06
CA GLY A 369 -14.78 5.50 27.40
C GLY A 369 -13.53 5.22 28.21
N ASN A 370 -13.23 3.93 28.44
CA ASN A 370 -12.01 3.53 29.20
C ASN A 370 -10.77 3.97 28.42
N MET A 371 -10.80 3.85 27.09
CA MET A 371 -9.62 4.18 26.24
C MET A 371 -9.33 5.68 26.25
N THR A 372 -8.10 6.07 26.61
CA THR A 372 -7.69 7.50 26.57
C THR A 372 -7.33 7.87 25.14
N ASP A 373 -7.08 9.16 24.86
CA ASP A 373 -6.81 9.61 23.47
C ASP A 373 -5.58 8.88 22.91
N GLY A 374 -4.55 8.66 23.73
CA GLY A 374 -3.37 7.91 23.27
C GLY A 374 -3.74 6.48 22.92
N GLN A 375 -4.60 5.84 23.71
CA GLN A 375 -5.07 4.46 23.40
C GLN A 375 -5.85 4.48 22.09
N LEU A 376 -6.67 5.51 21.87
CA LEU A 376 -7.50 5.60 20.64
C LEU A 376 -6.58 5.66 19.42
N LEU A 377 -5.49 6.44 19.52
CA LEU A 377 -4.52 6.55 18.39
C LEU A 377 -3.94 5.15 18.12
N ASP A 378 -3.49 4.47 19.17
CA ASP A 378 -2.87 3.12 19.01
C ASP A 378 -3.92 2.16 18.46
N PHE A 379 -5.17 2.29 18.90
CA PHE A 379 -6.27 1.38 18.45
C PHE A 379 -6.47 1.53 16.94
N GLU A 380 -6.42 2.77 16.43
CA GLU A 380 -6.59 3.01 14.97
C GLU A 380 -5.38 2.44 14.22
N ILE A 381 -4.18 2.55 14.80
CA ILE A 381 -2.98 2.06 14.14
C ILE A 381 -2.96 0.54 14.10
N ILE A 382 -3.39 -0.13 15.17
CA ILE A 382 -3.49 -1.58 15.16
C ILE A 382 -4.47 -2.02 14.09
N LYS A 383 -5.54 -1.25 13.89
CA LYS A 383 -6.55 -1.61 12.84
C LYS A 383 -5.90 -1.63 11.45
N ARG A 384 -4.99 -0.71 11.15
CA ARG A 384 -4.41 -0.61 9.79
C ARG A 384 -3.00 -1.20 9.73
N LYS A 385 -2.54 -1.86 10.80
CA LYS A 385 -1.13 -2.36 10.86
C LYS A 385 -0.84 -3.41 9.78
N TYR A 386 -1.78 -4.32 9.49
CA TYR A 386 -1.49 -5.44 8.55
C TYR A 386 -2.17 -5.22 7.20
N ALA A 387 -1.40 -5.33 6.10
CA ALA A 387 -1.95 -5.14 4.75
C ALA A 387 -2.99 -6.22 4.42
N ASN A 388 -2.71 -7.47 4.76
CA ASN A 388 -3.64 -8.59 4.44
C ASN A 388 -4.96 -8.39 5.19
N MET A 389 -4.89 -7.89 6.43
CA MET A 389 -6.13 -7.59 7.19
C MET A 389 -6.63 -6.22 6.73
N ILE A 390 -7.26 -6.16 5.55
CA ILE A 390 -7.76 -4.87 5.00
C ILE A 390 -8.59 -4.17 6.07
N ASP A 391 -9.56 -4.88 6.65
CA ASP A 391 -10.45 -4.26 7.66
C ASP A 391 -10.39 -5.05 8.97
N ILE A 392 -10.08 -4.38 10.08
CA ILE A 392 -10.12 -5.06 11.41
C ILE A 392 -11.28 -4.40 12.16
N LEU A 393 -12.24 -5.19 12.66
CA LEU A 393 -13.45 -4.59 13.28
C LEU A 393 -13.71 -5.19 14.65
N THR A 394 -14.41 -4.45 15.52
CA THR A 394 -14.82 -4.98 16.83
C THR A 394 -16.35 -4.95 16.82
N TYR A 395 -17.01 -5.74 17.65
CA TYR A 395 -18.49 -5.81 17.57
C TYR A 395 -19.09 -4.42 17.84
N ASP A 396 -18.54 -3.69 18.82
CA ASP A 396 -19.02 -2.31 19.10
C ASP A 396 -18.74 -1.42 17.87
N ASP A 397 -17.57 -1.57 17.25
CA ASP A 397 -17.23 -0.77 16.04
C ASP A 397 -18.21 -1.11 14.91
N LEU A 398 -18.57 -2.39 14.76
CA LEU A 398 -19.51 -2.82 13.69
C LEU A 398 -20.87 -2.15 13.94
N LEU A 399 -21.31 -2.09 15.20
CA LEU A 399 -22.60 -1.42 15.53
C LEU A 399 -22.50 0.07 15.18
N ARG A 400 -21.35 0.70 15.48
CA ARG A 400 -21.17 2.14 15.17
C ARG A 400 -21.24 2.35 13.66
N ARG A 401 -20.62 1.45 12.88
CA ARG A 401 -20.66 1.54 11.40
C ARG A 401 -22.10 1.39 10.92
N LEU A 402 -22.85 0.46 11.51
CA LEU A 402 -24.28 0.27 11.14
C LEU A 402 -25.06 1.53 11.48
N ASN A 403 -24.79 2.13 12.64
CA ASN A 403 -25.51 3.36 13.08
C ASN A 403 -25.24 4.50 12.09
N ASN A 404 -23.98 4.64 11.65
CA ASN A 404 -23.62 5.73 10.71
C ASN A 404 -24.35 5.50 9.38
N THR A 405 -24.40 4.26 8.91
CA THR A 405 -25.10 3.94 7.63
C THR A 405 -26.59 4.26 7.79
N ILE A 406 -27.19 3.88 8.91
CA ILE A 406 -28.65 4.14 9.15
C ILE A 406 -28.87 5.65 9.16
N GLU A 407 -28.00 6.39 9.85
CA GLU A 407 -28.17 7.87 9.97
C GLU A 407 -28.05 8.52 8.60
N ALA A 408 -27.10 8.06 7.78
CA ALA A 408 -26.91 8.66 6.43
C ALA A 408 -28.16 8.41 5.58
N LEU A 409 -28.71 7.20 5.64
CA LEU A 409 -29.96 6.88 4.89
C LEU A 409 -31.11 7.74 5.44
N LYS A 410 -31.18 7.89 6.77
CA LYS A 410 -32.26 8.68 7.40
C LYS A 410 -32.21 10.12 6.88
N GLY A 411 -31.00 10.66 6.69
CA GLY A 411 -30.85 12.02 6.22
C GLY A 411 -30.90 12.15 4.71
N MET B 4 -15.73 5.48 -60.47
CA MET B 4 -15.17 4.92 -61.73
C MET B 4 -13.66 5.18 -61.76
N LEU B 5 -13.13 5.80 -60.70
CA LEU B 5 -11.68 6.11 -60.65
C LEU B 5 -10.88 4.80 -60.58
N GLN B 6 -9.80 4.69 -61.36
CA GLN B 6 -8.96 3.47 -61.35
C GLN B 6 -7.54 3.85 -60.93
N PHE B 7 -6.96 3.10 -59.98
CA PHE B 7 -5.61 3.47 -59.47
C PHE B 7 -4.59 2.41 -59.90
N SER B 8 -3.53 2.82 -60.58
CA SER B 8 -2.49 1.87 -61.07
C SER B 8 -1.10 2.50 -60.86
N PHE B 9 -0.06 1.66 -60.78
CA PHE B 9 1.32 2.18 -60.57
C PHE B 9 2.14 1.95 -61.84
N VAL B 10 2.71 3.02 -62.40
CA VAL B 10 3.56 2.90 -63.61
C VAL B 10 4.96 3.43 -63.27
N SER B 11 6.01 2.61 -63.48
CA SER B 11 7.41 3.02 -63.21
C SER B 11 7.56 3.51 -61.76
N ASN B 12 6.89 2.85 -60.81
CA ASN B 12 6.97 3.22 -59.36
C ASN B 12 6.32 4.58 -59.12
N ASP B 13 5.49 5.04 -60.06
CA ASP B 13 4.75 6.31 -59.87
C ASP B 13 3.25 6.01 -59.95
N VAL B 14 2.50 6.38 -58.91
CA VAL B 14 1.04 6.06 -58.87
C VAL B 14 0.30 6.94 -59.87
N VAL B 15 -0.64 6.36 -60.62
CA VAL B 15 -1.45 7.14 -61.60
C VAL B 15 -2.93 6.91 -61.31
N MET B 16 -3.73 7.98 -61.24
CA MET B 16 -5.20 7.84 -61.03
C MET B 16 -5.89 8.16 -62.36
N THR B 17 -6.73 7.25 -62.85
CA THR B 17 -7.38 7.45 -64.18
C THR B 17 -8.89 7.63 -63.99
N TYR B 18 -9.45 8.69 -64.58
CA TYR B 18 -10.91 8.98 -64.45
C TYR B 18 -11.57 8.81 -65.81
N ASP B 19 -12.81 8.30 -65.85
CA ASP B 19 -13.50 8.02 -67.14
C ASP B 19 -14.89 8.67 -67.11
N GLU B 24 -22.04 12.07 -70.61
CA GLU B 24 -21.62 13.32 -69.91
C GLU B 24 -20.57 14.02 -70.76
N GLN B 25 -20.14 15.22 -70.35
CA GLN B 25 -19.04 15.92 -71.07
C GLN B 25 -17.89 16.16 -70.09
N ILE B 26 -16.67 15.73 -70.44
CA ILE B 26 -15.49 16.01 -69.57
C ILE B 26 -14.70 17.17 -70.17
N ILE B 27 -15.27 17.83 -71.20
CA ILE B 27 -14.61 19.02 -71.83
C ILE B 27 -14.47 20.10 -70.75
N TRP B 28 -15.46 20.22 -69.87
CA TRP B 28 -15.43 21.26 -68.80
C TRP B 28 -14.20 21.05 -67.91
N VAL B 29 -13.81 19.79 -67.65
CA VAL B 29 -12.67 19.51 -66.74
C VAL B 29 -11.42 20.15 -67.35
N TRP B 30 -11.23 20.01 -68.68
CA TRP B 30 -10.07 20.65 -69.35
C TRP B 30 -10.17 22.17 -69.25
N GLU B 31 -11.37 22.72 -69.46
CA GLU B 31 -11.55 24.19 -69.42
C GLU B 31 -11.24 24.70 -68.01
N SER B 32 -11.75 24.01 -66.97
CA SER B 32 -11.49 24.42 -65.57
C SER B 32 -9.99 24.31 -65.26
N LEU B 33 -9.34 23.26 -65.77
CA LEU B 33 -7.89 23.06 -65.51
C LEU B 33 -7.11 24.25 -66.08
N ASN B 34 -7.45 24.68 -67.29
CA ASN B 34 -6.80 25.89 -67.88
C ASN B 34 -7.20 27.16 -67.12
N LYS B 35 -8.49 27.31 -66.80
CA LYS B 35 -8.97 28.58 -66.18
C LYS B 35 -8.38 28.82 -64.78
N PHE B 36 -8.37 27.81 -63.91
CA PHE B 36 -7.91 28.03 -62.52
C PHE B 36 -6.52 27.44 -62.30
N GLN B 37 -5.97 26.75 -63.30
CA GLN B 37 -4.65 26.07 -63.16
C GLN B 37 -4.82 24.87 -62.24
N THR B 38 -6.06 24.51 -61.92
CA THR B 38 -6.35 23.37 -61.00
C THR B 38 -7.75 22.82 -61.29
N VAL B 39 -8.02 21.56 -60.93
CA VAL B 39 -9.39 21.00 -61.07
C VAL B 39 -9.73 20.24 -59.79
N CYS B 40 -10.99 20.26 -59.35
CA CYS B 40 -11.38 19.45 -58.16
C CYS B 40 -12.31 18.33 -58.63
N ILE B 41 -11.93 17.07 -58.36
CA ILE B 41 -12.75 15.92 -58.84
C ILE B 41 -13.20 15.08 -57.64
N SER B 42 -14.51 14.83 -57.50
CA SER B 42 -15.07 13.99 -56.41
C SER B 42 -15.12 14.77 -55.10
N ARG B 43 -14.66 16.04 -55.11
CA ARG B 43 -14.68 16.94 -53.91
C ARG B 43 -13.57 16.53 -52.93
N ILE B 44 -12.77 15.51 -53.27
CA ILE B 44 -11.72 15.01 -52.33
C ILE B 44 -10.35 15.19 -53.00
N PHE B 45 -10.31 15.26 -54.32
CA PHE B 45 -8.99 15.32 -55.02
C PHE B 45 -8.85 16.65 -55.78
N ASN B 46 -7.74 17.35 -55.57
CA ASN B 46 -7.47 18.61 -56.31
C ASN B 46 -6.20 18.38 -57.15
N PHE B 47 -6.27 18.60 -58.46
CA PHE B 47 -5.10 18.31 -59.32
C PHE B 47 -4.66 19.58 -60.07
N GLN B 48 -3.36 19.89 -60.02
CA GLN B 48 -2.81 21.07 -60.75
C GLN B 48 -2.80 20.77 -62.25
N LEU B 49 -2.73 21.80 -63.09
CA LEU B 49 -2.64 21.59 -64.57
C LEU B 49 -1.35 20.81 -64.86
N GLN B 50 -0.25 21.16 -64.17
CA GLN B 50 1.03 20.41 -64.33
C GLN B 50 0.84 18.96 -63.90
N ASP B 51 0.04 18.72 -62.85
CA ASP B 51 -0.16 17.35 -62.31
C ASP B 51 -0.77 16.45 -63.38
N LEU B 52 -1.70 16.98 -64.19
CA LEU B 52 -2.39 16.11 -65.18
C LEU B 52 -1.32 15.44 -66.06
N ARG B 53 -1.35 14.10 -66.15
CA ARG B 53 -0.31 13.36 -66.91
C ARG B 53 -0.41 13.65 -68.41
N ASN B 54 -1.64 13.64 -68.96
CA ASN B 54 -1.79 13.82 -70.44
C ASN B 54 -2.71 15.00 -70.72
N PRO B 55 -2.27 16.02 -71.49
CA PRO B 55 -3.14 17.14 -71.86
C PRO B 55 -4.17 16.72 -72.94
N PRO B 56 -5.52 16.81 -72.76
CA PRO B 56 -6.42 16.44 -73.84
C PRO B 56 -6.50 17.52 -74.92
N SER B 57 -6.04 17.20 -76.13
CA SER B 57 -6.10 18.16 -77.23
C SER B 57 -7.53 18.34 -77.71
N THR B 58 -7.79 19.48 -78.33
CA THR B 58 -9.12 19.76 -78.86
C THR B 58 -9.51 18.78 -79.95
N VAL B 59 -8.55 18.41 -80.81
CA VAL B 59 -8.84 17.46 -81.88
C VAL B 59 -9.18 16.09 -81.31
N GLN B 60 -8.55 15.72 -80.19
CA GLN B 60 -8.83 14.44 -79.57
C GLN B 60 -10.27 14.40 -79.05
N ASP B 61 -10.92 13.24 -79.19
CA ASP B 61 -12.29 13.07 -78.74
C ASP B 61 -12.31 12.88 -77.23
N PHE B 62 -13.02 13.78 -76.53
CA PHE B 62 -13.09 13.68 -75.08
C PHE B 62 -13.88 12.46 -74.64
N ASN B 63 -14.89 12.06 -75.43
CA ASN B 63 -15.71 10.91 -75.06
C ASN B 63 -14.88 9.63 -75.02
N ASP B 64 -13.95 9.47 -75.94
CA ASP B 64 -13.09 8.30 -75.98
C ASP B 64 -11.80 8.49 -75.20
N TYR B 65 -11.66 9.65 -74.52
CA TYR B 65 -10.42 9.95 -73.76
C TYR B 65 -10.68 9.76 -72.26
N GLU B 66 -9.69 9.21 -71.54
CA GLU B 66 -9.83 9.07 -70.06
C GLU B 66 -8.74 9.93 -69.40
N TYR B 67 -9.13 10.79 -68.45
CA TYR B 67 -8.16 11.70 -67.79
C TYR B 67 -7.16 10.88 -66.98
N SER B 68 -5.87 11.24 -67.05
CA SER B 68 -4.84 10.55 -66.23
C SER B 68 -4.12 11.59 -65.36
N PHE B 69 -4.04 11.36 -64.06
CA PHE B 69 -3.37 12.31 -63.13
C PHE B 69 -2.35 11.55 -62.28
N ASN B 70 -1.16 12.12 -62.06
CA ASN B 70 -0.22 11.44 -61.13
C ASN B 70 -0.83 11.44 -59.73
N PHE B 71 -0.80 10.29 -59.05
CA PHE B 71 -1.46 10.19 -57.72
C PHE B 71 -0.40 10.21 -56.61
N GLY B 72 0.88 10.32 -57.01
CA GLY B 72 1.99 10.31 -56.05
C GLY B 72 3.08 9.35 -56.52
N THR B 73 4.02 9.02 -55.62
CA THR B 73 5.12 8.08 -55.99
C THR B 73 5.15 6.92 -54.98
N LEU B 74 5.36 5.69 -55.46
CA LEU B 74 5.49 4.54 -54.52
C LEU B 74 6.97 4.44 -54.14
N ASN B 75 7.30 4.75 -52.88
CA ASN B 75 8.72 4.75 -52.44
C ASN B 75 8.87 3.86 -51.20
N ASN B 76 9.87 2.98 -51.18
CA ASN B 76 10.16 2.10 -50.01
C ASN B 76 8.90 1.32 -49.61
N GLU B 77 8.13 0.82 -50.58
CA GLU B 77 6.92 -0.02 -50.30
C GLU B 77 5.81 0.84 -49.68
N TYR B 78 5.89 2.17 -49.81
CA TYR B 78 4.82 3.05 -49.29
C TYR B 78 4.31 3.96 -50.41
N ILE B 79 3.00 3.93 -50.68
CA ILE B 79 2.42 4.88 -51.67
C ILE B 79 2.44 6.26 -51.00
N THR B 80 2.92 7.29 -51.70
CA THR B 80 3.05 8.64 -51.08
C THR B 80 2.18 9.63 -51.84
N VAL B 81 0.87 9.67 -51.53
CA VAL B 81 -0.04 10.66 -52.17
C VAL B 81 0.40 12.05 -51.75
N PRO B 82 0.49 13.05 -52.65
CA PRO B 82 0.83 14.42 -52.27
C PRO B 82 -0.24 15.07 -51.38
N GLY B 83 0.18 15.90 -50.43
CA GLY B 83 -0.77 16.60 -49.53
C GLY B 83 -1.69 17.53 -50.32
N ARG B 84 -1.16 18.16 -51.37
CA ARG B 84 -1.96 19.15 -52.16
C ARG B 84 -3.19 18.47 -52.76
N ILE B 85 -3.06 17.19 -53.15
CA ILE B 85 -4.20 16.47 -53.80
C ILE B 85 -5.39 16.48 -52.83
N LEU B 86 -5.13 16.23 -51.54
CA LEU B 86 -6.22 16.17 -50.54
C LEU B 86 -6.39 17.54 -49.88
N SER B 87 -5.69 18.57 -50.39
CA SER B 87 -5.72 19.93 -49.78
C SER B 87 -5.27 19.86 -48.32
N ILE B 88 -4.25 19.03 -48.05
CA ILE B 88 -3.75 18.83 -46.66
C ILE B 88 -2.34 19.41 -46.57
N ASN B 89 -2.06 20.21 -45.54
CA ASN B 89 -0.73 20.84 -45.37
C ASN B 89 0.34 19.76 -45.20
N ARG B 90 0.03 18.68 -44.48
CA ARG B 90 1.01 17.57 -44.26
C ARG B 90 0.89 16.52 -45.37
N ASP B 91 1.93 15.70 -45.56
CA ASP B 91 1.91 14.64 -46.61
C ASP B 91 1.03 13.47 -46.15
N VAL B 92 0.52 12.68 -47.09
CA VAL B 92 -0.29 11.48 -46.73
C VAL B 92 0.41 10.22 -47.28
N LEU B 93 0.61 9.20 -46.44
CA LEU B 93 1.32 7.97 -46.87
C LEU B 93 0.41 6.75 -46.68
N ILE B 94 0.31 5.89 -47.69
CA ILE B 94 -0.50 4.63 -47.57
C ILE B 94 0.46 3.45 -47.79
N HIS B 95 0.24 2.31 -47.13
CA HIS B 95 1.09 1.12 -47.40
C HIS B 95 0.70 0.49 -48.74
N LYS B 96 1.65 -0.16 -49.41
CA LYS B 96 1.39 -0.80 -50.73
C LYS B 96 0.33 -1.90 -50.56
N SER B 97 0.38 -2.64 -49.45
CA SER B 97 -0.57 -3.77 -49.25
C SER B 97 -2.01 -3.26 -49.22
N ILE B 98 -2.23 -2.08 -48.63
CA ILE B 98 -3.58 -1.45 -48.60
C ILE B 98 -3.92 -0.98 -50.02
N LYS B 99 -4.94 -1.58 -50.64
CA LYS B 99 -5.34 -1.19 -52.02
C LYS B 99 -5.83 0.26 -52.03
N LEU B 100 -5.40 1.05 -53.02
CA LEU B 100 -5.91 2.45 -53.14
C LEU B 100 -7.36 2.41 -53.64
N GLU B 101 -8.23 3.23 -53.03
CA GLU B 101 -9.66 3.26 -53.43
C GLU B 101 -10.23 4.64 -53.09
N ARG B 102 -11.34 5.02 -53.73
CA ARG B 102 -12.01 6.31 -53.38
C ARG B 102 -12.46 6.20 -51.92
N LYS B 103 -12.89 5.01 -51.50
CA LYS B 103 -13.38 4.78 -50.11
C LYS B 103 -12.25 5.12 -49.11
N VAL B 104 -11.00 4.81 -49.45
CA VAL B 104 -9.86 5.05 -48.53
C VAL B 104 -9.76 6.55 -48.24
N PHE B 105 -9.94 7.40 -49.26
CA PHE B 105 -9.78 8.87 -49.06
C PHE B 105 -11.13 9.53 -48.74
N ALA B 106 -12.25 8.95 -49.17
CA ALA B 106 -13.57 9.57 -48.98
C ALA B 106 -14.56 8.60 -48.34
N SER B 107 -15.30 9.05 -47.32
CA SER B 107 -16.26 8.16 -46.62
C SER B 107 -17.70 8.62 -46.89
N GLU B 108 -18.59 7.70 -47.26
CA GLU B 108 -20.03 8.04 -47.48
C GLU B 108 -20.17 9.12 -48.56
N ARG B 109 -20.88 10.21 -48.25
CA ARG B 109 -21.15 11.25 -49.29
C ARG B 109 -19.98 12.23 -49.42
N ASN B 110 -18.90 11.80 -50.07
CA ASN B 110 -17.75 12.73 -50.35
C ASN B 110 -17.26 13.42 -49.07
N VAL B 111 -17.08 12.66 -47.97
CA VAL B 111 -16.51 13.28 -46.74
C VAL B 111 -15.01 12.99 -46.73
N SER B 112 -14.17 14.04 -46.73
CA SER B 112 -12.70 13.85 -46.74
C SER B 112 -12.22 13.25 -45.42
N ILE B 113 -11.88 11.95 -45.42
CA ILE B 113 -11.42 11.26 -44.17
C ILE B 113 -10.12 11.90 -43.69
N PHE B 114 -9.18 12.14 -44.60
CA PHE B 114 -7.85 12.68 -44.22
C PHE B 114 -7.94 14.11 -43.67
N GLY B 115 -8.89 14.91 -44.20
CA GLY B 115 -9.05 16.30 -43.76
C GLY B 115 -9.26 16.42 -42.27
N ARG B 116 -10.19 15.63 -41.71
CA ARG B 116 -10.50 15.72 -40.27
C ARG B 116 -9.26 15.34 -39.44
N LEU B 117 -8.54 14.30 -39.87
CA LEU B 117 -7.32 13.85 -39.15
C LEU B 117 -6.29 14.98 -39.19
N SER B 118 -6.14 15.65 -40.33
CA SER B 118 -5.16 16.75 -40.47
C SER B 118 -5.51 17.91 -39.51
N LYS B 119 -6.79 18.25 -39.40
CA LYS B 119 -7.21 19.37 -38.52
C LYS B 119 -6.81 19.03 -37.08
N LEU B 120 -6.92 17.76 -36.69
CA LEU B 120 -6.58 17.34 -35.31
C LEU B 120 -5.07 17.48 -35.06
N LEU B 121 -4.26 17.04 -36.02
CA LEU B 121 -2.77 17.05 -35.83
C LEU B 121 -2.22 18.48 -35.91
N ASP B 122 -1.87 19.07 -34.77
CA ASP B 122 -1.21 20.41 -34.79
C ASP B 122 0.14 20.29 -35.50
N HIS B 123 0.87 19.20 -35.25
CA HIS B 123 2.21 18.99 -35.87
C HIS B 123 2.05 18.77 -37.38
N THR B 124 3.06 19.16 -38.16
CA THR B 124 2.97 19.06 -39.65
C THR B 124 3.52 17.70 -40.12
N ASN B 125 3.88 16.81 -39.19
CA ASN B 125 4.47 15.51 -39.57
C ASN B 125 3.49 14.75 -40.46
N PRO B 126 3.93 14.09 -41.55
CA PRO B 126 3.02 13.42 -42.48
C PRO B 126 2.21 12.25 -41.89
N ILE B 127 0.93 12.15 -42.29
CA ILE B 127 0.10 11.00 -41.82
C ILE B 127 0.63 9.73 -42.51
N ILE B 128 0.81 8.64 -41.76
CA ILE B 128 1.29 7.36 -42.36
C ILE B 128 0.26 6.26 -42.02
N ILE B 129 -0.18 5.49 -43.03
CA ILE B 129 -1.19 4.43 -42.81
C ILE B 129 -0.58 3.07 -43.20
N GLY B 130 -0.57 2.10 -42.27
CA GLY B 130 -0.10 0.74 -42.60
C GLY B 130 1.41 0.61 -42.53
N GLY B 131 1.92 -0.62 -42.62
CA GLY B 131 3.38 -0.84 -42.61
C GLY B 131 3.98 -0.89 -41.22
N ASP B 132 5.31 -1.00 -41.13
CA ASP B 132 6.00 -1.09 -39.82
C ASP B 132 6.47 0.30 -39.36
N LYS B 133 6.14 1.35 -40.12
CA LYS B 133 6.50 2.73 -39.68
C LYS B 133 6.01 2.95 -38.25
N PRO B 134 6.82 3.56 -37.35
CA PRO B 134 6.41 3.74 -35.95
C PRO B 134 5.15 4.62 -35.82
N GLU B 135 5.05 5.67 -36.64
CA GLU B 135 3.89 6.61 -36.55
C GLU B 135 2.73 6.07 -37.40
N ALA B 136 2.94 4.95 -38.10
CA ALA B 136 1.90 4.41 -39.00
C ALA B 136 0.67 3.95 -38.22
N ILE B 137 -0.52 4.13 -38.81
CA ILE B 137 -1.78 3.66 -38.16
C ILE B 137 -2.05 2.24 -38.68
N PRO B 138 -2.32 1.25 -37.80
CA PRO B 138 -2.50 -0.14 -38.24
C PRO B 138 -3.68 -0.26 -39.23
N LYS B 139 -3.58 -1.17 -40.20
CA LYS B 139 -4.63 -1.27 -41.24
C LYS B 139 -5.97 -1.62 -40.60
N SER B 140 -5.98 -2.53 -39.62
CA SER B 140 -7.23 -2.92 -38.93
C SER B 140 -7.85 -1.70 -38.23
N VAL B 141 -7.02 -0.89 -37.56
CA VAL B 141 -7.50 0.35 -36.88
C VAL B 141 -8.02 1.33 -37.94
N PHE B 142 -7.32 1.43 -39.08
CA PHE B 142 -7.77 2.34 -40.18
C PHE B 142 -9.12 1.87 -40.71
N GLN B 143 -9.31 0.55 -40.85
CA GLN B 143 -10.63 0.00 -41.28
C GLN B 143 -11.70 0.37 -40.25
N GLU B 144 -11.36 0.27 -38.96
CA GLU B 144 -12.31 0.65 -37.88
C GLU B 144 -12.60 2.15 -38.01
N LEU B 145 -11.58 2.96 -38.29
CA LEU B 145 -11.75 4.42 -38.43
C LEU B 145 -12.69 4.71 -39.61
N GLN B 146 -12.51 4.01 -40.73
CA GLN B 146 -13.43 4.19 -41.89
C GLN B 146 -14.87 3.89 -41.46
N SER B 147 -15.10 2.74 -40.84
CA SER B 147 -16.47 2.33 -40.41
C SER B 147 -17.04 3.28 -39.36
N LYS B 148 -16.22 3.72 -38.40
CA LYS B 148 -16.73 4.56 -37.27
C LYS B 148 -16.49 6.05 -37.55
N PHE B 149 -16.10 6.39 -38.77
CA PHE B 149 -15.86 7.82 -39.12
C PHE B 149 -17.19 8.58 -38.98
N PRO B 150 -17.17 9.85 -38.52
CA PRO B 150 -18.40 10.64 -38.42
C PRO B 150 -18.81 11.14 -39.81
N ASN B 151 -19.46 10.27 -40.58
CA ASN B 151 -19.92 10.63 -41.95
C ASN B 151 -21.17 11.51 -41.83
N THR B 152 -21.64 12.07 -42.94
CA THR B 152 -22.81 12.98 -42.88
C THR B 152 -24.01 12.22 -42.30
N GLY B 153 -24.20 10.96 -42.72
CA GLY B 153 -25.29 10.14 -42.15
C GLY B 153 -25.09 9.89 -40.67
N GLU B 154 -23.86 9.59 -40.25
CA GLU B 154 -23.56 9.37 -38.80
C GLU B 154 -23.80 10.67 -38.03
N LEU B 155 -23.39 11.81 -38.60
CA LEU B 155 -23.58 13.12 -37.94
C LEU B 155 -25.08 13.40 -37.80
N ASP B 156 -25.87 13.07 -38.84
CA ASP B 156 -27.34 13.25 -38.78
C ASP B 156 -27.91 12.35 -37.67
N ARG B 157 -27.39 11.12 -37.55
CA ARG B 157 -27.88 10.19 -36.52
C ARG B 157 -27.59 10.77 -35.13
N TYR B 158 -26.38 11.34 -34.95
CA TYR B 158 -26.04 11.97 -33.65
C TYR B 158 -26.98 13.16 -33.39
N ALA B 159 -27.25 13.96 -34.43
CA ALA B 159 -28.13 15.13 -34.28
C ALA B 159 -29.54 14.67 -33.91
N ASN B 160 -30.03 13.60 -34.54
CA ASN B 160 -31.37 13.05 -34.21
C ASN B 160 -31.38 12.56 -32.77
N ALA B 161 -30.30 11.91 -32.33
CA ALA B 161 -30.22 11.40 -30.94
C ALA B 161 -30.14 12.58 -29.97
N ARG B 162 -29.29 13.57 -30.25
CA ARG B 162 -29.12 14.71 -29.32
C ARG B 162 -30.43 15.50 -29.19
N VAL B 163 -31.10 15.77 -30.31
CA VAL B 163 -32.38 16.56 -30.27
C VAL B 163 -33.41 15.75 -29.48
N HIS B 164 -33.47 14.44 -29.71
CA HIS B 164 -34.45 13.57 -29.00
C HIS B 164 -34.15 13.61 -27.51
N ALA B 165 -32.86 13.51 -27.14
CA ALA B 165 -32.48 13.49 -25.71
C ALA B 165 -32.88 14.80 -25.04
N ILE B 166 -32.62 15.93 -25.70
CA ILE B 166 -32.92 17.26 -25.08
C ILE B 166 -34.43 17.38 -24.84
N LEU B 167 -35.22 17.00 -25.85
CA LEU B 167 -36.70 17.07 -25.72
C LEU B 167 -37.16 16.08 -24.63
N ALA B 168 -36.60 14.87 -24.62
CA ALA B 168 -37.03 13.83 -23.64
C ALA B 168 -36.74 14.31 -22.22
N GLY B 169 -35.56 14.89 -22.01
CA GLY B 169 -35.17 15.35 -20.65
C GLY B 169 -36.11 16.44 -20.16
N TYR B 170 -36.43 17.40 -21.03
CA TYR B 170 -37.40 18.46 -20.65
C TYR B 170 -38.81 17.88 -20.46
N LEU B 171 -39.26 17.01 -21.38
CA LEU B 171 -40.67 16.51 -21.30
C LEU B 171 -40.90 15.59 -20.11
N ASP B 172 -40.03 14.60 -19.89
CA ASP B 172 -40.32 13.59 -18.83
C ASP B 172 -39.14 13.37 -17.89
N GLY B 173 -37.98 13.97 -18.18
CA GLY B 173 -36.78 13.69 -17.35
C GLY B 173 -36.41 12.22 -17.43
N MET B 174 -36.16 11.58 -16.29
CA MET B 174 -35.87 10.12 -16.28
C MET B 174 -37.18 9.33 -16.19
N LYS B 175 -38.00 9.37 -17.25
CA LYS B 175 -39.30 8.65 -17.24
C LYS B 175 -39.07 7.14 -17.15
N ASP B 176 -38.11 6.62 -17.91
CA ASP B 176 -37.86 5.15 -17.93
C ASP B 176 -37.42 4.70 -16.55
N ALA B 177 -36.55 5.48 -15.89
CA ALA B 177 -36.08 5.13 -14.54
C ALA B 177 -37.27 5.14 -13.56
N ARG B 178 -38.15 6.13 -13.69
CA ARG B 178 -39.34 6.23 -12.79
C ARG B 178 -40.25 5.01 -12.99
N GLU B 179 -40.44 4.60 -14.25
CA GLU B 179 -41.32 3.43 -14.55
C GLU B 179 -40.73 2.19 -13.89
N ARG B 180 -39.41 2.02 -14.00
CA ARG B 180 -38.73 0.85 -13.37
C ARG B 180 -38.89 0.93 -11.85
N TYR B 181 -38.76 2.13 -11.27
CA TYR B 181 -38.90 2.30 -9.80
C TYR B 181 -40.33 1.93 -9.39
N GLU B 182 -41.33 2.33 -10.18
CA GLU B 182 -42.74 1.99 -9.87
C GLU B 182 -42.91 0.46 -9.91
N HIS B 183 -42.28 -0.21 -10.88
CA HIS B 183 -42.34 -1.69 -10.94
C HIS B 183 -41.69 -2.28 -9.68
N TYR B 184 -40.56 -1.72 -9.25
CA TYR B 184 -39.88 -2.20 -8.01
C TYR B 184 -40.84 -2.03 -6.83
N LEU B 185 -41.53 -0.90 -6.75
CA LEU B 185 -42.41 -0.62 -5.60
C LEU B 185 -43.54 -1.67 -5.55
N ASN B 186 -44.11 -2.00 -6.71
CA ASN B 186 -45.19 -3.03 -6.76
C ASN B 186 -44.63 -4.37 -6.31
N ARG B 187 -43.43 -4.73 -6.79
CA ARG B 187 -42.80 -6.02 -6.41
C ARG B 187 -42.50 -6.02 -4.91
N LYS B 188 -42.03 -4.89 -4.38
CA LYS B 188 -41.67 -4.79 -2.94
C LYS B 188 -42.93 -5.02 -2.11
N THR B 189 -44.05 -4.44 -2.52
CA THR B 189 -45.32 -4.59 -1.76
C THR B 189 -45.73 -6.07 -1.75
N VAL B 190 -45.63 -6.75 -2.89
CA VAL B 190 -46.03 -8.18 -2.99
C VAL B 190 -45.12 -9.01 -2.07
N ILE B 191 -43.81 -8.78 -2.11
CA ILE B 191 -42.85 -9.55 -1.28
C ILE B 191 -43.07 -9.25 0.21
N ARG B 192 -43.29 -7.98 0.55
CA ARG B 192 -43.42 -7.58 1.98
C ARG B 192 -44.89 -7.55 2.37
N LYS B 193 -45.60 -8.68 2.22
CA LYS B 193 -47.01 -8.75 2.67
C LYS B 193 -47.08 -8.35 4.15
N THR B 194 -46.10 -8.79 4.93
CA THR B 194 -46.07 -8.49 6.39
C THR B 194 -45.03 -7.41 6.69
N ASP B 195 -45.33 -6.49 7.59
CA ASP B 195 -44.38 -5.42 7.99
C ASP B 195 -43.14 -6.06 8.61
N LYS B 196 -43.33 -7.15 9.37
CA LYS B 196 -42.19 -7.84 10.04
C LYS B 196 -41.21 -8.30 8.96
N LEU B 197 -39.90 -8.18 9.23
CA LEU B 197 -38.89 -8.52 8.19
C LEU B 197 -38.18 -9.82 8.54
N ASP B 198 -38.04 -10.72 7.57
CA ASP B 198 -37.30 -12.00 7.78
C ASP B 198 -36.04 -11.94 6.92
N LEU B 199 -35.04 -12.78 7.21
CA LEU B 199 -33.80 -12.80 6.39
C LEU B 199 -34.14 -13.20 4.95
N GLU B 200 -35.02 -14.19 4.78
CA GLU B 200 -35.46 -14.62 3.43
C GLU B 200 -36.16 -13.45 2.73
N VAL B 201 -37.03 -12.75 3.46
CA VAL B 201 -37.79 -11.60 2.88
C VAL B 201 -36.77 -10.51 2.47
N LEU B 202 -35.76 -10.27 3.31
CA LEU B 202 -34.74 -9.24 3.02
C LEU B 202 -33.99 -9.62 1.74
N ASN B 203 -33.66 -10.90 1.58
CA ASN B 203 -32.90 -11.35 0.39
C ASN B 203 -33.75 -11.10 -0.87
N LYS B 204 -35.05 -11.40 -0.81
CA LYS B 204 -35.95 -11.17 -1.97
C LYS B 204 -36.03 -9.67 -2.28
N LEU B 205 -36.12 -8.83 -1.23
CA LEU B 205 -36.15 -7.36 -1.43
C LEU B 205 -34.82 -6.91 -2.05
N GLU B 206 -33.70 -7.50 -1.61
CA GLU B 206 -32.37 -7.14 -2.16
C GLU B 206 -32.33 -7.48 -3.65
N ILE B 207 -32.91 -8.62 -4.04
CA ILE B 207 -32.90 -9.05 -5.48
C ILE B 207 -33.64 -7.97 -6.27
N GLU B 208 -34.80 -7.52 -5.76
CA GLU B 208 -35.60 -6.50 -6.47
C GLU B 208 -34.81 -5.19 -6.57
N LYS B 209 -34.14 -4.80 -5.49
CA LYS B 209 -33.35 -3.54 -5.49
C LYS B 209 -32.23 -3.65 -6.51
N TYR B 210 -31.51 -4.78 -6.53
CA TYR B 210 -30.37 -4.97 -7.47
C TYR B 210 -30.86 -5.00 -8.92
N THR B 211 -31.99 -5.67 -9.18
CA THR B 211 -32.54 -5.69 -10.56
C THR B 211 -32.92 -4.26 -10.95
N LEU B 212 -33.52 -3.50 -10.03
CA LEU B 212 -33.95 -2.12 -10.36
C LEU B 212 -32.73 -1.28 -10.74
N ILE B 213 -31.65 -1.37 -9.95
CA ILE B 213 -30.44 -0.54 -10.22
C ILE B 213 -29.86 -0.98 -11.56
N ARG B 214 -29.77 -2.29 -11.79
CA ARG B 214 -29.16 -2.81 -13.04
C ARG B 214 -30.00 -2.38 -14.24
N ASP B 215 -31.32 -2.48 -14.14
CA ASP B 215 -32.19 -2.16 -15.30
C ASP B 215 -32.00 -0.68 -15.68
N ILE B 216 -31.98 0.21 -14.68
CA ILE B 216 -31.85 1.68 -14.96
C ILE B 216 -30.49 1.96 -15.61
N ILE B 217 -29.42 1.31 -15.13
CA ILE B 217 -28.06 1.55 -15.69
C ILE B 217 -28.05 1.12 -17.17
N GLN B 218 -28.61 -0.06 -17.45
CA GLN B 218 -28.64 -0.57 -18.85
C GLN B 218 -29.44 0.41 -19.71
N ASP B 219 -30.57 0.91 -19.20
CA ASP B 219 -31.38 1.89 -19.96
C ASP B 219 -30.56 3.17 -20.19
N ALA B 220 -29.82 3.61 -19.18
CA ALA B 220 -29.00 4.82 -19.31
C ALA B 220 -27.92 4.61 -20.37
N LEU B 221 -27.30 3.43 -20.40
CA LEU B 221 -26.27 3.13 -21.43
C LEU B 221 -26.94 3.14 -22.81
N ASN B 222 -28.12 2.53 -22.93
CA ASN B 222 -28.78 2.42 -24.26
C ASN B 222 -29.24 3.76 -24.83
N ASN B 223 -29.86 4.63 -24.01
CA ASN B 223 -30.44 5.88 -24.59
C ASN B 223 -29.87 7.18 -24.00
N LYS B 224 -29.18 7.12 -22.86
CA LYS B 224 -28.74 8.40 -22.21
C LYS B 224 -27.25 8.66 -22.45
N THR B 225 -26.63 7.92 -23.37
CA THR B 225 -25.18 8.06 -23.64
C THR B 225 -24.86 9.47 -24.17
N ASN B 226 -25.71 10.03 -25.04
CA ASN B 226 -25.43 11.35 -25.67
C ASN B 226 -25.47 12.48 -24.63
N LEU B 227 -25.89 12.19 -23.39
CA LEU B 227 -26.01 13.23 -22.34
C LEU B 227 -24.62 13.74 -21.95
N SER B 228 -24.55 14.94 -21.38
CA SER B 228 -23.25 15.55 -20.99
C SER B 228 -22.63 14.74 -19.83
N GLU B 229 -21.31 14.85 -19.66
CA GLU B 229 -20.62 14.06 -18.60
C GLU B 229 -21.20 14.45 -17.24
N ASP B 230 -21.47 15.74 -17.04
CA ASP B 230 -22.06 16.22 -15.76
C ASP B 230 -23.44 15.60 -15.56
N ASP B 231 -24.25 15.52 -16.63
CA ASP B 231 -25.61 14.93 -16.53
C ASP B 231 -25.51 13.44 -16.23
N TRP B 232 -24.55 12.76 -16.86
CA TRP B 232 -24.36 11.29 -16.67
C TRP B 232 -24.00 10.99 -15.21
N GLN B 233 -23.12 11.82 -14.63
CA GLN B 233 -22.70 11.62 -13.22
C GLN B 233 -23.94 11.77 -12.33
N SER B 234 -24.80 12.75 -12.63
CA SER B 234 -26.00 13.01 -11.81
C SER B 234 -26.92 11.77 -11.83
N LEU B 235 -27.05 11.11 -12.99
CA LEU B 235 -27.91 9.91 -13.10
C LEU B 235 -27.38 8.81 -12.19
N MET B 236 -26.06 8.62 -12.12
CA MET B 236 -25.49 7.48 -11.34
C MET B 236 -25.21 7.85 -9.88
N ILE B 237 -25.27 9.14 -9.51
CA ILE B 237 -24.87 9.55 -8.13
C ILE B 237 -25.74 8.87 -7.05
N PRO B 238 -27.09 8.79 -7.16
CA PRO B 238 -27.88 8.06 -6.14
C PRO B 238 -27.52 6.57 -6.11
N PHE B 239 -27.30 5.97 -7.29
CA PHE B 239 -26.97 4.51 -7.38
C PHE B 239 -25.61 4.22 -6.74
N ILE B 240 -24.68 5.18 -6.75
CA ILE B 240 -23.30 4.90 -6.25
C ILE B 240 -23.35 4.45 -4.78
N THR B 241 -24.17 5.11 -3.96
CA THR B 241 -24.31 4.71 -2.53
C THR B 241 -24.87 3.29 -2.43
N LEU B 242 -25.82 2.94 -3.30
CA LEU B 242 -26.45 1.59 -3.27
C LEU B 242 -25.47 0.55 -3.83
N LEU B 243 -24.77 0.89 -4.92
CA LEU B 243 -23.81 -0.04 -5.55
C LEU B 243 -22.65 -0.29 -4.58
N PHE B 244 -22.31 0.72 -3.77
CA PHE B 244 -21.19 0.60 -2.80
C PHE B 244 -21.69 1.01 -1.42
N PRO B 245 -22.39 0.12 -0.68
CA PRO B 245 -22.97 0.47 0.63
C PRO B 245 -21.87 0.86 1.62
N LYS B 246 -20.72 0.17 1.58
CA LYS B 246 -19.57 0.55 2.45
C LYS B 246 -19.50 2.07 2.54
N TYR B 247 -19.60 2.75 1.39
CA TYR B 247 -19.55 4.24 1.39
C TYR B 247 -20.95 4.77 1.70
N ILE B 248 -21.18 5.16 2.96
CA ILE B 248 -22.52 5.63 3.40
C ILE B 248 -22.92 6.95 2.73
N LYS B 249 -21.98 7.89 2.55
CA LYS B 249 -22.36 9.22 2.02
C LYS B 249 -21.60 9.53 0.72
N VAL B 250 -22.22 10.31 -0.18
CA VAL B 250 -21.54 10.73 -1.44
C VAL B 250 -21.40 12.26 -1.40
N LEU B 251 -20.20 12.77 -1.69
CA LEU B 251 -19.96 14.25 -1.68
C LEU B 251 -19.59 14.71 -3.09
N GLU B 252 -20.09 15.87 -3.52
CA GLU B 252 -19.86 16.33 -4.91
C GLU B 252 -19.08 17.65 -4.91
N LYS B 253 -18.20 17.84 -5.90
CA LYS B 253 -17.41 19.10 -6.02
C LYS B 253 -16.59 19.37 -4.75
N VAL B 254 -16.00 18.31 -4.17
CA VAL B 254 -15.13 18.48 -2.97
C VAL B 254 -13.91 19.31 -3.38
N LYS B 255 -13.50 20.26 -2.54
CA LYS B 255 -12.36 21.14 -2.91
C LYS B 255 -11.11 20.70 -2.15
N ILE B 256 -9.99 20.47 -2.86
CA ILE B 256 -8.72 20.08 -2.21
C ILE B 256 -7.66 21.13 -2.55
N PHE B 257 -6.50 21.10 -1.88
CA PHE B 257 -5.46 22.14 -2.09
C PHE B 257 -4.23 21.52 -2.78
N ASP B 258 -3.76 22.14 -3.86
CA ASP B 258 -2.56 21.64 -4.58
C ASP B 258 -1.41 22.63 -4.40
N TYR B 259 -0.29 22.19 -3.83
CA TYR B 259 0.88 23.08 -3.65
C TYR B 259 1.97 22.69 -4.66
N TYR B 260 1.91 21.46 -5.17
CA TYR B 260 2.95 20.98 -6.13
C TYR B 260 2.92 21.74 -7.45
N SER B 261 1.73 22.03 -7.99
CA SER B 261 1.65 22.69 -9.32
C SER B 261 2.29 24.08 -9.29
N ASN B 262 1.99 24.86 -8.25
CA ASN B 262 2.60 26.20 -8.08
C ASN B 262 3.04 26.36 -6.62
N PRO B 263 4.36 26.30 -6.32
CA PRO B 263 4.85 26.43 -4.95
C PRO B 263 4.51 27.80 -4.34
N SER B 264 4.63 28.87 -5.13
CA SER B 264 4.40 30.24 -4.60
C SER B 264 2.95 30.42 -4.13
N ALA B 265 1.98 29.97 -4.93
CA ALA B 265 0.55 30.10 -4.56
C ALA B 265 -0.16 28.76 -4.71
N LYS B 266 -0.89 28.33 -3.67
CA LYS B 266 -1.64 27.05 -3.74
C LYS B 266 -2.76 27.17 -4.79
N THR B 267 -3.03 26.09 -5.52
CA THR B 267 -4.12 26.09 -6.53
C THR B 267 -5.22 25.14 -6.06
N ASN B 268 -6.47 25.61 -6.01
CA ASN B 268 -7.57 24.76 -5.48
C ASN B 268 -8.05 23.81 -6.59
N ARG B 269 -8.11 22.50 -6.29
CA ARG B 269 -8.58 21.50 -7.29
C ARG B 269 -9.94 20.97 -6.82
N PHE B 270 -10.79 20.54 -7.74
CA PHE B 270 -12.15 20.05 -7.36
C PHE B 270 -12.31 18.58 -7.73
N ILE B 271 -12.65 17.74 -6.75
CA ILE B 271 -12.95 16.30 -7.04
C ILE B 271 -14.43 16.24 -7.43
N ASP B 272 -14.75 15.76 -8.64
CA ASP B 272 -16.16 15.80 -9.10
C ASP B 272 -17.05 14.97 -8.16
N ILE B 273 -16.63 13.76 -7.81
CA ILE B 273 -17.40 12.92 -6.86
C ILE B 273 -16.44 12.32 -5.82
N ALA B 274 -16.82 12.34 -4.53
CA ALA B 274 -16.00 11.72 -3.47
C ALA B 274 -16.89 10.83 -2.60
N LEU B 275 -16.36 9.71 -2.10
CA LEU B 275 -17.17 8.76 -1.30
C LEU B 275 -16.69 8.75 0.15
N VAL B 276 -17.62 8.82 1.11
CA VAL B 276 -17.23 8.72 2.55
C VAL B 276 -17.77 7.41 3.12
N ASP B 277 -16.89 6.57 3.68
CA ASP B 277 -17.31 5.27 4.28
C ASP B 277 -17.84 5.49 5.70
N ALA B 278 -18.39 4.43 6.31
CA ALA B 278 -18.91 4.52 7.70
C ALA B 278 -17.77 4.90 8.66
N ASN B 279 -16.56 4.39 8.42
CA ASN B 279 -15.39 4.75 9.27
C ASN B 279 -15.17 6.26 9.22
N GLY B 280 -15.55 6.92 8.13
CA GLY B 280 -15.29 8.37 7.99
C GLY B 280 -14.07 8.61 7.12
N ASN B 281 -13.43 7.53 6.67
CA ASN B 281 -12.27 7.65 5.75
C ASN B 281 -12.78 8.18 4.39
N LEU B 282 -11.95 8.95 3.68
CA LEU B 282 -12.43 9.56 2.41
C LEU B 282 -11.86 8.79 1.21
N ASP B 283 -12.72 8.42 0.26
CA ASP B 283 -12.28 7.72 -0.97
C ASP B 283 -12.83 8.49 -2.18
N ILE B 284 -12.34 8.20 -3.38
CA ILE B 284 -12.76 8.99 -4.58
C ILE B 284 -13.46 8.05 -5.58
N ILE B 285 -14.51 8.51 -6.25
CA ILE B 285 -15.17 7.67 -7.31
C ILE B 285 -15.16 8.48 -8.61
N GLU B 286 -14.87 7.83 -9.73
CA GLU B 286 -14.94 8.53 -11.04
C GLU B 286 -15.99 7.85 -11.92
N VAL B 287 -17.00 8.59 -12.36
CA VAL B 287 -18.03 8.03 -13.29
C VAL B 287 -17.81 8.74 -14.63
N LYS B 288 -17.33 8.02 -15.65
CA LYS B 288 -16.97 8.69 -16.92
C LYS B 288 -17.93 8.25 -18.04
N LYS B 289 -18.46 9.21 -18.79
CA LYS B 289 -19.36 8.89 -19.93
C LYS B 289 -18.68 7.86 -20.83
N PRO B 290 -19.30 6.70 -21.22
CA PRO B 290 -18.59 5.76 -22.10
C PRO B 290 -18.63 6.21 -23.56
N PHE B 291 -17.97 7.33 -23.88
CA PHE B 291 -17.89 7.79 -25.28
C PHE B 291 -17.17 6.73 -26.11
N ASP B 292 -16.01 6.28 -25.63
CA ASP B 292 -15.21 5.26 -26.38
C ASP B 292 -15.81 3.87 -26.17
N ASP B 293 -16.04 3.13 -27.25
CA ASP B 293 -16.63 1.76 -27.18
C ASP B 293 -15.69 0.78 -26.46
N LYS B 294 -14.36 0.89 -26.67
CA LYS B 294 -13.42 -0.12 -26.12
C LYS B 294 -12.57 0.48 -24.98
N ILE B 295 -12.42 -0.27 -23.88
CA ILE B 295 -11.55 0.18 -22.74
C ILE B 295 -10.15 -0.40 -22.95
N LEU B 296 -9.96 -1.20 -24.00
CA LEU B 296 -8.64 -1.83 -24.29
C LEU B 296 -8.22 -1.46 -25.72
N ARG B 297 -6.94 -1.17 -25.93
CA ARG B 297 -6.47 -0.73 -27.28
C ARG B 297 -6.72 -1.87 -28.28
N LYS B 298 -7.11 -1.53 -29.52
CA LYS B 298 -7.46 -2.56 -30.52
C LYS B 298 -6.25 -3.47 -30.81
N THR B 299 -5.06 -2.88 -30.92
CA THR B 299 -3.86 -3.68 -31.26
C THR B 299 -2.92 -3.71 -30.06
N PRO B 300 -2.40 -4.91 -29.65
CA PRO B 300 -1.46 -5.01 -28.54
C PRO B 300 -0.13 -4.34 -28.91
N TYR B 301 0.49 -3.62 -27.96
CA TYR B 301 1.73 -2.88 -28.31
C TYR B 301 2.85 -3.88 -28.64
N ARG B 302 3.05 -4.90 -27.82
CA ARG B 302 4.04 -5.96 -28.14
C ARG B 302 3.48 -7.29 -27.65
N ASP B 303 2.36 -7.73 -28.24
CA ASP B 303 1.71 -9.02 -27.91
C ASP B 303 1.04 -8.88 -26.53
N ASN B 304 1.07 -7.68 -25.95
CA ASN B 304 0.41 -7.42 -24.64
C ASN B 304 -0.56 -6.27 -24.83
N TYR B 305 -1.84 -6.47 -24.49
CA TYR B 305 -2.86 -5.40 -24.64
C TYR B 305 -2.58 -4.29 -23.63
N ILE B 306 -2.69 -3.03 -24.05
CA ILE B 306 -2.33 -1.90 -23.13
C ILE B 306 -3.57 -1.06 -22.86
N PRO B 307 -3.65 -0.33 -21.72
CA PRO B 307 -4.83 0.45 -21.39
C PRO B 307 -5.07 1.58 -22.40
N THR B 308 -6.35 1.88 -22.69
CA THR B 308 -6.69 2.96 -23.64
C THR B 308 -6.36 4.31 -23.00
N SER B 309 -6.24 5.36 -23.82
CA SER B 309 -5.93 6.71 -23.28
C SER B 309 -7.04 7.13 -22.32
N GLU B 310 -8.29 6.79 -22.63
CA GLU B 310 -9.44 7.15 -21.75
C GLU B 310 -9.26 6.48 -20.38
N LEU B 311 -8.90 5.20 -20.35
CA LEU B 311 -8.66 4.50 -19.06
C LEU B 311 -7.47 5.14 -18.35
N SER B 312 -6.38 5.39 -19.07
CA SER B 312 -5.15 5.96 -18.45
C SER B 312 -5.46 7.36 -17.91
N GLY B 313 -6.26 8.14 -18.63
CA GLY B 313 -6.63 9.49 -18.19
C GLY B 313 -7.46 9.46 -16.92
N GLY B 314 -8.50 8.63 -16.89
CA GLY B 314 -9.31 8.49 -15.67
C GLY B 314 -8.46 8.06 -14.49
N ILE B 315 -7.56 7.10 -14.71
CA ILE B 315 -6.64 6.63 -13.61
C ILE B 315 -5.74 7.80 -13.20
N MET B 316 -5.17 8.53 -14.16
CA MET B 316 -4.22 9.62 -13.83
C MET B 316 -4.95 10.71 -13.04
N GLN B 317 -6.16 11.09 -13.47
CA GLN B 317 -6.91 12.19 -12.80
C GLN B 317 -7.21 11.79 -11.36
N ALA B 318 -7.60 10.53 -11.13
CA ALA B 318 -7.90 10.06 -9.76
C ALA B 318 -6.62 10.00 -8.94
N GLU B 319 -5.53 9.50 -9.54
CA GLU B 319 -4.23 9.41 -8.84
C GLU B 319 -3.78 10.81 -8.42
N LYS B 320 -3.96 11.81 -9.29
CA LYS B 320 -3.57 13.21 -8.96
C LYS B 320 -4.41 13.68 -7.76
N TYR B 321 -5.70 13.36 -7.74
CA TYR B 321 -6.57 13.75 -6.60
C TYR B 321 -6.08 13.07 -5.33
N ILE B 322 -5.82 11.75 -5.40
CA ILE B 322 -5.35 10.98 -4.21
C ILE B 322 -4.03 11.60 -3.74
N PHE B 323 -3.16 11.97 -4.67
CA PHE B 323 -1.84 12.53 -4.31
C PHE B 323 -2.04 13.83 -3.54
N HIS B 324 -2.95 14.69 -4.01
CA HIS B 324 -3.20 15.99 -3.32
C HIS B 324 -3.80 15.72 -1.92
N LEU B 325 -4.70 14.75 -1.81
CA LEU B 325 -5.34 14.46 -0.49
C LEU B 325 -4.29 13.98 0.51
N SER B 326 -3.39 13.09 0.09
CA SER B 326 -2.32 12.60 1.01
C SER B 326 -1.41 13.76 1.39
N LYS B 327 -1.09 14.62 0.43
CA LYS B 327 -0.23 15.81 0.69
C LYS B 327 -0.95 16.76 1.67
N TRP B 328 -2.26 16.92 1.51
CA TRP B 328 -3.06 17.82 2.38
C TRP B 328 -2.98 17.29 3.83
N GLY B 329 -3.08 15.98 4.01
CA GLY B 329 -2.92 15.37 5.36
C GLY B 329 -3.88 15.88 6.42
N VAL B 330 -3.37 16.21 7.61
CA VAL B 330 -4.24 16.64 8.76
C VAL B 330 -4.97 17.93 8.42
N LYS B 331 -4.31 18.87 7.75
CA LYS B 331 -4.95 20.18 7.46
C LYS B 331 -6.18 19.91 6.60
N GLY B 332 -6.06 18.99 5.64
CA GLY B 332 -7.22 18.63 4.79
C GLY B 332 -8.33 18.01 5.59
N GLU B 333 -8.00 17.11 6.52
CA GLU B 333 -9.08 16.40 7.27
C GLU B 333 -9.88 17.44 8.05
N LYS B 334 -9.20 18.37 8.71
CA LYS B 334 -9.91 19.41 9.52
C LYS B 334 -10.76 20.30 8.61
N GLU B 335 -10.20 20.74 7.48
CA GLU B 335 -10.94 21.66 6.58
C GLU B 335 -12.17 20.94 6.01
N LEU B 336 -11.99 19.70 5.55
CA LEU B 336 -13.12 18.94 4.94
C LEU B 336 -14.18 18.65 6.00
N THR B 337 -13.76 18.31 7.22
CA THR B 337 -14.74 17.96 8.28
C THR B 337 -15.61 19.18 8.58
N ASN B 338 -14.99 20.37 8.67
CA ASN B 338 -15.76 21.60 8.98
C ASN B 338 -16.73 21.90 7.83
N ALA B 339 -16.26 21.76 6.59
CA ALA B 339 -17.11 22.06 5.40
C ALA B 339 -18.29 21.11 5.30
N TYR B 340 -18.08 19.82 5.58
CA TYR B 340 -19.16 18.81 5.37
C TYR B 340 -19.71 18.28 6.70
N LYS B 341 -19.52 19.02 7.80
CA LYS B 341 -19.96 18.51 9.13
C LYS B 341 -21.48 18.29 9.12
N ASN B 342 -22.24 19.23 8.53
CA ASN B 342 -23.71 19.08 8.45
C ASN B 342 -24.06 17.87 7.57
N SER B 343 -23.35 17.71 6.44
CA SER B 343 -23.65 16.59 5.50
C SER B 343 -23.37 15.24 6.16
N LEU B 344 -22.27 15.14 6.91
CA LEU B 344 -21.88 13.85 7.55
C LEU B 344 -22.78 13.56 8.75
N PRO B 345 -23.03 12.29 9.11
CA PRO B 345 -23.78 11.97 10.34
C PRO B 345 -22.97 12.46 11.55
N ALA B 346 -23.66 12.89 12.61
CA ALA B 346 -22.95 13.47 13.78
C ALA B 346 -21.99 12.44 14.39
N GLY B 347 -20.82 12.88 14.84
CA GLY B 347 -19.83 11.97 15.44
C GLY B 347 -18.92 11.32 14.40
N MET B 348 -19.05 11.73 13.13
CA MET B 348 -18.15 11.20 12.07
C MET B 348 -17.33 12.34 11.46
N CYS B 349 -16.01 12.17 11.36
CA CYS B 349 -15.11 13.24 10.84
C CYS B 349 -14.38 12.75 9.59
N ILE B 350 -14.32 13.57 8.55
CA ILE B 350 -13.62 13.18 7.29
C ILE B 350 -12.14 12.90 7.62
N ARG B 351 -11.70 11.66 7.43
CA ARG B 351 -10.26 11.33 7.65
C ARG B 351 -9.63 10.93 6.31
N ILE B 352 -8.54 11.58 5.93
CA ILE B 352 -7.82 11.18 4.69
C ILE B 352 -6.76 10.14 5.05
N SER B 353 -7.15 8.86 5.10
CA SER B 353 -6.17 7.78 5.37
C SER B 353 -6.21 6.78 4.21
N ASN B 354 -5.06 6.50 3.60
CA ASN B 354 -4.98 5.52 2.48
C ASN B 354 -6.06 5.81 1.43
N PRO B 355 -6.18 7.05 0.88
CA PRO B 355 -7.28 7.34 -0.06
C PRO B 355 -7.18 6.46 -1.31
N LYS B 356 -8.30 5.89 -1.75
CA LYS B 356 -8.29 4.99 -2.93
C LYS B 356 -9.35 5.46 -3.93
N ALA B 357 -9.34 4.92 -5.15
CA ALA B 357 -10.30 5.42 -6.18
C ALA B 357 -11.02 4.27 -6.88
N ILE B 358 -12.31 4.44 -7.17
CA ILE B 358 -13.06 3.42 -7.95
C ILE B 358 -13.43 4.08 -9.28
N ILE B 359 -13.08 3.46 -10.41
CA ILE B 359 -13.32 4.13 -11.73
C ILE B 359 -14.26 3.28 -12.58
N ILE B 360 -15.37 3.87 -13.05
CA ILE B 360 -16.25 3.12 -14.00
C ILE B 360 -16.10 3.84 -15.34
N VAL B 361 -15.35 3.25 -16.28
CA VAL B 361 -15.06 3.98 -17.55
C VAL B 361 -15.23 3.08 -18.78
N GLY B 362 -15.98 3.51 -19.80
CA GLY B 362 -16.07 2.74 -21.06
C GLY B 362 -16.74 1.38 -20.95
N ARG B 363 -16.71 0.58 -22.03
CA ARG B 363 -17.35 -0.77 -22.03
C ARG B 363 -16.34 -1.82 -22.49
N ASP B 364 -16.16 -2.90 -21.73
CA ASP B 364 -15.27 -4.02 -22.15
C ASP B 364 -15.86 -4.78 -23.35
N GLN B 365 -17.20 -4.95 -23.39
CA GLN B 365 -17.89 -5.70 -24.48
C GLN B 365 -17.34 -7.13 -24.61
N ILE B 366 -17.11 -7.82 -23.48
CA ILE B 366 -16.68 -9.25 -23.53
C ILE B 366 -17.88 -10.05 -24.05
N ALA B 367 -19.07 -9.44 -24.05
CA ALA B 367 -20.28 -10.12 -24.55
C ALA B 367 -20.11 -10.46 -26.03
N ASN B 368 -19.44 -9.58 -26.79
CA ASN B 368 -19.22 -9.82 -28.24
C ASN B 368 -18.41 -11.11 -28.44
N GLY B 369 -17.44 -11.37 -27.55
CA GLY B 369 -16.57 -12.56 -27.71
C GLY B 369 -15.39 -12.25 -28.60
N ASN B 370 -15.24 -11.00 -29.00
CA ASN B 370 -14.08 -10.58 -29.84
C ASN B 370 -12.79 -10.80 -29.06
N MET B 371 -12.82 -10.56 -27.74
CA MET B 371 -11.60 -10.67 -26.90
C MET B 371 -11.04 -12.09 -26.98
N THR B 372 -9.72 -12.23 -27.16
CA THR B 372 -9.09 -13.58 -27.16
C THR B 372 -8.75 -13.95 -25.72
N ASP B 373 -8.30 -15.18 -25.48
CA ASP B 373 -7.95 -15.62 -24.10
C ASP B 373 -6.81 -14.75 -23.57
N GLY B 374 -5.81 -14.47 -24.41
CA GLY B 374 -4.70 -13.58 -24.00
C GLY B 374 -5.20 -12.17 -23.73
N GLN B 375 -6.10 -11.66 -24.57
CA GLN B 375 -6.67 -10.30 -24.38
C GLN B 375 -7.45 -10.26 -23.07
N LEU B 376 -8.21 -11.31 -22.76
CA LEU B 376 -9.00 -11.36 -21.50
C LEU B 376 -8.02 -11.34 -20.31
N LEU B 377 -6.91 -12.08 -20.41
CA LEU B 377 -5.92 -12.11 -19.31
C LEU B 377 -5.34 -10.71 -19.13
N ASP B 378 -5.03 -10.03 -20.24
CA ASP B 378 -4.43 -8.67 -20.16
C ASP B 378 -5.44 -7.72 -19.51
N PHE B 379 -6.72 -7.83 -19.87
CA PHE B 379 -7.75 -6.92 -19.32
C PHE B 379 -7.86 -7.10 -17.81
N GLU B 380 -7.84 -8.36 -17.34
CA GLU B 380 -7.93 -8.64 -15.88
C GLU B 380 -6.70 -8.05 -15.18
N ILE B 381 -5.52 -8.20 -15.78
CA ILE B 381 -4.27 -7.68 -15.17
C ILE B 381 -4.33 -6.15 -15.09
N ILE B 382 -4.86 -5.49 -16.14
CA ILE B 382 -4.97 -4.01 -16.16
C ILE B 382 -5.92 -3.56 -15.03
N LYS B 383 -7.02 -4.30 -14.82
CA LYS B 383 -7.97 -3.95 -13.75
C LYS B 383 -7.26 -4.03 -12.40
N ARG B 384 -6.28 -4.93 -12.25
CA ARG B 384 -5.60 -5.10 -10.93
C ARG B 384 -4.22 -4.46 -10.94
N LYS B 385 -3.74 -3.97 -12.10
CA LYS B 385 -2.37 -3.41 -12.22
C LYS B 385 -2.18 -2.15 -11.36
N TYR B 386 -3.18 -1.27 -11.29
CA TYR B 386 -3.03 0.03 -10.57
C TYR B 386 -3.17 -0.11 -9.05
N ALA B 387 -2.20 0.42 -8.29
CA ALA B 387 -2.19 0.30 -6.81
C ALA B 387 -3.32 1.05 -6.10
N ASN B 388 -3.62 2.29 -6.51
CA ASN B 388 -4.59 3.11 -5.73
C ASN B 388 -6.02 2.95 -6.26
N MET B 389 -6.22 2.06 -7.23
CA MET B 389 -7.58 1.81 -7.78
C MET B 389 -8.05 0.46 -7.24
N ILE B 390 -8.74 0.45 -6.10
CA ILE B 390 -9.18 -0.84 -5.48
C ILE B 390 -10.10 -1.55 -6.46
N ASP B 391 -11.02 -0.81 -7.08
CA ASP B 391 -11.92 -1.43 -8.10
C ASP B 391 -11.80 -0.68 -9.43
N ILE B 392 -11.46 -1.39 -10.50
CA ILE B 392 -11.47 -0.75 -11.85
C ILE B 392 -12.65 -1.40 -12.56
N LEU B 393 -13.62 -0.59 -13.02
CA LEU B 393 -14.86 -1.21 -13.57
C LEU B 393 -15.22 -0.62 -14.93
N THR B 394 -15.99 -1.39 -15.72
CA THR B 394 -16.52 -0.86 -17.00
C THR B 394 -18.03 -0.99 -16.87
N TYR B 395 -18.82 -0.31 -17.70
CA TYR B 395 -20.29 -0.36 -17.49
C TYR B 395 -20.79 -1.80 -17.69
N ASP B 396 -20.27 -2.50 -18.70
CA ASP B 396 -20.65 -3.92 -18.93
C ASP B 396 -20.21 -4.76 -17.71
N ASP B 397 -19.01 -4.51 -17.19
CA ASP B 397 -18.49 -5.28 -16.02
C ASP B 397 -19.41 -5.04 -14.82
N LEU B 398 -19.86 -3.79 -14.62
CA LEU B 398 -20.74 -3.45 -13.46
C LEU B 398 -22.04 -4.23 -13.58
N LEU B 399 -22.60 -4.31 -14.80
CA LEU B 399 -23.88 -5.06 -15.01
C LEU B 399 -23.67 -6.54 -14.67
N ARG B 400 -22.53 -7.10 -15.08
CA ARG B 400 -22.24 -8.54 -14.80
C ARG B 400 -22.14 -8.75 -13.28
N ARG B 401 -21.51 -7.82 -12.57
CA ARG B 401 -21.38 -7.94 -11.09
C ARG B 401 -22.78 -7.89 -10.45
N LEU B 402 -23.64 -7.01 -10.95
CA LEU B 402 -25.03 -6.92 -10.42
C LEU B 402 -25.75 -8.24 -10.67
N ASN B 403 -25.57 -8.84 -11.86
CA ASN B 403 -26.21 -10.13 -12.19
C ASN B 403 -25.70 -11.21 -11.24
N ASN B 404 -24.39 -11.21 -10.95
CA ASN B 404 -23.80 -12.24 -10.06
C ASN B 404 -24.41 -12.12 -8.66
N THR B 405 -24.58 -10.88 -8.18
CA THR B 405 -25.17 -10.66 -6.83
C THR B 405 -26.61 -11.18 -6.82
N ILE B 406 -27.38 -10.91 -7.88
CA ILE B 406 -28.80 -11.36 -7.94
C ILE B 406 -28.83 -12.89 -7.92
N GLU B 407 -27.97 -13.54 -8.69
CA GLU B 407 -27.98 -15.03 -8.77
C GLU B 407 -27.61 -15.62 -7.41
N ALA B 408 -26.62 -15.04 -6.71
CA ALA B 408 -26.21 -15.56 -5.39
C ALA B 408 -27.36 -15.42 -4.40
N LEU B 409 -28.08 -14.29 -4.44
CA LEU B 409 -29.24 -14.09 -3.53
C LEU B 409 -30.33 -15.11 -3.86
N LYS B 410 -30.56 -15.38 -5.15
CA LYS B 410 -31.58 -16.38 -5.58
C LYS B 410 -31.19 -17.76 -5.04
N GLY B 411 -29.90 -18.11 -5.10
CA GLY B 411 -29.43 -19.42 -4.64
C GLY B 411 -28.85 -19.36 -3.22
N MET C 4 33.14 -2.50 55.95
CA MET C 4 33.45 -2.31 57.39
C MET C 4 34.97 -2.25 57.58
N LEU C 5 35.73 -2.50 56.52
CA LEU C 5 37.21 -2.46 56.60
C LEU C 5 37.67 -1.03 56.90
N GLN C 6 38.68 -0.88 57.76
CA GLN C 6 39.21 0.47 58.11
C GLN C 6 40.67 0.57 57.65
N PHE C 7 41.01 1.64 56.94
CA PHE C 7 42.40 1.83 56.44
C PHE C 7 43.06 2.97 57.22
N SER C 8 44.21 2.68 57.84
CA SER C 8 44.94 3.71 58.64
C SER C 8 46.43 3.61 58.31
N PHE C 9 47.19 4.69 58.53
CA PHE C 9 48.62 4.66 58.15
C PHE C 9 49.50 4.49 59.39
N VAL C 10 50.24 3.39 59.47
CA VAL C 10 51.16 3.14 60.61
C VAL C 10 52.56 2.91 60.04
N SER C 11 53.58 3.59 60.56
CA SER C 11 54.98 3.46 60.04
C SER C 11 55.01 3.80 58.55
N ASN C 12 54.24 4.80 58.12
CA ASN C 12 54.23 5.25 56.69
C ASN C 12 53.77 4.10 55.77
N ASP C 13 52.91 3.22 56.27
CA ASP C 13 52.36 2.15 55.39
C ASP C 13 50.87 1.95 55.72
N VAL C 14 50.06 1.61 54.72
CA VAL C 14 48.59 1.43 54.92
C VAL C 14 48.34 0.17 55.75
N VAL C 15 47.38 0.22 56.67
CA VAL C 15 47.02 -0.97 57.50
C VAL C 15 45.53 -1.25 57.28
N MET C 16 45.17 -2.50 56.99
CA MET C 16 43.73 -2.86 56.84
C MET C 16 43.29 -3.64 58.09
N THR C 17 42.20 -3.21 58.72
CA THR C 17 41.72 -3.89 59.96
C THR C 17 40.45 -4.68 59.63
N TYR C 18 40.40 -5.95 60.02
CA TYR C 18 39.23 -6.81 59.71
C TYR C 18 38.49 -7.15 61.01
N ASP C 19 37.18 -6.91 61.05
CA ASP C 19 36.37 -7.19 62.27
C ASP C 19 35.79 -8.60 62.17
N GLU C 24 30.92 -15.74 64.36
CA GLU C 24 32.29 -15.14 64.33
C GLU C 24 33.15 -15.91 63.32
N GLN C 25 33.52 -15.27 62.22
CA GLN C 25 34.34 -15.93 61.17
C GLN C 25 35.82 -15.66 61.43
N ILE C 26 36.13 -14.87 62.47
CA ILE C 26 37.55 -14.50 62.76
C ILE C 26 38.36 -15.79 62.97
N ILE C 27 37.80 -16.75 63.71
CA ILE C 27 38.50 -18.05 63.93
C ILE C 27 38.69 -18.75 62.58
N TRP C 28 37.67 -18.71 61.71
CA TRP C 28 37.76 -19.36 60.38
C TRP C 28 38.88 -18.71 59.56
N VAL C 29 39.00 -17.38 59.62
CA VAL C 29 40.02 -16.65 58.81
C VAL C 29 41.41 -17.13 59.26
N TRP C 30 41.62 -17.28 60.57
CA TRP C 30 42.93 -17.78 61.07
C TRP C 30 43.16 -19.22 60.59
N GLU C 31 42.13 -20.05 60.61
CA GLU C 31 42.27 -21.46 60.13
C GLU C 31 42.61 -21.44 58.64
N SER C 32 41.93 -20.59 57.86
CA SER C 32 42.19 -20.49 56.40
C SER C 32 43.63 -19.98 56.16
N LEU C 33 44.10 -19.05 57.00
CA LEU C 33 45.49 -18.53 56.86
C LEU C 33 46.47 -19.68 57.07
N ASN C 34 46.20 -20.56 58.04
CA ASN C 34 47.07 -21.74 58.27
C ASN C 34 47.00 -22.68 57.06
N LYS C 35 45.81 -22.93 56.53
CA LYS C 35 45.65 -23.88 55.41
C LYS C 35 46.35 -23.36 54.15
N PHE C 36 46.15 -22.07 53.83
CA PHE C 36 46.76 -21.47 52.62
C PHE C 36 47.19 -20.02 52.93
N GLN C 37 48.28 -19.57 52.33
CA GLN C 37 48.76 -18.19 52.58
C GLN C 37 47.70 -17.20 52.09
N THR C 38 47.09 -17.45 50.92
CA THR C 38 46.12 -16.49 50.35
C THR C 38 44.75 -16.64 51.03
N VAL C 39 44.18 -15.53 51.52
CA VAL C 39 42.82 -15.56 52.14
C VAL C 39 41.96 -14.47 51.51
N CYS C 40 40.76 -14.83 51.04
CA CYS C 40 39.86 -13.84 50.38
C CYS C 40 39.10 -13.06 51.46
N ILE C 41 39.39 -11.78 51.61
CA ILE C 41 38.65 -10.92 52.59
C ILE C 41 37.69 -10.04 51.79
N SER C 42 36.37 -10.22 51.98
CA SER C 42 35.33 -9.44 51.25
C SER C 42 35.25 -9.92 49.80
N ARG C 43 36.00 -10.97 49.45
CA ARG C 43 35.99 -11.57 48.07
C ARG C 43 36.76 -10.66 47.09
N ILE C 44 37.35 -9.58 47.58
CA ILE C 44 38.10 -8.63 46.69
C ILE C 44 39.56 -8.52 47.13
N PHE C 45 39.88 -8.97 48.36
CA PHE C 45 41.26 -8.79 48.88
C PHE C 45 41.90 -10.14 49.19
N ASN C 46 43.13 -10.37 48.74
CA ASN C 46 43.86 -11.61 49.10
C ASN C 46 44.93 -11.21 50.11
N PHE C 47 44.97 -11.84 51.28
CA PHE C 47 45.93 -11.41 52.32
C PHE C 47 46.77 -12.60 52.79
N GLN C 48 47.98 -12.34 53.30
CA GLN C 48 48.90 -13.45 53.65
C GLN C 48 49.43 -13.31 55.09
N LEU C 49 50.03 -14.38 55.62
CA LEU C 49 50.57 -14.37 57.01
C LEU C 49 51.65 -13.29 57.12
N GLN C 50 52.46 -13.11 56.08
CA GLN C 50 53.54 -12.09 56.09
C GLN C 50 52.92 -10.70 56.25
N ASP C 51 51.79 -10.47 55.58
CA ASP C 51 51.12 -9.14 55.61
C ASP C 51 50.59 -8.86 57.01
N LEU C 52 50.35 -9.89 57.82
CA LEU C 52 49.73 -9.59 59.14
C LEU C 52 50.70 -8.72 59.95
N ARG C 53 50.26 -7.52 60.35
CA ARG C 53 51.12 -6.67 61.24
C ARG C 53 51.19 -7.39 62.59
N ASN C 54 50.05 -7.93 63.06
CA ASN C 54 50.02 -8.65 64.35
C ASN C 54 49.21 -9.94 64.16
N PRO C 55 49.85 -11.11 63.94
CA PRO C 55 49.13 -12.37 63.70
C PRO C 55 48.31 -12.84 64.90
N PRO C 56 47.07 -13.35 64.70
CA PRO C 56 46.26 -13.90 65.80
C PRO C 56 46.76 -15.27 66.29
N SER C 57 46.43 -15.64 67.53
CA SER C 57 46.83 -16.97 68.06
C SER C 57 45.60 -17.67 68.64
N THR C 58 45.63 -18.99 68.72
CA THR C 58 44.47 -19.77 69.25
C THR C 58 44.24 -19.40 70.72
N VAL C 59 45.30 -19.20 71.50
CA VAL C 59 45.16 -18.90 72.95
C VAL C 59 44.41 -17.58 73.11
N GLN C 60 44.74 -16.57 72.30
CA GLN C 60 44.01 -15.28 72.35
C GLN C 60 42.58 -15.49 71.88
N ASP C 61 41.61 -14.85 72.54
CA ASP C 61 40.19 -14.96 72.05
C ASP C 61 40.12 -14.32 70.66
N PHE C 62 39.53 -15.01 69.70
CA PHE C 62 39.42 -14.49 68.32
C PHE C 62 38.53 -13.24 68.29
N ASN C 63 37.42 -13.28 69.03
CA ASN C 63 36.47 -12.13 69.04
C ASN C 63 37.17 -10.90 69.63
N ASP C 64 37.92 -11.09 70.72
CA ASP C 64 38.67 -9.97 71.36
C ASP C 64 39.76 -9.47 70.39
N TYR C 65 40.44 -10.38 69.70
CA TYR C 65 41.57 -9.99 68.81
C TYR C 65 41.07 -9.16 67.62
N GLU C 66 41.84 -8.15 67.22
CA GLU C 66 41.48 -7.33 66.03
C GLU C 66 42.51 -7.58 64.93
N TYR C 67 42.08 -7.99 63.74
CA TYR C 67 43.03 -8.32 62.66
C TYR C 67 43.82 -7.09 62.23
N SER C 68 45.13 -7.24 62.04
CA SER C 68 45.97 -6.11 61.54
C SER C 68 46.73 -6.61 60.30
N PHE C 69 46.66 -5.87 59.20
CA PHE C 69 47.30 -6.34 57.94
C PHE C 69 48.08 -5.20 57.29
N ASN C 70 49.10 -5.51 56.48
CA ASN C 70 49.81 -4.44 55.74
C ASN C 70 49.14 -4.34 54.37
N PHE C 71 48.42 -3.25 54.13
CA PHE C 71 47.65 -3.11 52.86
C PHE C 71 48.59 -2.68 51.74
N GLY C 72 49.34 -1.59 51.96
CA GLY C 72 50.27 -1.08 50.93
C GLY C 72 51.39 -0.28 51.56
N THR C 73 52.45 0.00 50.81
CA THR C 73 53.54 0.87 51.34
C THR C 73 53.50 2.21 50.61
N LEU C 74 53.43 3.32 51.36
CA LEU C 74 53.34 4.66 50.72
C LEU C 74 54.75 5.11 50.32
N ASN C 75 54.95 5.41 49.03
CA ASN C 75 56.28 5.84 48.53
C ASN C 75 56.15 7.22 47.89
N ASN C 76 56.98 8.19 48.32
CA ASN C 76 56.98 9.55 47.72
C ASN C 76 55.58 10.17 47.82
N GLU C 77 54.86 9.92 48.92
CA GLU C 77 53.50 10.50 49.15
C GLU C 77 52.47 9.83 48.24
N TYR C 78 52.82 8.71 47.62
CA TYR C 78 51.84 7.96 46.78
C TYR C 78 51.73 6.52 47.29
N ILE C 79 50.51 6.07 47.56
CA ILE C 79 50.30 4.69 48.08
C ILE C 79 50.66 3.68 46.99
N THR C 80 51.38 2.62 47.33
CA THR C 80 51.69 1.56 46.33
C THR C 80 51.09 0.24 46.83
N VAL C 81 50.23 -0.39 46.03
CA VAL C 81 49.51 -1.62 46.48
C VAL C 81 50.03 -2.82 45.68
N PRO C 82 50.42 -3.94 46.31
CA PRO C 82 50.98 -5.09 45.60
C PRO C 82 49.98 -5.81 44.68
N GLY C 83 50.48 -6.43 43.60
CA GLY C 83 49.60 -7.16 42.67
C GLY C 83 48.91 -8.35 43.31
N ARG C 84 49.60 -9.06 44.23
CA ARG C 84 49.04 -10.31 44.81
C ARG C 84 47.72 -10.07 45.54
N ILE C 85 47.59 -8.94 46.26
CA ILE C 85 46.35 -8.71 47.07
C ILE C 85 45.14 -8.64 46.14
N LEU C 86 45.29 -8.00 44.97
CA LEU C 86 44.17 -7.86 44.00
C LEU C 86 44.23 -9.01 42.99
N SER C 87 45.14 -9.97 43.19
CA SER C 87 45.33 -11.11 42.23
C SER C 87 45.51 -10.59 40.80
N ILE C 88 46.34 -9.54 40.62
CA ILE C 88 46.63 -9.01 39.26
C ILE C 88 48.15 -8.91 39.09
N ASN C 89 48.65 -9.02 37.85
CA ASN C 89 50.12 -9.01 37.61
C ASN C 89 50.75 -7.67 38.00
N ARG C 90 50.08 -6.54 37.69
CA ARG C 90 50.70 -5.21 37.93
C ARG C 90 50.28 -4.61 39.27
N ASP C 91 51.11 -3.72 39.84
CA ASP C 91 50.77 -3.06 41.13
C ASP C 91 49.76 -1.93 40.89
N VAL C 92 49.16 -1.40 41.96
CA VAL C 92 48.18 -0.27 41.83
C VAL C 92 48.69 0.91 42.66
N LEU C 93 48.68 2.12 42.09
CA LEU C 93 49.16 3.33 42.80
C LEU C 93 47.94 4.22 43.12
N ILE C 94 47.82 4.66 44.38
CA ILE C 94 46.68 5.55 44.79
C ILE C 94 47.26 6.90 45.24
N HIS C 95 46.70 8.01 44.75
CA HIS C 95 47.15 9.36 45.18
C HIS C 95 46.73 9.60 46.64
N LYS C 96 47.51 10.38 47.39
CA LYS C 96 47.21 10.65 48.82
C LYS C 96 45.87 11.38 48.94
N SER C 97 45.58 12.33 48.05
CA SER C 97 44.33 13.14 48.15
C SER C 97 43.11 12.21 48.00
N ILE C 98 43.20 11.23 47.11
CA ILE C 98 42.07 10.27 46.89
C ILE C 98 41.89 9.42 48.15
N LYS C 99 40.66 9.34 48.65
CA LYS C 99 40.37 8.57 49.89
C LYS C 99 40.66 7.08 49.66
N LEU C 100 41.18 6.39 50.68
CA LEU C 100 41.41 4.93 50.56
C LEU C 100 40.27 4.20 51.26
N GLU C 101 39.55 3.34 50.54
CA GLU C 101 38.38 2.64 51.13
C GLU C 101 38.07 1.39 50.29
N ARG C 102 37.06 0.61 50.70
CA ARG C 102 36.65 -0.58 49.93
C ARG C 102 36.02 -0.13 48.60
N LYS C 103 35.26 0.97 48.62
CA LYS C 103 34.55 1.44 47.39
C LYS C 103 35.53 1.81 46.26
N VAL C 104 36.64 2.50 46.57
CA VAL C 104 37.53 2.86 45.43
C VAL C 104 38.09 1.55 44.84
N PHE C 105 38.44 0.60 45.71
CA PHE C 105 38.98 -0.71 45.24
C PHE C 105 37.91 -1.58 44.55
N ALA C 106 36.68 -1.62 45.05
CA ALA C 106 35.69 -2.56 44.46
C ALA C 106 34.33 -1.91 44.18
N SER C 107 33.68 -2.29 43.08
CA SER C 107 32.34 -1.76 42.75
C SER C 107 31.26 -2.53 43.51
N GLU C 108 29.99 -2.38 43.11
CA GLU C 108 28.87 -3.09 43.79
C GLU C 108 28.96 -4.59 43.48
N ARG C 109 28.42 -5.44 44.36
CA ARG C 109 28.45 -6.91 44.17
C ARG C 109 29.90 -7.41 44.17
N ASN C 110 30.78 -6.74 44.93
CA ASN C 110 32.20 -7.21 45.07
C ASN C 110 32.86 -7.37 43.69
N VAL C 111 32.65 -6.41 42.78
CA VAL C 111 33.32 -6.48 41.45
C VAL C 111 34.67 -5.75 41.54
N SER C 112 35.77 -6.45 41.26
CA SER C 112 37.12 -5.82 41.36
C SER C 112 37.33 -4.83 40.21
N ILE C 113 37.29 -3.53 40.51
CA ILE C 113 37.49 -2.48 39.47
C ILE C 113 38.92 -2.60 38.93
N PHE C 114 39.89 -2.72 39.82
CA PHE C 114 41.32 -2.81 39.41
C PHE C 114 41.57 -4.11 38.64
N GLY C 115 40.95 -5.21 39.09
CA GLY C 115 41.12 -6.50 38.39
C GLY C 115 40.58 -6.43 36.97
N ARG C 116 39.38 -5.87 36.79
CA ARG C 116 38.80 -5.72 35.43
C ARG C 116 39.70 -4.83 34.58
N LEU C 117 40.16 -3.70 35.14
CA LEU C 117 41.00 -2.74 34.38
C LEU C 117 42.31 -3.41 33.96
N SER C 118 42.90 -4.23 34.84
CA SER C 118 44.21 -4.87 34.55
C SER C 118 44.07 -5.79 33.33
N LYS C 119 42.96 -6.54 33.25
CA LYS C 119 42.74 -7.45 32.09
C LYS C 119 42.63 -6.62 30.81
N LEU C 120 41.89 -5.50 30.87
CA LEU C 120 41.71 -4.63 29.68
C LEU C 120 43.05 -4.01 29.26
N LEU C 121 43.86 -3.57 30.22
CA LEU C 121 45.14 -2.89 29.90
C LEU C 121 46.13 -3.90 29.34
N ASP C 122 46.50 -3.77 28.06
CA ASP C 122 47.52 -4.67 27.45
C ASP C 122 48.88 -4.40 28.09
N HIS C 123 49.22 -3.12 28.33
CA HIS C 123 50.55 -2.76 28.90
C HIS C 123 50.65 -3.22 30.36
N THR C 124 51.84 -3.64 30.79
CA THR C 124 52.03 -4.16 32.18
C THR C 124 52.37 -3.02 33.15
N ASN C 125 52.47 -1.79 32.63
CA ASN C 125 52.77 -0.62 33.50
C ASN C 125 51.80 -0.62 34.68
N PRO C 126 52.26 -0.38 35.93
CA PRO C 126 51.38 -0.46 37.09
C PRO C 126 50.24 0.57 36.97
N ILE C 127 49.02 0.16 37.35
CA ILE C 127 47.85 1.08 37.27
C ILE C 127 48.14 2.27 38.20
N ILE C 128 47.90 3.49 37.73
CA ILE C 128 48.13 4.70 38.57
C ILE C 128 46.82 5.48 38.70
N ILE C 129 46.41 5.79 39.93
CA ILE C 129 45.16 6.59 40.15
C ILE C 129 45.56 7.91 40.81
N GLY C 130 45.51 9.01 40.05
CA GLY C 130 45.86 10.34 40.59
C GLY C 130 47.36 10.60 40.55
N GLY C 131 47.79 11.77 41.04
CA GLY C 131 49.22 12.13 41.02
C GLY C 131 49.60 12.88 39.75
N ASP C 132 50.86 13.26 39.61
CA ASP C 132 51.33 14.05 38.43
C ASP C 132 51.90 13.11 37.36
N LYS C 133 51.81 11.80 37.57
CA LYS C 133 52.40 10.82 36.62
C LYS C 133 51.82 11.04 35.21
N PRO C 134 52.57 10.74 34.12
CA PRO C 134 52.07 10.98 32.76
C PRO C 134 50.81 10.16 32.48
N GLU C 135 50.80 8.89 32.91
CA GLU C 135 49.66 7.98 32.62
C GLU C 135 48.74 7.91 33.85
N ALA C 136 48.85 8.89 34.75
CA ALA C 136 47.98 8.91 35.96
C ALA C 136 46.53 9.09 35.53
N ILE C 137 45.61 8.37 36.18
CA ILE C 137 44.16 8.57 35.87
C ILE C 137 43.68 9.73 36.75
N PRO C 138 43.11 10.82 36.18
CA PRO C 138 42.70 11.98 36.97
C PRO C 138 41.62 11.58 37.98
N LYS C 139 41.64 12.21 39.16
CA LYS C 139 40.68 11.85 40.23
C LYS C 139 39.26 12.10 39.71
N SER C 140 39.04 13.25 39.06
CA SER C 140 37.70 13.57 38.51
C SER C 140 37.21 12.42 37.63
N VAL C 141 38.07 11.94 36.72
CA VAL C 141 37.68 10.83 35.79
C VAL C 141 37.39 9.57 36.60
N PHE C 142 38.21 9.27 37.62
CA PHE C 142 38.02 8.03 38.41
C PHE C 142 36.67 8.07 39.14
N GLN C 143 36.31 9.24 39.69
CA GLN C 143 35.00 9.39 40.37
C GLN C 143 33.87 9.21 39.35
N GLU C 144 34.06 9.75 38.14
CA GLU C 144 33.03 9.60 37.06
C GLU C 144 32.88 8.12 36.73
N LEU C 145 33.98 7.37 36.67
CA LEU C 145 33.93 5.91 36.39
C LEU C 145 33.14 5.22 37.50
N GLN C 146 33.35 5.62 38.76
CA GLN C 146 32.66 4.99 39.91
C GLN C 146 31.15 5.23 39.79
N SER C 147 30.73 6.45 39.41
CA SER C 147 29.29 6.74 39.22
C SER C 147 28.75 5.87 38.08
N LYS C 148 29.53 5.70 37.01
CA LYS C 148 29.11 4.85 35.86
C LYS C 148 28.93 3.41 36.32
N PHE C 149 29.78 2.92 37.23
CA PHE C 149 29.71 1.48 37.63
C PHE C 149 28.33 1.19 38.22
N PRO C 150 27.73 0.01 37.96
CA PRO C 150 26.36 -0.28 38.40
C PRO C 150 26.13 -0.18 39.91
N ASN C 151 25.03 0.46 40.32
CA ASN C 151 24.71 0.57 41.78
C ASN C 151 23.61 -0.46 42.11
N THR C 152 23.14 -0.46 43.36
CA THR C 152 22.10 -1.42 43.78
C THR C 152 20.83 -1.17 42.96
N GLY C 153 20.48 0.10 42.73
CA GLY C 153 19.25 0.43 41.98
C GLY C 153 19.30 -0.07 40.56
N GLU C 154 20.44 0.10 39.87
CA GLU C 154 20.58 -0.38 38.47
C GLU C 154 20.48 -1.91 38.43
N LEU C 155 21.12 -2.59 39.39
CA LEU C 155 21.08 -4.07 39.43
C LEU C 155 19.63 -4.52 39.62
N ASP C 156 18.89 -3.85 40.52
CA ASP C 156 17.47 -4.17 40.75
C ASP C 156 16.67 -3.91 39.47
N ARG C 157 16.94 -2.77 38.80
CA ARG C 157 16.21 -2.41 37.56
C ARG C 157 16.50 -3.43 36.47
N TYR C 158 17.77 -3.85 36.33
CA TYR C 158 18.14 -4.88 35.31
C TYR C 158 17.42 -6.18 35.65
N ALA C 159 17.40 -6.54 36.94
CA ALA C 159 16.73 -7.80 37.36
C ALA C 159 15.23 -7.71 37.02
N ASN C 160 14.62 -6.57 37.29
CA ASN C 160 13.18 -6.38 36.97
C ASN C 160 12.99 -6.46 35.45
N ALA C 161 13.89 -5.85 34.68
CA ALA C 161 13.79 -5.89 33.21
C ALA C 161 13.94 -7.33 32.71
N ARG C 162 14.87 -8.09 33.30
CA ARG C 162 15.13 -9.47 32.80
C ARG C 162 13.88 -10.35 33.01
N VAL C 163 13.27 -10.29 34.20
CA VAL C 163 12.02 -11.07 34.45
C VAL C 163 10.88 -10.55 33.56
N HIS C 164 10.82 -9.22 33.37
CA HIS C 164 9.74 -8.61 32.56
C HIS C 164 9.75 -9.20 31.14
N ALA C 165 10.91 -9.28 30.50
CA ALA C 165 10.98 -9.75 29.09
C ALA C 165 10.49 -11.20 28.96
N ILE C 166 10.85 -12.07 29.90
CA ILE C 166 10.48 -13.52 29.80
C ILE C 166 8.96 -13.70 29.85
N LEU C 167 8.26 -12.97 30.72
CA LEU C 167 6.80 -13.18 30.91
C LEU C 167 5.98 -12.00 30.37
N ALA C 168 6.55 -11.17 29.50
CA ALA C 168 5.83 -9.95 29.07
C ALA C 168 4.51 -10.31 28.40
N GLY C 169 4.51 -11.29 27.50
CA GLY C 169 3.25 -11.72 26.84
C GLY C 169 2.29 -12.39 27.80
N TYR C 170 2.80 -13.19 28.75
CA TYR C 170 1.92 -13.99 29.63
C TYR C 170 1.19 -13.14 30.68
N LEU C 171 1.90 -12.58 31.67
CA LEU C 171 1.20 -11.87 32.77
C LEU C 171 0.41 -10.66 32.27
N ASP C 172 1.01 -9.79 31.44
CA ASP C 172 0.32 -8.61 30.86
C ASP C 172 -0.04 -7.60 31.95
N GLY C 173 0.49 -7.77 33.17
CA GLY C 173 0.18 -6.86 34.30
C GLY C 173 1.42 -6.25 34.91
N MET C 174 2.55 -6.35 34.22
CA MET C 174 3.85 -5.88 34.78
C MET C 174 3.95 -4.35 34.69
N LYS C 175 4.95 -3.76 35.36
CA LYS C 175 5.10 -2.28 35.41
C LYS C 175 6.00 -1.79 34.27
N ASP C 176 6.28 -2.65 33.27
CA ASP C 176 7.09 -2.24 32.10
C ASP C 176 8.49 -1.82 32.58
N ALA C 177 9.06 -2.58 33.53
CA ALA C 177 10.39 -2.26 34.09
C ALA C 177 11.45 -2.17 32.97
N ARG C 178 11.24 -2.87 31.85
CA ARG C 178 12.20 -2.74 30.72
C ARG C 178 12.33 -1.27 30.31
N GLU C 179 11.21 -0.58 30.06
CA GLU C 179 11.27 0.84 29.61
C GLU C 179 12.02 1.67 30.66
N ARG C 180 11.75 1.44 31.95
CA ARG C 180 12.47 2.17 33.03
C ARG C 180 13.97 1.88 32.92
N TYR C 181 14.35 0.60 32.87
CA TYR C 181 15.79 0.24 32.88
C TYR C 181 16.50 0.83 31.66
N GLU C 182 15.87 0.72 30.48
CA GLU C 182 16.50 1.23 29.23
C GLU C 182 16.69 2.75 29.33
N HIS C 183 15.68 3.46 29.85
CA HIS C 183 15.75 4.94 29.94
C HIS C 183 16.89 5.35 30.89
N TYR C 184 17.01 4.67 32.03
CA TYR C 184 18.09 4.99 33.00
C TYR C 184 19.45 4.70 32.34
N LEU C 185 19.54 3.60 31.60
CA LEU C 185 20.80 3.24 30.89
C LEU C 185 21.11 4.32 29.84
N ASN C 186 20.09 4.82 29.14
CA ASN C 186 20.31 5.80 28.03
C ASN C 186 20.97 7.07 28.56
N ARG C 187 20.60 7.50 29.77
CA ARG C 187 21.15 8.76 30.34
C ARG C 187 22.67 8.66 30.44
N LYS C 188 23.18 7.47 30.79
CA LYS C 188 24.64 7.26 30.96
C LYS C 188 25.26 6.72 29.67
N THR C 189 26.06 7.52 28.97
CA THR C 189 26.76 7.02 27.76
C THR C 189 28.23 6.79 28.09
N VAL C 190 28.70 5.55 28.00
CA VAL C 190 30.11 5.24 28.39
C VAL C 190 31.04 5.36 27.18
N ILE C 191 30.47 5.48 25.98
CA ILE C 191 31.29 5.57 24.73
C ILE C 191 31.92 6.97 24.62
N ARG C 192 33.01 7.09 23.86
CA ARG C 192 33.62 8.43 23.63
C ARG C 192 33.39 8.79 22.16
N LYS C 193 32.89 10.01 21.87
CA LYS C 193 32.57 10.39 20.48
C LYS C 193 33.79 10.20 19.56
N THR C 194 35.00 10.43 20.07
CA THR C 194 36.25 10.30 19.28
C THR C 194 36.46 8.86 18.82
N ASP C 195 36.03 7.87 19.62
CA ASP C 195 36.31 6.44 19.32
C ASP C 195 35.67 5.98 18.00
N LYS C 196 34.58 6.60 17.56
CA LYS C 196 33.87 6.10 16.35
C LYS C 196 34.83 6.09 15.13
N LEU C 197 34.76 5.03 14.31
CA LEU C 197 35.67 4.89 13.15
C LEU C 197 35.42 5.99 12.11
N ASP C 198 36.49 6.53 11.52
CA ASP C 198 36.33 7.56 10.45
C ASP C 198 35.65 6.91 9.24
N LEU C 199 36.04 5.67 8.89
CA LEU C 199 35.43 4.93 7.76
C LEU C 199 35.54 5.74 6.47
N GLU C 200 36.31 6.83 6.48
CA GLU C 200 36.41 7.73 5.30
C GLU C 200 37.04 6.98 4.11
N VAL C 201 38.07 6.15 4.36
CA VAL C 201 38.78 5.45 3.26
C VAL C 201 37.79 4.53 2.54
N LEU C 202 36.96 3.82 3.30
CA LEU C 202 35.94 2.93 2.68
C LEU C 202 34.95 3.80 1.87
N ASN C 203 34.55 4.95 2.40
CA ASN C 203 33.55 5.81 1.71
C ASN C 203 34.14 6.31 0.39
N LYS C 204 35.43 6.63 0.37
CA LYS C 204 36.10 7.11 -0.88
C LYS C 204 36.05 5.98 -1.92
N LEU C 205 36.26 4.74 -1.48
CA LEU C 205 36.20 3.57 -2.40
C LEU C 205 34.79 3.43 -2.96
N GLU C 206 33.76 3.65 -2.13
CA GLU C 206 32.36 3.58 -2.60
C GLU C 206 32.11 4.67 -3.65
N ILE C 207 32.69 5.86 -3.45
CA ILE C 207 32.55 6.96 -4.46
C ILE C 207 33.19 6.47 -5.76
N GLU C 208 34.36 5.83 -5.67
CA GLU C 208 35.08 5.34 -6.87
C GLU C 208 34.18 4.34 -7.61
N LYS C 209 33.53 3.44 -6.87
CA LYS C 209 32.66 2.41 -7.51
C LYS C 209 31.48 3.10 -8.17
N TYR C 210 30.84 4.04 -7.47
CA TYR C 210 29.64 4.72 -8.01
C TYR C 210 30.01 5.56 -9.25
N THR C 211 31.15 6.25 -9.20
CA THR C 211 31.59 7.08 -10.36
C THR C 211 31.83 6.16 -11.56
N LEU C 212 32.46 5.00 -11.34
CA LEU C 212 32.77 4.09 -12.47
C LEU C 212 31.47 3.62 -13.11
N ILE C 213 30.48 3.24 -12.30
CA ILE C 213 29.16 2.79 -12.84
C ILE C 213 28.51 3.96 -13.56
N ARG C 214 28.48 5.13 -12.93
CA ARG C 214 27.82 6.32 -13.52
C ARG C 214 28.44 6.63 -14.89
N ASP C 215 29.78 6.70 -14.95
CA ASP C 215 30.45 7.09 -16.22
C ASP C 215 30.15 6.06 -17.32
N ILE C 216 30.20 4.77 -16.99
CA ILE C 216 29.99 3.72 -18.04
C ILE C 216 28.55 3.82 -18.58
N ILE C 217 27.57 4.01 -17.69
CA ILE C 217 26.16 4.16 -18.14
C ILE C 217 26.06 5.44 -18.97
N GLN C 218 26.69 6.53 -18.52
CA GLN C 218 26.64 7.82 -19.24
C GLN C 218 27.24 7.64 -20.64
N ASP C 219 28.40 6.98 -20.73
CA ASP C 219 29.09 6.82 -22.04
C ASP C 219 28.19 6.03 -23.00
N ALA C 220 27.52 4.99 -22.50
CA ALA C 220 26.62 4.17 -23.35
C ALA C 220 25.46 5.05 -23.84
N LEU C 221 24.88 5.85 -22.96
CA LEU C 221 23.70 6.68 -23.35
C LEU C 221 24.11 7.62 -24.49
N ASN C 222 25.04 8.54 -24.23
CA ASN C 222 25.42 9.55 -25.25
C ASN C 222 26.08 8.94 -26.49
N ASN C 223 26.99 7.97 -26.32
CA ASN C 223 27.76 7.47 -27.50
C ASN C 223 27.27 6.11 -28.03
N LYS C 224 27.10 5.11 -27.17
CA LYS C 224 26.78 3.75 -27.68
C LYS C 224 25.27 3.55 -27.88
N THR C 225 24.67 4.25 -28.86
CA THR C 225 23.24 4.01 -29.18
C THR C 225 23.17 2.88 -30.21
N ASN C 226 24.31 2.49 -30.77
CA ASN C 226 24.38 1.41 -31.80
C ASN C 226 23.93 0.07 -31.22
N LEU C 227 24.24 -0.21 -29.95
CA LEU C 227 23.95 -1.54 -29.35
C LEU C 227 22.45 -1.85 -29.41
N SER C 228 22.10 -3.11 -29.70
CA SER C 228 20.67 -3.54 -29.74
C SER C 228 20.15 -3.68 -28.31
N GLU C 229 18.84 -3.84 -28.13
CA GLU C 229 18.26 -3.88 -26.76
C GLU C 229 18.86 -5.07 -25.99
N ASP C 230 19.04 -6.21 -26.64
CA ASP C 230 19.69 -7.38 -25.99
C ASP C 230 21.13 -6.99 -25.61
N ASP C 231 21.83 -6.30 -26.51
CA ASP C 231 23.23 -5.85 -26.22
C ASP C 231 23.20 -4.85 -25.06
N TRP C 232 22.19 -3.98 -25.00
CA TRP C 232 22.09 -2.99 -23.90
C TRP C 232 21.91 -3.72 -22.57
N GLN C 233 21.02 -4.72 -22.54
CA GLN C 233 20.73 -5.45 -21.28
C GLN C 233 22.00 -6.14 -20.80
N SER C 234 22.77 -6.73 -21.71
CA SER C 234 23.99 -7.48 -21.32
C SER C 234 24.99 -6.54 -20.64
N LEU C 235 25.16 -5.33 -21.17
CA LEU C 235 26.08 -4.34 -20.56
C LEU C 235 25.59 -3.97 -19.16
N MET C 236 24.27 -3.86 -18.97
CA MET C 236 23.71 -3.40 -17.67
C MET C 236 23.65 -4.52 -16.63
N ILE C 237 23.69 -5.80 -17.02
CA ILE C 237 23.50 -6.90 -16.01
C ILE C 237 24.56 -6.88 -14.90
N PRO C 238 25.89 -6.66 -15.13
CA PRO C 238 26.83 -6.60 -14.03
C PRO C 238 26.51 -5.42 -13.11
N PHE C 239 26.15 -4.27 -13.70
CA PHE C 239 25.83 -3.06 -12.90
C PHE C 239 24.54 -3.24 -12.10
N ILE C 240 23.61 -4.10 -12.55
CA ILE C 240 22.28 -4.19 -11.88
C ILE C 240 22.46 -4.59 -10.41
N THR C 241 23.34 -5.55 -10.13
CA THR C 241 23.59 -5.94 -8.71
C THR C 241 24.19 -4.76 -7.94
N LEU C 242 25.12 -4.02 -8.55
CA LEU C 242 25.78 -2.88 -7.85
C LEU C 242 24.77 -1.75 -7.67
N LEU C 243 23.95 -1.46 -8.69
CA LEU C 243 22.91 -0.41 -8.59
C LEU C 243 21.90 -0.79 -7.51
N PHE C 244 21.53 -2.07 -7.45
CA PHE C 244 20.54 -2.56 -6.46
C PHE C 244 21.18 -3.67 -5.63
N PRO C 245 21.95 -3.35 -4.56
CA PRO C 245 22.68 -4.36 -3.76
C PRO C 245 21.79 -5.38 -3.06
N LYS C 246 20.52 -5.03 -2.83
CA LYS C 246 19.59 -5.94 -2.10
C LYS C 246 19.49 -7.26 -2.89
N TYR C 247 19.48 -7.18 -4.23
CA TYR C 247 19.36 -8.40 -5.06
C TYR C 247 20.75 -8.98 -5.31
N ILE C 248 21.09 -10.06 -4.61
CA ILE C 248 22.45 -10.67 -4.69
C ILE C 248 22.73 -11.32 -6.06
N LYS C 249 21.76 -11.96 -6.70
CA LYS C 249 22.05 -12.73 -7.94
C LYS C 249 21.20 -12.28 -9.12
N VAL C 250 21.71 -12.48 -10.36
CA VAL C 250 20.95 -12.13 -11.59
C VAL C 250 20.66 -13.42 -12.36
N LEU C 251 19.39 -13.67 -12.70
CA LEU C 251 19.00 -14.89 -13.46
C LEU C 251 18.55 -14.49 -14.86
N GLU C 252 18.98 -15.20 -15.90
CA GLU C 252 18.65 -14.82 -17.29
C GLU C 252 17.83 -15.91 -17.97
N LYS C 253 16.84 -15.52 -18.79
CA LYS C 253 15.99 -16.50 -19.53
C LYS C 253 15.33 -17.48 -18.55
N VAL C 254 14.79 -16.95 -17.45
CA VAL C 254 14.12 -17.80 -16.42
C VAL C 254 12.81 -18.34 -17.02
N LYS C 255 12.76 -19.66 -17.26
CA LYS C 255 11.52 -20.28 -17.80
C LYS C 255 10.42 -20.19 -16.74
N ILE C 256 9.23 -19.70 -17.12
CA ILE C 256 8.08 -19.58 -16.17
C ILE C 256 6.91 -20.35 -16.75
N PHE C 257 6.26 -21.20 -15.95
CA PHE C 257 5.07 -21.94 -16.43
C PHE C 257 3.88 -20.97 -16.49
N ASP C 258 3.16 -20.96 -17.62
CA ASP C 258 2.00 -20.04 -17.78
C ASP C 258 0.76 -20.90 -18.09
N TYR C 259 -0.34 -20.68 -17.38
CA TYR C 259 -1.54 -21.55 -17.56
C TYR C 259 -2.69 -20.69 -18.09
N TYR C 260 -2.73 -19.41 -17.74
CA TYR C 260 -3.84 -18.52 -18.15
C TYR C 260 -3.90 -18.32 -19.66
N SER C 261 -2.75 -18.14 -20.33
CA SER C 261 -2.78 -17.83 -21.79
C SER C 261 -3.41 -18.98 -22.57
N ASN C 262 -3.02 -20.22 -22.25
CA ASN C 262 -3.60 -21.41 -22.92
C ASN C 262 -3.94 -22.45 -21.84
N PRO C 263 -5.22 -22.62 -21.47
CA PRO C 263 -5.59 -23.55 -20.40
C PRO C 263 -5.22 -25.00 -20.73
N SER C 264 -5.44 -25.41 -21.98
CA SER C 264 -5.18 -26.82 -22.38
C SER C 264 -3.68 -27.17 -22.25
N ALA C 265 -2.79 -26.29 -22.70
CA ALA C 265 -1.34 -26.60 -22.67
C ALA C 265 -0.56 -25.47 -21.99
N LYS C 266 0.33 -25.82 -21.06
CA LYS C 266 1.15 -24.79 -20.35
C LYS C 266 2.10 -24.13 -21.37
N THR C 267 2.38 -22.84 -21.18
CA THR C 267 3.25 -22.09 -22.12
C THR C 267 4.46 -21.55 -21.35
N ASN C 268 5.64 -21.51 -21.99
CA ASN C 268 6.87 -21.08 -21.26
C ASN C 268 7.14 -19.59 -21.48
N ARG C 269 7.15 -18.80 -20.40
CA ARG C 269 7.46 -17.35 -20.50
C ARG C 269 8.89 -17.16 -19.99
N PHE C 270 9.73 -16.44 -20.74
CA PHE C 270 11.17 -16.34 -20.33
C PHE C 270 11.49 -14.96 -19.76
N ILE C 271 11.53 -14.83 -18.43
CA ILE C 271 11.95 -13.53 -17.82
C ILE C 271 13.39 -13.26 -18.26
N ASP C 272 13.60 -12.23 -19.08
CA ASP C 272 14.95 -11.89 -19.60
C ASP C 272 15.93 -11.71 -18.42
N ILE C 273 15.66 -10.75 -17.54
CA ILE C 273 16.52 -10.55 -16.34
C ILE C 273 15.68 -10.71 -15.07
N ALA C 274 16.13 -11.53 -14.12
CA ALA C 274 15.41 -11.72 -12.84
C ALA C 274 16.40 -11.50 -11.69
N LEU C 275 15.92 -11.06 -10.54
CA LEU C 275 16.83 -10.72 -9.41
C LEU C 275 16.49 -11.57 -8.19
N VAL C 276 17.50 -12.17 -7.55
CA VAL C 276 17.26 -12.98 -6.32
C VAL C 276 17.72 -12.19 -5.10
N ASP C 277 16.82 -11.91 -4.16
CA ASP C 277 17.14 -11.18 -2.90
C ASP C 277 18.01 -12.11 -2.04
N ALA C 278 18.66 -11.58 -1.00
CA ALA C 278 19.45 -12.43 -0.09
C ALA C 278 18.53 -13.48 0.53
N ASN C 279 17.26 -13.12 0.76
CA ASN C 279 16.29 -14.06 1.40
C ASN C 279 15.73 -15.02 0.35
N GLY C 280 16.22 -14.93 -0.89
CA GLY C 280 15.73 -15.82 -1.97
C GLY C 280 14.47 -15.28 -2.61
N ASN C 281 14.01 -14.10 -2.20
CA ASN C 281 12.81 -13.47 -2.83
C ASN C 281 13.11 -13.19 -4.31
N LEU C 282 12.11 -13.31 -5.18
CA LEU C 282 12.38 -13.15 -6.64
C LEU C 282 11.79 -11.84 -7.16
N ASP C 283 12.58 -11.07 -7.91
CA ASP C 283 12.12 -9.78 -8.48
C ASP C 283 12.44 -9.76 -9.98
N ILE C 284 11.76 -8.92 -10.76
CA ILE C 284 11.96 -8.88 -12.24
C ILE C 284 12.52 -7.50 -12.61
N ILE C 285 13.58 -7.44 -13.43
CA ILE C 285 14.09 -6.13 -13.89
C ILE C 285 13.97 -6.04 -15.41
N GLU C 286 13.39 -4.94 -15.92
CA GLU C 286 13.20 -4.78 -17.39
C GLU C 286 14.09 -3.63 -17.89
N VAL C 287 15.17 -3.97 -18.61
CA VAL C 287 16.11 -2.95 -19.17
C VAL C 287 15.64 -2.64 -20.60
N LYS C 288 15.23 -1.40 -20.86
CA LYS C 288 14.66 -1.02 -22.18
C LYS C 288 15.57 0.04 -22.82
N LYS C 289 15.62 0.09 -24.16
CA LYS C 289 16.53 1.04 -24.83
C LYS C 289 16.11 2.47 -24.47
N PRO C 290 17.04 3.35 -24.06
CA PRO C 290 16.72 4.75 -23.76
C PRO C 290 16.35 5.59 -24.98
N PHE C 291 15.38 6.50 -24.82
CA PHE C 291 15.00 7.43 -25.94
C PHE C 291 14.63 8.78 -25.30
N ASP C 292 14.71 9.87 -26.07
CA ASP C 292 14.28 11.18 -25.52
C ASP C 292 12.83 11.03 -25.09
N ASP C 293 12.47 11.52 -23.90
CA ASP C 293 11.09 11.28 -23.38
C ASP C 293 10.87 9.76 -23.33
N LYS C 294 9.78 9.27 -23.90
CA LYS C 294 9.46 7.81 -23.94
C LYS C 294 8.92 7.40 -22.56
N ILE C 295 8.80 8.37 -21.65
CA ILE C 295 8.21 8.09 -20.31
C ILE C 295 6.89 8.86 -20.27
N LEU C 296 6.57 9.58 -21.36
CA LEU C 296 5.36 10.43 -21.36
C LEU C 296 4.91 10.70 -22.81
N ARG C 297 3.62 11.02 -23.00
CA ARG C 297 3.06 11.35 -24.34
C ARG C 297 3.21 12.86 -24.61
N LYS C 298 3.36 13.25 -25.87
CA LYS C 298 3.56 14.68 -26.23
C LYS C 298 2.32 15.50 -25.82
N THR C 299 1.12 14.97 -26.05
CA THR C 299 -0.11 15.75 -25.77
C THR C 299 -0.83 15.16 -24.55
N PRO C 300 -1.19 15.99 -23.53
CA PRO C 300 -1.93 15.50 -22.36
C PRO C 300 -3.36 15.10 -22.70
N TYR C 301 -3.86 14.03 -22.08
CA TYR C 301 -5.27 13.60 -22.32
C TYR C 301 -6.19 14.26 -21.29
N ARG C 302 -7.08 15.14 -21.76
CA ARG C 302 -8.02 15.85 -20.84
C ARG C 302 -7.24 16.60 -19.76
N ASP C 303 -6.12 17.23 -20.13
CA ASP C 303 -5.31 18.07 -19.19
C ASP C 303 -4.47 17.18 -18.25
N ASN C 304 -4.43 15.87 -18.50
CA ASN C 304 -3.56 14.97 -17.69
C ASN C 304 -2.58 14.25 -18.61
N TYR C 305 -1.27 14.39 -18.37
CA TYR C 305 -0.29 13.64 -19.20
C TYR C 305 -0.43 12.14 -18.88
N ILE C 306 -0.44 11.29 -19.90
CA ILE C 306 -0.68 9.84 -19.67
C ILE C 306 0.59 9.06 -20.03
N PRO C 307 0.79 7.83 -19.53
CA PRO C 307 1.96 7.01 -19.89
C PRO C 307 1.95 6.69 -21.40
N THR C 308 3.13 6.71 -22.03
CA THR C 308 3.21 6.44 -23.49
C THR C 308 2.98 4.95 -23.76
N SER C 309 2.67 4.59 -25.01
CA SER C 309 2.36 3.18 -25.35
C SER C 309 3.57 2.29 -25.03
N GLU C 310 4.78 2.77 -25.31
CA GLU C 310 6.01 1.97 -25.06
C GLU C 310 6.13 1.69 -23.56
N LEU C 311 5.93 2.72 -22.72
CA LEU C 311 6.00 2.53 -21.25
C LEU C 311 4.90 1.59 -20.78
N SER C 312 3.68 1.76 -21.30
CA SER C 312 2.54 0.92 -20.86
C SER C 312 2.81 -0.54 -21.22
N GLY C 313 3.35 -0.79 -22.41
CA GLY C 313 3.67 -2.17 -22.83
C GLY C 313 4.73 -2.79 -21.94
N GLY C 314 5.77 -2.02 -21.58
CA GLY C 314 6.83 -2.52 -20.70
C GLY C 314 6.29 -2.87 -19.33
N ILE C 315 5.45 -2.01 -18.76
CA ILE C 315 4.84 -2.29 -17.42
C ILE C 315 4.01 -3.57 -17.54
N MET C 316 3.21 -3.70 -18.60
CA MET C 316 2.32 -4.87 -18.76
C MET C 316 3.13 -6.16 -18.84
N GLN C 317 4.27 -6.14 -19.57
CA GLN C 317 5.10 -7.36 -19.72
C GLN C 317 5.62 -7.78 -18.34
N ALA C 318 6.10 -6.82 -17.54
CA ALA C 318 6.59 -7.13 -16.18
C ALA C 318 5.43 -7.64 -15.32
N GLU C 319 4.25 -7.02 -15.44
CA GLU C 319 3.07 -7.43 -14.64
C GLU C 319 2.70 -8.88 -15.00
N LYS C 320 2.77 -9.23 -16.28
CA LYS C 320 2.41 -10.61 -16.72
C LYS C 320 3.38 -11.61 -16.08
N TYR C 321 4.67 -11.28 -16.04
CA TYR C 321 5.67 -12.19 -15.42
C TYR C 321 5.36 -12.35 -13.92
N ILE C 322 5.03 -11.26 -13.25
CA ILE C 322 4.69 -11.30 -11.79
C ILE C 322 3.42 -12.14 -11.62
N PHE C 323 2.43 -11.96 -12.50
CA PHE C 323 1.16 -12.70 -12.39
C PHE C 323 1.42 -14.19 -12.55
N HIS C 324 2.24 -14.56 -13.54
CA HIS C 324 2.53 -16.00 -13.80
C HIS C 324 3.25 -16.59 -12.58
N LEU C 325 4.18 -15.84 -11.99
CA LEU C 325 4.93 -16.34 -10.80
C LEU C 325 3.98 -16.57 -9.63
N SER C 326 3.04 -15.65 -9.40
CA SER C 326 2.08 -15.80 -8.27
C SER C 326 1.23 -17.04 -8.49
N LYS C 327 0.76 -17.25 -9.73
CA LYS C 327 -0.07 -18.45 -10.05
C LYS C 327 0.78 -19.72 -9.89
N TRP C 328 2.05 -19.67 -10.31
CA TRP C 328 2.96 -20.84 -10.18
C TRP C 328 3.10 -21.14 -8.68
N GLY C 329 3.21 -20.10 -7.85
CA GLY C 329 3.23 -20.29 -6.37
C GLY C 329 4.30 -21.21 -5.84
N VAL C 330 3.95 -22.09 -4.89
CA VAL C 330 4.96 -22.97 -4.23
C VAL C 330 5.58 -23.93 -5.25
N LYS C 331 4.78 -24.44 -6.20
CA LYS C 331 5.31 -25.38 -7.23
C LYS C 331 6.38 -24.64 -8.03
N GLY C 332 6.14 -23.36 -8.31
CA GLY C 332 7.15 -22.55 -9.02
C GLY C 332 8.42 -22.40 -8.22
N GLU C 333 8.28 -22.18 -6.90
CA GLU C 333 9.47 -21.97 -6.04
C GLU C 333 10.34 -23.24 -6.10
N LYS C 334 9.72 -24.42 -6.03
CA LYS C 334 10.47 -25.70 -6.07
C LYS C 334 11.18 -25.84 -7.42
N GLU C 335 10.47 -25.53 -8.52
CA GLU C 335 11.07 -25.69 -9.87
C GLU C 335 12.24 -24.72 -10.03
N LEU C 336 12.05 -23.46 -9.61
CA LEU C 336 13.11 -22.44 -9.76
C LEU C 336 14.31 -22.81 -8.89
N THR C 337 14.05 -23.30 -7.67
CA THR C 337 15.16 -23.66 -6.75
C THR C 337 15.98 -24.79 -7.39
N ASN C 338 15.31 -25.79 -7.94
CA ASN C 338 16.02 -26.95 -8.55
C ASN C 338 16.86 -26.45 -9.73
N ALA C 339 16.29 -25.59 -10.57
CA ALA C 339 17.00 -25.08 -11.77
C ALA C 339 18.21 -24.22 -11.40
N TYR C 340 18.08 -23.37 -10.37
CA TYR C 340 19.17 -22.39 -10.06
C TYR C 340 19.90 -22.70 -8.74
N LYS C 341 19.79 -23.92 -8.21
CA LYS C 341 20.41 -24.21 -6.89
C LYS C 341 21.93 -24.01 -7.00
N ASN C 342 22.53 -24.45 -8.11
CA ASN C 342 24.01 -24.35 -8.26
C ASN C 342 24.41 -22.88 -8.24
N SER C 343 23.70 -22.04 -8.99
CA SER C 343 24.01 -20.58 -9.05
C SER C 343 23.83 -19.92 -7.68
N LEU C 344 22.79 -20.31 -6.94
CA LEU C 344 22.49 -19.67 -5.64
C LEU C 344 23.46 -20.14 -4.56
N PRO C 345 23.74 -19.34 -3.51
CA PRO C 345 24.57 -19.79 -2.39
C PRO C 345 23.86 -20.94 -1.68
N ALA C 346 24.62 -21.89 -1.13
CA ALA C 346 24.00 -23.08 -0.49
C ALA C 346 23.11 -22.65 0.68
N GLY C 347 21.97 -23.33 0.87
CA GLY C 347 21.04 -22.98 1.95
C GLY C 347 20.06 -21.88 1.53
N MET C 348 20.07 -21.51 0.24
CA MET C 348 19.11 -20.49 -0.27
C MET C 348 18.12 -21.13 -1.25
N CYS C 349 16.82 -20.91 -1.04
CA CYS C 349 15.78 -21.45 -1.96
C CYS C 349 14.99 -20.30 -2.57
N ILE C 350 14.79 -20.31 -3.89
CA ILE C 350 14.05 -19.21 -4.57
C ILE C 350 12.62 -19.19 -4.06
N ARG C 351 12.24 -18.15 -3.31
CA ARG C 351 10.84 -18.02 -2.83
C ARG C 351 10.16 -16.90 -3.63
N ILE C 352 9.12 -17.24 -4.38
CA ILE C 352 8.40 -16.24 -5.22
C ILE C 352 7.84 -15.15 -4.30
N SER C 353 7.17 -15.56 -3.21
CA SER C 353 6.59 -14.58 -2.24
C SER C 353 5.70 -13.62 -3.01
N ASN C 354 5.85 -12.30 -2.80
CA ASN C 354 5.10 -11.33 -3.63
C ASN C 354 6.08 -10.76 -4.64
N PRO C 355 6.03 -11.16 -5.93
CA PRO C 355 7.03 -10.70 -6.90
C PRO C 355 6.81 -9.22 -7.20
N LYS C 356 7.89 -8.45 -7.30
CA LYS C 356 7.79 -7.01 -7.67
C LYS C 356 8.74 -6.77 -8.84
N ALA C 357 8.55 -5.68 -9.58
CA ALA C 357 9.41 -5.45 -10.77
C ALA C 357 10.10 -4.09 -10.72
N ILE C 358 11.36 -4.03 -11.18
CA ILE C 358 12.09 -2.74 -11.26
C ILE C 358 12.21 -2.42 -12.75
N ILE C 359 11.75 -1.24 -13.17
CA ILE C 359 11.74 -0.95 -14.64
C ILE C 359 12.70 0.19 -14.95
N ILE C 360 13.61 0.01 -15.90
CA ILE C 360 14.51 1.13 -16.34
C ILE C 360 14.21 1.43 -17.81
N VAL C 361 13.33 2.40 -18.08
CA VAL C 361 12.91 2.66 -19.50
C VAL C 361 13.02 4.13 -19.89
N GLY C 362 13.61 4.44 -21.06
CA GLY C 362 13.62 5.82 -21.57
C GLY C 362 14.53 6.79 -20.85
N ARG C 363 14.36 8.08 -21.13
CA ARG C 363 15.15 9.15 -20.47
C ARG C 363 14.16 10.21 -19.97
N ASP C 364 14.45 10.86 -18.83
CA ASP C 364 13.47 11.82 -18.25
C ASP C 364 13.23 12.98 -19.21
N GLN C 365 14.27 13.47 -19.89
CA GLN C 365 14.19 14.60 -20.87
C GLN C 365 14.20 15.93 -20.09
N ILE C 366 14.17 15.86 -18.76
CA ILE C 366 14.13 17.11 -17.93
C ILE C 366 15.44 17.90 -18.12
N ALA C 367 16.58 17.21 -18.13
CA ALA C 367 17.88 17.93 -18.20
C ALA C 367 18.04 18.69 -19.52
N ASN C 368 17.81 18.03 -20.67
CA ASN C 368 18.05 18.72 -21.97
C ASN C 368 16.99 19.81 -22.19
N GLY C 369 15.72 19.51 -21.91
CA GLY C 369 14.65 20.52 -22.05
C GLY C 369 13.80 20.57 -20.78
N ASN C 370 13.64 21.76 -20.20
CA ASN C 370 12.91 21.84 -18.90
C ASN C 370 11.46 21.38 -19.11
N MET C 371 10.96 20.53 -18.21
CA MET C 371 9.53 20.10 -18.28
C MET C 371 8.68 21.07 -17.46
N THR C 372 7.40 21.20 -17.78
CA THR C 372 6.49 22.08 -16.99
C THR C 372 6.20 21.41 -15.65
N ASP C 373 5.76 22.18 -14.64
CA ASP C 373 5.56 21.62 -13.28
C ASP C 373 4.51 20.50 -13.35
N GLY C 374 3.46 20.68 -14.16
CA GLY C 374 2.44 19.62 -14.33
C GLY C 374 3.04 18.35 -14.91
N GLN C 375 3.93 18.49 -15.91
CA GLN C 375 4.60 17.31 -16.51
C GLN C 375 5.46 16.62 -15.44
N LEU C 376 6.18 17.39 -14.63
CA LEU C 376 7.05 16.82 -13.58
C LEU C 376 6.19 16.06 -12.57
N LEU C 377 5.05 16.65 -12.18
CA LEU C 377 4.16 16.00 -11.18
C LEU C 377 3.64 14.69 -11.76
N ASP C 378 3.21 14.71 -13.03
CA ASP C 378 2.67 13.48 -13.68
C ASP C 378 3.76 12.42 -13.77
N PHE C 379 4.99 12.84 -14.09
CA PHE C 379 6.12 11.88 -14.24
C PHE C 379 6.37 11.17 -12.91
N GLU C 380 6.39 11.94 -11.81
CA GLU C 380 6.59 11.33 -10.47
C GLU C 380 5.41 10.41 -10.15
N ILE C 381 4.19 10.86 -10.48
CA ILE C 381 2.97 10.07 -10.17
C ILE C 381 3.01 8.74 -10.93
N ILE C 382 3.45 8.75 -12.19
CA ILE C 382 3.46 7.51 -13.04
C ILE C 382 4.42 6.50 -12.39
N LYS C 383 5.56 6.96 -11.89
CA LYS C 383 6.56 6.04 -11.30
C LYS C 383 5.96 5.35 -10.07
N ARG C 384 5.19 6.08 -9.25
CA ARG C 384 4.64 5.51 -8.00
C ARG C 384 3.18 5.04 -8.22
N LYS C 385 2.75 4.92 -9.47
CA LYS C 385 1.33 4.53 -9.75
C LYS C 385 1.14 3.02 -9.55
N TYR C 386 1.75 2.17 -10.39
CA TYR C 386 1.52 0.71 -10.33
C TYR C 386 2.13 0.09 -9.05
N ALA C 387 1.38 -0.78 -8.36
CA ALA C 387 1.88 -1.42 -7.11
C ALA C 387 3.04 -2.37 -7.39
N ASN C 388 2.92 -3.21 -8.41
CA ASN C 388 3.97 -4.23 -8.69
C ASN C 388 5.28 -3.54 -9.06
N MET C 389 5.18 -2.41 -9.79
CA MET C 389 6.39 -1.67 -10.20
C MET C 389 6.82 -0.79 -9.02
N ILE C 390 7.43 -1.40 -8.00
CA ILE C 390 7.86 -0.64 -6.79
C ILE C 390 8.78 0.51 -7.23
N ASP C 391 9.70 0.22 -8.15
CA ASP C 391 10.66 1.27 -8.60
C ASP C 391 10.58 1.42 -10.12
N ILE C 392 10.30 2.64 -10.60
CA ILE C 392 10.34 2.90 -12.07
C ILE C 392 11.42 3.96 -12.26
N LEU C 393 12.39 3.71 -13.14
CA LEU C 393 13.52 4.67 -13.27
C LEU C 393 13.80 4.99 -14.74
N THR C 394 14.40 6.14 -15.00
CA THR C 394 14.83 6.48 -16.38
C THR C 394 16.35 6.55 -16.31
N TYR C 395 17.05 6.43 -17.43
CA TYR C 395 18.54 6.37 -17.36
C TYR C 395 19.06 7.67 -16.76
N ASP C 396 18.45 8.81 -17.11
CA ASP C 396 18.85 10.10 -16.50
C ASP C 396 18.56 10.07 -14.99
N ASP C 397 17.44 9.46 -14.58
CA ASP C 397 17.13 9.32 -13.13
C ASP C 397 18.23 8.50 -12.46
N LEU C 398 18.71 7.44 -13.12
CA LEU C 398 19.76 6.58 -12.52
C LEU C 398 21.04 7.39 -12.29
N LEU C 399 21.41 8.22 -13.26
CA LEU C 399 22.62 9.06 -13.13
C LEU C 399 22.44 10.03 -11.96
N ARG C 400 21.24 10.61 -11.83
CA ARG C 400 20.94 11.56 -10.72
C ARG C 400 21.04 10.80 -9.38
N ARG C 401 20.52 9.57 -9.32
CA ARG C 401 20.60 8.75 -8.07
C ARG C 401 22.07 8.51 -7.74
N LEU C 402 22.88 8.17 -8.74
CA LEU C 402 24.32 7.91 -8.51
C LEU C 402 25.00 9.18 -8.00
N ASN C 403 24.64 10.34 -8.58
CA ASN C 403 25.23 11.62 -8.14
C ASN C 403 24.87 11.88 -6.67
N ASN C 404 23.62 11.58 -6.29
CA ASN C 404 23.17 11.83 -4.89
C ASN C 404 23.97 10.94 -3.92
N THR C 405 24.18 9.67 -4.28
CA THR C 405 24.96 8.75 -3.40
C THR C 405 26.39 9.25 -3.30
N ILE C 406 26.99 9.67 -4.43
CA ILE C 406 28.41 10.14 -4.42
C ILE C 406 28.51 11.38 -3.52
N GLU C 407 27.57 12.31 -3.66
CA GLU C 407 27.64 13.58 -2.88
C GLU C 407 27.49 13.27 -1.38
N ALA C 408 26.59 12.34 -1.03
CA ALA C 408 26.37 12.00 0.40
C ALA C 408 27.64 11.37 0.98
N LEU C 409 28.31 10.50 0.22
CA LEU C 409 29.57 9.87 0.69
C LEU C 409 30.65 10.95 0.86
N LYS C 410 30.71 11.92 -0.06
CA LYS C 410 31.69 13.02 0.03
C LYS C 410 31.43 13.83 1.30
N GLY C 411 30.16 14.08 1.63
CA GLY C 411 29.82 14.87 2.82
C GLY C 411 29.46 13.98 4.01
N MET D 4 16.20 -30.34 51.19
CA MET D 4 16.00 -30.83 52.57
C MET D 4 14.50 -30.78 52.92
N LEU D 5 13.81 -29.73 52.48
CA LEU D 5 12.35 -29.59 52.77
C LEU D 5 11.58 -30.63 51.97
N GLN D 6 10.58 -31.26 52.59
CA GLN D 6 9.78 -32.32 51.90
C GLN D 6 8.31 -31.88 51.83
N PHE D 7 7.72 -31.94 50.64
CA PHE D 7 6.30 -31.50 50.47
C PHE D 7 5.43 -32.74 50.22
N SER D 8 4.36 -32.90 51.02
CA SER D 8 3.47 -34.09 50.87
C SER D 8 2.01 -33.64 50.86
N PHE D 9 1.14 -34.37 50.16
CA PHE D 9 -0.28 -33.96 50.02
C PHE D 9 -1.17 -34.90 50.84
N VAL D 10 -1.53 -34.49 52.06
CA VAL D 10 -2.37 -35.34 52.96
C VAL D 10 -3.74 -34.67 53.12
N SER D 11 -4.83 -35.40 52.83
CA SER D 11 -6.21 -34.86 52.96
C SER D 11 -6.37 -33.59 52.12
N ASN D 12 -5.82 -33.58 50.90
CA ASN D 12 -5.92 -32.41 49.99
C ASN D 12 -5.29 -31.18 50.65
N ASP D 13 -4.40 -31.39 51.62
CA ASP D 13 -3.69 -30.25 52.25
C ASP D 13 -2.18 -30.43 52.03
N VAL D 14 -1.51 -29.40 51.52
CA VAL D 14 -0.04 -29.48 51.28
C VAL D 14 0.68 -29.12 52.58
N VAL D 15 1.52 -30.02 53.08
CA VAL D 15 2.27 -29.76 54.34
C VAL D 15 3.77 -29.97 54.07
N MET D 16 4.62 -29.04 54.52
CA MET D 16 6.09 -29.21 54.36
C MET D 16 6.73 -29.51 55.71
N THR D 17 7.57 -30.54 55.75
CA THR D 17 8.27 -30.91 57.02
C THR D 17 9.76 -30.58 56.90
N TYR D 18 10.40 -30.24 58.01
CA TYR D 18 11.86 -29.92 58.01
C TYR D 18 12.52 -30.54 59.24
N ASP D 19 13.82 -30.84 59.16
CA ASP D 19 14.57 -31.39 60.31
C ASP D 19 15.87 -30.61 60.48
N GLU D 24 20.63 -23.29 65.23
CA GLU D 24 21.02 -24.65 64.78
C GLU D 24 20.19 -25.69 65.54
N GLN D 25 19.31 -25.23 66.45
CA GLN D 25 18.45 -26.16 67.23
C GLN D 25 16.99 -25.87 66.92
N ILE D 26 16.20 -26.92 66.66
CA ILE D 26 14.76 -26.74 66.31
C ILE D 26 14.02 -26.17 67.52
N ILE D 27 14.45 -26.52 68.74
CA ILE D 27 13.80 -25.98 69.97
C ILE D 27 13.94 -24.44 69.95
N TRP D 28 15.09 -23.92 69.51
CA TRP D 28 15.28 -22.45 69.43
C TRP D 28 14.28 -21.85 68.43
N VAL D 29 14.01 -22.55 67.32
CA VAL D 29 13.02 -22.07 66.32
C VAL D 29 11.65 -21.97 67.00
N TRP D 30 11.31 -22.96 67.83
CA TRP D 30 10.02 -22.92 68.59
C TRP D 30 10.03 -21.71 69.55
N GLU D 31 11.18 -21.44 70.20
CA GLU D 31 11.29 -20.27 71.10
C GLU D 31 11.09 -18.98 70.29
N SER D 32 11.67 -18.92 69.08
CA SER D 32 11.55 -17.71 68.22
C SER D 32 10.08 -17.47 67.89
N LEU D 33 9.28 -18.53 67.76
CA LEU D 33 7.82 -18.38 67.50
C LEU D 33 7.18 -17.67 68.69
N ASN D 34 7.60 -18.02 69.92
CA ASN D 34 7.06 -17.34 71.13
C ASN D 34 7.53 -15.89 71.16
N LYS D 35 8.74 -15.61 70.67
CA LYS D 35 9.32 -14.23 70.67
C LYS D 35 8.73 -13.34 69.58
N PHE D 36 8.52 -13.85 68.37
CA PHE D 36 8.10 -12.96 67.24
C PHE D 36 6.70 -13.28 66.71
N GLN D 37 6.00 -14.27 67.28
CA GLN D 37 4.63 -14.65 66.83
C GLN D 37 4.75 -15.19 65.39
N THR D 38 5.98 -15.33 64.89
CA THR D 38 6.23 -15.82 63.51
C THR D 38 7.68 -16.30 63.42
N VAL D 39 8.02 -17.10 62.41
CA VAL D 39 9.45 -17.51 62.21
C VAL D 39 9.76 -17.47 60.71
N CYS D 40 11.03 -17.25 60.35
CA CYS D 40 11.43 -17.27 58.92
C CYS D 40 12.35 -18.47 58.70
N ILE D 41 12.03 -19.32 57.72
CA ILE D 41 12.83 -20.57 57.49
C ILE D 41 13.37 -20.58 56.05
N SER D 42 14.70 -20.65 55.89
CA SER D 42 15.36 -20.73 54.55
C SER D 42 15.40 -19.34 53.90
N ARG D 43 14.89 -18.30 54.58
CA ARG D 43 14.93 -16.89 54.10
C ARG D 43 13.89 -16.69 52.98
N ILE D 44 13.11 -17.73 52.65
CA ILE D 44 12.12 -17.64 51.54
C ILE D 44 10.72 -17.90 52.11
N PHE D 45 10.64 -18.63 53.22
CA PHE D 45 9.31 -19.00 53.76
C PHE D 45 9.11 -18.38 55.15
N ASN D 46 7.99 -17.67 55.34
CA ASN D 46 7.67 -17.10 56.67
C ASN D 46 6.40 -17.79 57.17
N PHE D 47 6.46 -18.42 58.34
CA PHE D 47 5.30 -19.19 58.85
C PHE D 47 4.79 -18.58 60.16
N GLN D 48 3.50 -18.27 60.25
CA GLN D 48 2.90 -17.73 61.51
C GLN D 48 2.60 -18.89 62.47
N LEU D 49 2.10 -18.57 63.67
CA LEU D 49 1.81 -19.60 64.70
C LEU D 49 0.72 -20.56 64.17
N GLN D 50 -0.29 -20.01 63.50
CA GLN D 50 -1.41 -20.84 62.97
C GLN D 50 -0.89 -21.82 61.92
N ASP D 51 0.11 -21.41 61.12
CA ASP D 51 0.61 -22.26 60.01
C ASP D 51 1.18 -23.58 60.53
N LEU D 52 1.86 -23.57 61.69
CA LEU D 52 2.50 -24.82 62.16
C LEU D 52 1.39 -25.89 62.27
N ARG D 53 1.55 -27.01 61.57
CA ARG D 53 0.46 -28.04 61.54
C ARG D 53 0.32 -28.71 62.90
N ASN D 54 1.44 -29.11 63.51
CA ASN D 54 1.39 -29.81 64.83
C ASN D 54 2.41 -29.15 65.77
N PRO D 55 2.01 -28.71 66.98
CA PRO D 55 2.92 -28.03 67.90
C PRO D 55 3.98 -28.95 68.54
N PRO D 56 5.30 -28.60 68.59
CA PRO D 56 6.26 -29.45 69.31
C PRO D 56 5.99 -29.47 70.82
N SER D 57 5.43 -30.58 71.32
CA SER D 57 5.15 -30.70 72.77
C SER D 57 6.46 -30.76 73.55
N THR D 58 6.47 -30.23 74.78
CA THR D 58 7.69 -30.26 75.63
C THR D 58 8.06 -31.72 75.92
N VAL D 59 7.06 -32.57 76.14
CA VAL D 59 7.34 -34.02 76.42
C VAL D 59 8.02 -34.64 75.21
N GLN D 60 7.57 -34.31 74.00
CA GLN D 60 8.24 -34.81 72.76
C GLN D 60 9.65 -34.21 72.71
N ASP D 61 10.65 -35.00 72.31
CA ASP D 61 12.00 -34.41 72.13
C ASP D 61 11.95 -33.49 70.91
N PHE D 62 12.13 -32.20 71.13
CA PHE D 62 12.00 -31.36 69.93
C PHE D 62 12.63 -32.21 68.83
N ASN D 63 13.80 -32.82 69.10
CA ASN D 63 14.55 -33.58 68.06
C ASN D 63 13.77 -34.77 67.50
N ASP D 64 13.10 -35.54 68.36
CA ASP D 64 12.37 -36.75 67.87
C ASP D 64 11.26 -36.30 66.91
N TYR D 65 10.56 -35.22 67.24
CA TYR D 65 9.50 -34.67 66.36
C TYR D 65 10.14 -33.99 65.15
N GLU D 66 9.50 -34.07 63.98
CA GLU D 66 10.03 -33.33 62.80
C GLU D 66 9.14 -32.10 62.60
N TYR D 67 9.73 -30.91 62.62
CA TYR D 67 8.92 -29.65 62.55
C TYR D 67 7.99 -29.68 61.33
N SER D 68 6.68 -29.82 61.58
CA SER D 68 5.68 -29.91 60.48
C SER D 68 4.95 -28.57 60.34
N PHE D 69 4.95 -28.01 59.13
CA PHE D 69 4.23 -26.72 58.89
C PHE D 69 3.24 -26.89 57.73
N ASN D 70 1.99 -26.47 57.92
CA ASN D 70 1.03 -26.52 56.78
C ASN D 70 1.53 -25.52 55.72
N PHE D 71 1.67 -25.97 54.47
CA PHE D 71 2.26 -25.09 53.43
C PHE D 71 1.17 -24.48 52.54
N GLY D 72 0.22 -25.29 52.09
CA GLY D 72 -0.81 -24.79 51.14
C GLY D 72 -2.06 -25.65 51.14
N THR D 73 -3.09 -25.23 50.40
CA THR D 73 -4.33 -26.05 50.27
C THR D 73 -4.44 -26.52 48.82
N LEU D 74 -4.71 -27.82 48.61
CA LEU D 74 -4.89 -28.33 47.22
C LEU D 74 -6.40 -28.34 46.91
N ASN D 75 -6.82 -27.50 45.96
CA ASN D 75 -8.26 -27.41 45.59
C ASN D 75 -8.40 -27.10 44.10
N ASN D 76 -9.49 -27.54 43.47
CA ASN D 76 -9.75 -27.24 42.04
C ASN D 76 -8.57 -27.71 41.18
N GLU D 77 -8.01 -28.87 41.50
CA GLU D 77 -6.86 -29.45 40.72
C GLU D 77 -5.71 -28.44 40.69
N TYR D 78 -5.50 -27.70 41.80
CA TYR D 78 -4.42 -26.69 41.87
C TYR D 78 -3.85 -26.65 43.28
N ILE D 79 -2.62 -26.19 43.44
CA ILE D 79 -2.01 -26.04 44.80
C ILE D 79 -1.98 -24.55 45.14
N THR D 80 -2.77 -24.12 46.12
CA THR D 80 -2.84 -22.68 46.46
C THR D 80 -1.91 -22.40 47.64
N VAL D 81 -0.95 -21.48 47.47
CA VAL D 81 0.01 -21.15 48.55
C VAL D 81 -0.32 -19.75 49.07
N PRO D 82 -0.54 -19.56 50.39
CA PRO D 82 -0.89 -18.25 50.95
C PRO D 82 0.21 -17.20 50.75
N GLY D 83 -0.19 -15.93 50.59
CA GLY D 83 0.80 -14.85 50.38
C GLY D 83 1.73 -14.70 51.57
N ARG D 84 1.24 -14.92 52.78
CA ARG D 84 2.05 -14.73 54.01
C ARG D 84 3.27 -15.66 53.96
N ILE D 85 3.10 -16.87 53.43
CA ILE D 85 4.22 -17.86 53.40
C ILE D 85 5.38 -17.28 52.58
N LEU D 86 5.07 -16.64 51.45
CA LEU D 86 6.12 -16.06 50.58
C LEU D 86 6.32 -14.58 50.92
N SER D 87 5.62 -14.08 51.96
CA SER D 87 5.74 -12.66 52.40
C SER D 87 5.42 -11.70 51.25
N ILE D 88 4.41 -12.03 50.44
CA ILE D 88 3.99 -11.14 49.31
C ILE D 88 2.47 -10.93 49.41
N ASN D 89 1.98 -9.77 48.97
CA ASN D 89 0.53 -9.46 49.10
C ASN D 89 -0.33 -10.45 48.29
N ARG D 90 0.11 -10.79 47.08
CA ARG D 90 -0.70 -11.68 46.20
C ARG D 90 -0.35 -13.14 46.46
N ASP D 91 -1.35 -14.02 46.50
CA ASP D 91 -1.13 -15.48 46.72
C ASP D 91 -0.48 -16.09 45.49
N VAL D 92 0.22 -17.21 45.64
CA VAL D 92 0.84 -17.90 44.47
C VAL D 92 0.15 -19.26 44.28
N LEU D 93 -0.28 -19.55 43.05
CA LEU D 93 -0.94 -20.85 42.75
C LEU D 93 0.00 -21.69 41.88
N ILE D 94 0.25 -22.93 42.29
CA ILE D 94 1.12 -23.85 41.50
C ILE D 94 0.21 -24.97 41.00
N HIS D 95 0.32 -25.35 39.72
CA HIS D 95 -0.51 -26.46 39.19
C HIS D 95 -0.19 -27.76 39.95
N LYS D 96 -1.17 -28.64 40.07
CA LYS D 96 -0.98 -29.91 40.82
C LYS D 96 0.11 -30.75 40.14
N SER D 97 0.10 -30.79 38.80
CA SER D 97 1.08 -31.64 38.05
C SER D 97 2.51 -31.19 38.33
N ILE D 98 2.69 -29.96 38.84
CA ILE D 98 4.07 -29.45 39.07
C ILE D 98 4.48 -29.82 40.49
N LYS D 99 5.57 -30.57 40.63
CA LYS D 99 6.06 -30.97 41.98
C LYS D 99 6.52 -29.73 42.74
N LEU D 100 6.19 -29.64 44.03
CA LEU D 100 6.67 -28.49 44.85
C LEU D 100 8.12 -28.76 45.25
N GLU D 101 9.00 -27.79 45.04
CA GLU D 101 10.43 -27.94 45.38
C GLU D 101 10.94 -26.60 45.93
N ARG D 102 11.99 -26.61 46.75
CA ARG D 102 12.57 -25.32 47.22
C ARG D 102 12.95 -24.51 45.98
N LYS D 103 13.45 -25.17 44.92
CA LYS D 103 13.88 -24.47 43.69
C LYS D 103 12.70 -23.70 43.10
N VAL D 104 11.49 -24.26 43.17
CA VAL D 104 10.29 -23.59 42.56
C VAL D 104 10.10 -22.22 43.20
N PHE D 105 10.24 -22.13 44.53
CA PHE D 105 9.98 -20.84 45.23
C PHE D 105 11.29 -20.08 45.50
N ALA D 106 12.45 -20.70 45.27
CA ALA D 106 13.72 -20.02 45.64
C ALA D 106 14.80 -20.24 44.57
N SER D 107 15.41 -19.16 44.10
CA SER D 107 16.52 -19.27 43.11
C SER D 107 17.84 -19.51 43.85
N GLU D 108 18.97 -19.54 43.13
CA GLU D 108 20.28 -19.83 43.76
C GLU D 108 20.58 -18.78 44.84
N ARG D 109 21.19 -19.19 45.95
CA ARG D 109 21.51 -18.28 47.09
C ARG D 109 20.23 -17.66 47.67
N ASN D 110 19.16 -18.44 47.78
CA ASN D 110 17.91 -17.95 48.45
C ASN D 110 17.38 -16.66 47.82
N VAL D 111 17.23 -16.62 46.50
CA VAL D 111 16.59 -15.42 45.85
C VAL D 111 15.16 -15.80 45.50
N SER D 112 14.16 -15.30 46.23
CA SER D 112 12.77 -15.77 45.98
C SER D 112 12.36 -15.41 44.55
N ILE D 113 11.93 -16.40 43.77
CA ILE D 113 11.47 -16.16 42.37
C ILE D 113 10.16 -15.37 42.38
N PHE D 114 9.22 -15.76 43.25
CA PHE D 114 7.88 -15.12 43.28
C PHE D 114 7.92 -13.66 43.74
N GLY D 115 8.81 -13.33 44.68
CA GLY D 115 8.81 -11.96 45.23
C GLY D 115 9.09 -10.91 44.16
N ARG D 116 10.03 -11.18 43.26
CA ARG D 116 10.34 -10.23 42.15
C ARG D 116 9.11 -10.08 41.23
N LEU D 117 8.44 -11.19 40.93
CA LEU D 117 7.22 -11.16 40.07
C LEU D 117 6.14 -10.32 40.75
N SER D 118 6.00 -10.47 42.07
CA SER D 118 4.97 -9.71 42.83
C SER D 118 5.25 -8.22 42.72
N LYS D 119 6.53 -7.82 42.80
CA LYS D 119 6.91 -6.38 42.68
C LYS D 119 6.52 -5.87 41.28
N LEU D 120 6.74 -6.68 40.25
CA LEU D 120 6.41 -6.25 38.86
C LEU D 120 4.89 -6.06 38.73
N LEU D 121 4.09 -6.97 39.28
CA LEU D 121 2.61 -6.94 39.09
C LEU D 121 1.91 -5.83 39.90
N ASP D 122 1.38 -4.81 39.22
CA ASP D 122 0.59 -3.75 39.91
C ASP D 122 -0.73 -4.32 40.47
N HIS D 123 -1.41 -5.19 39.72
CA HIS D 123 -2.74 -5.71 40.15
C HIS D 123 -2.58 -6.72 41.28
N THR D 124 -3.62 -6.89 42.12
CA THR D 124 -3.48 -7.79 43.31
C THR D 124 -3.85 -9.23 42.93
N ASN D 125 -4.17 -9.47 41.65
CA ASN D 125 -4.61 -10.82 41.22
C ASN D 125 -3.49 -11.83 41.51
N PRO D 126 -3.80 -13.03 42.05
CA PRO D 126 -2.77 -14.01 42.42
C PRO D 126 -1.96 -14.56 41.24
N ILE D 127 -0.65 -14.77 41.44
CA ILE D 127 0.21 -15.35 40.38
C ILE D 127 -0.21 -16.81 40.17
N ILE D 128 -0.34 -17.26 38.92
CA ILE D 128 -0.80 -18.65 38.63
C ILE D 128 0.25 -19.34 37.74
N ILE D 129 0.70 -20.53 38.13
CA ILE D 129 1.75 -21.26 37.35
C ILE D 129 1.17 -22.59 36.87
N GLY D 130 1.24 -22.86 35.55
CA GLY D 130 0.75 -24.15 35.00
C GLY D 130 -0.76 -24.14 34.78
N GLY D 131 -1.28 -25.14 34.08
CA GLY D 131 -2.72 -25.23 33.78
C GLY D 131 -3.09 -24.56 32.46
N ASP D 132 -4.35 -24.63 32.07
CA ASP D 132 -4.79 -24.08 30.75
C ASP D 132 -5.30 -22.65 30.88
N LYS D 133 -5.29 -22.09 32.09
CA LYS D 133 -5.85 -20.73 32.32
C LYS D 133 -5.03 -19.70 31.52
N PRO D 134 -5.65 -18.66 30.93
CA PRO D 134 -4.90 -17.61 30.22
C PRO D 134 -3.97 -16.85 31.18
N GLU D 135 -4.45 -16.55 32.38
CA GLU D 135 -3.63 -15.81 33.39
C GLU D 135 -2.55 -16.74 33.93
N ALA D 136 -2.68 -18.05 33.69
CA ALA D 136 -1.67 -19.03 34.15
C ALA D 136 -0.41 -18.93 33.29
N ILE D 137 0.77 -19.06 33.91
CA ILE D 137 2.06 -19.00 33.17
C ILE D 137 2.42 -20.44 32.78
N PRO D 138 2.74 -20.74 31.50
CA PRO D 138 3.01 -22.11 31.07
C PRO D 138 4.21 -22.70 31.83
N LYS D 139 4.18 -24.00 32.11
CA LYS D 139 5.26 -24.63 32.92
C LYS D 139 6.61 -24.48 32.20
N SER D 140 6.62 -24.64 30.88
CA SER D 140 7.87 -24.52 30.09
C SER D 140 8.44 -23.10 30.24
N VAL D 141 7.58 -22.08 30.19
CA VAL D 141 8.02 -20.67 30.38
C VAL D 141 8.55 -20.50 31.81
N PHE D 142 7.88 -21.12 32.78
CA PHE D 142 8.34 -21.05 34.20
C PHE D 142 9.73 -21.70 34.32
N GLN D 143 9.96 -22.81 33.61
CA GLN D 143 11.29 -23.45 33.61
C GLN D 143 12.31 -22.49 33.01
N GLU D 144 11.93 -21.78 31.94
CA GLU D 144 12.83 -20.76 31.32
C GLU D 144 13.09 -19.65 32.34
N LEU D 145 12.05 -19.24 33.08
CA LEU D 145 12.21 -18.19 34.12
C LEU D 145 13.21 -18.70 35.16
N GLN D 146 12.98 -19.89 35.72
CA GLN D 146 13.88 -20.44 36.78
C GLN D 146 15.34 -20.31 36.33
N SER D 147 15.65 -20.81 35.13
CA SER D 147 17.05 -20.80 34.62
C SER D 147 17.56 -19.36 34.41
N LYS D 148 16.73 -18.48 33.86
CA LYS D 148 17.20 -17.10 33.53
C LYS D 148 16.92 -16.13 34.68
N PHE D 149 16.35 -16.60 35.78
CA PHE D 149 15.98 -15.69 36.89
C PHE D 149 17.24 -15.03 37.43
N PRO D 150 17.23 -13.71 37.74
CA PRO D 150 18.40 -13.07 38.34
C PRO D 150 18.76 -13.71 39.68
N ASN D 151 20.04 -14.03 39.87
CA ASN D 151 20.50 -14.67 41.12
C ASN D 151 21.82 -13.99 41.50
N THR D 152 22.39 -14.29 42.65
CA THR D 152 23.61 -13.54 43.06
C THR D 152 24.69 -13.71 41.99
N GLY D 153 24.85 -14.92 41.47
CA GLY D 153 25.83 -15.16 40.38
C GLY D 153 25.47 -14.40 39.11
N GLU D 154 24.21 -14.49 38.67
CA GLU D 154 23.79 -13.85 37.40
C GLU D 154 23.95 -12.32 37.49
N LEU D 155 23.52 -11.72 38.61
CA LEU D 155 23.65 -10.26 38.81
C LEU D 155 25.12 -9.87 38.85
N ASP D 156 25.95 -10.67 39.53
CA ASP D 156 27.41 -10.39 39.61
C ASP D 156 28.00 -10.46 38.19
N ARG D 157 27.57 -11.44 37.39
CA ARG D 157 28.09 -11.59 36.01
C ARG D 157 27.72 -10.36 35.20
N TYR D 158 26.48 -9.87 35.34
CA TYR D 158 26.06 -8.65 34.62
C TYR D 158 26.91 -7.45 35.08
N ALA D 159 27.11 -7.34 36.40
CA ALA D 159 27.87 -6.19 36.93
C ALA D 159 29.31 -6.24 36.42
N ASN D 160 29.92 -7.43 36.39
CA ASN D 160 31.31 -7.57 35.91
C ASN D 160 31.38 -7.17 34.44
N ALA D 161 30.42 -7.65 33.63
CA ALA D 161 30.41 -7.33 32.18
C ALA D 161 30.21 -5.83 31.98
N ARG D 162 29.29 -5.23 32.75
CA ARG D 162 29.00 -3.78 32.60
C ARG D 162 30.24 -2.97 32.99
N VAL D 163 30.91 -3.36 34.09
CA VAL D 163 32.12 -2.62 34.55
C VAL D 163 33.20 -2.75 33.47
N HIS D 164 33.33 -3.94 32.88
CA HIS D 164 34.34 -4.16 31.81
C HIS D 164 34.02 -3.25 30.62
N ALA D 165 32.74 -3.17 30.25
CA ALA D 165 32.34 -2.33 29.09
C ALA D 165 32.62 -0.85 29.40
N ILE D 166 32.31 -0.40 30.61
CA ILE D 166 32.53 1.03 30.99
C ILE D 166 34.02 1.37 30.83
N LEU D 167 34.90 0.51 31.37
CA LEU D 167 36.36 0.74 31.24
C LEU D 167 36.79 0.69 29.76
N ALA D 168 36.23 -0.25 29.00
CA ALA D 168 36.54 -0.34 27.55
C ALA D 168 36.05 0.93 26.83
N GLY D 169 34.86 1.42 27.19
CA GLY D 169 34.36 2.68 26.60
C GLY D 169 35.28 3.83 26.96
N TYR D 170 35.78 3.84 28.20
CA TYR D 170 36.72 4.90 28.66
C TYR D 170 38.01 4.83 27.84
N LEU D 171 38.54 3.63 27.60
CA LEU D 171 39.84 3.50 26.87
C LEU D 171 39.65 2.66 25.61
N ASP D 172 39.88 3.24 24.43
CA ASP D 172 39.79 2.50 23.14
C ASP D 172 38.42 1.83 22.98
N GLY D 173 37.32 2.58 23.17
CA GLY D 173 35.96 2.02 22.99
C GLY D 173 35.85 1.08 21.81
N MET D 174 36.06 1.58 20.58
CA MET D 174 35.89 0.75 19.36
C MET D 174 37.23 0.11 18.97
N LYS D 175 38.02 -0.35 19.95
CA LYS D 175 39.35 -0.93 19.66
C LYS D 175 39.19 -2.18 18.78
N ASP D 176 38.22 -3.03 19.10
CA ASP D 176 37.99 -4.27 18.30
C ASP D 176 37.57 -3.88 16.88
N ALA D 177 36.69 -2.87 16.76
CA ALA D 177 36.24 -2.40 15.44
C ALA D 177 37.44 -1.82 14.68
N ARG D 178 38.31 -1.07 15.37
CA ARG D 178 39.51 -0.48 14.72
C ARG D 178 40.36 -1.60 14.13
N GLU D 179 40.53 -2.70 14.88
CA GLU D 179 41.37 -3.82 14.39
C GLU D 179 40.76 -4.42 13.12
N ARG D 180 39.44 -4.59 13.10
CA ARG D 180 38.74 -5.15 11.91
C ARG D 180 38.93 -4.18 10.72
N TYR D 181 38.82 -2.88 10.97
CA TYR D 181 39.00 -1.88 9.89
C TYR D 181 40.44 -1.95 9.36
N GLU D 182 41.41 -2.12 10.25
CA GLU D 182 42.83 -2.19 9.84
C GLU D 182 43.03 -3.42 8.94
N HIS D 183 42.41 -4.55 9.31
CA HIS D 183 42.51 -5.77 8.47
C HIS D 183 41.90 -5.48 7.10
N TYR D 184 40.75 -4.81 7.06
CA TYR D 184 40.08 -4.49 5.77
C TYR D 184 41.00 -3.60 4.94
N LEU D 185 41.63 -2.61 5.57
CA LEU D 185 42.49 -1.66 4.83
C LEU D 185 43.67 -2.42 4.21
N ASN D 186 44.27 -3.34 4.98
CA ASN D 186 45.41 -4.14 4.46
C ASN D 186 44.93 -5.00 3.30
N ARG D 187 43.77 -5.62 3.44
CA ARG D 187 43.21 -6.49 2.37
C ARG D 187 42.92 -5.65 1.13
N LYS D 188 42.38 -4.44 1.31
CA LYS D 188 42.02 -3.56 0.17
C LYS D 188 43.29 -3.21 -0.60
N THR D 189 44.38 -2.91 0.12
CA THR D 189 45.67 -2.57 -0.54
C THR D 189 46.17 -3.78 -1.35
N VAL D 190 46.06 -4.98 -0.79
CA VAL D 190 46.53 -6.22 -1.49
C VAL D 190 45.69 -6.43 -2.75
N ILE D 191 44.37 -6.22 -2.67
CA ILE D 191 43.47 -6.48 -3.84
C ILE D 191 43.69 -5.39 -4.90
N ARG D 192 43.63 -4.12 -4.49
CA ARG D 192 43.73 -3.01 -5.47
C ARG D 192 45.18 -2.51 -5.56
N LYS D 193 45.99 -3.13 -6.43
CA LYS D 193 47.37 -2.64 -6.64
C LYS D 193 47.45 -2.04 -8.05
N THR D 194 46.49 -2.40 -8.90
CA THR D 194 46.45 -1.89 -10.31
C THR D 194 46.21 -0.37 -10.30
N ASP D 195 45.37 0.13 -9.38
CA ASP D 195 45.00 1.57 -9.33
C ASP D 195 43.94 1.85 -10.39
N LYS D 196 43.46 0.79 -11.06
CA LYS D 196 42.40 0.93 -12.09
C LYS D 196 41.23 0.04 -11.68
N LEU D 197 40.06 0.62 -11.44
CA LEU D 197 38.89 -0.17 -10.97
C LEU D 197 38.43 -1.15 -12.05
N ASP D 198 38.17 -2.41 -11.66
CA ASP D 198 37.67 -3.43 -12.61
C ASP D 198 36.47 -4.10 -11.94
N LEU D 199 35.55 -4.69 -12.69
CA LEU D 199 34.33 -5.27 -12.08
C LEU D 199 34.75 -6.38 -11.12
N GLU D 200 35.73 -7.21 -11.52
CA GLU D 200 36.24 -8.29 -10.62
C GLU D 200 36.86 -7.65 -9.37
N VAL D 201 37.64 -6.59 -9.54
CA VAL D 201 38.28 -5.89 -8.38
C VAL D 201 37.18 -5.33 -7.49
N LEU D 202 36.14 -4.74 -8.09
CA LEU D 202 35.03 -4.14 -7.30
C LEU D 202 34.35 -5.24 -6.47
N ASN D 203 34.12 -6.40 -7.08
CA ASN D 203 33.48 -7.54 -6.36
C ASN D 203 34.31 -7.88 -5.12
N LYS D 204 35.64 -7.97 -5.28
CA LYS D 204 36.53 -8.36 -4.16
C LYS D 204 36.48 -7.28 -3.07
N LEU D 205 36.50 -5.99 -3.48
CA LEU D 205 36.41 -4.88 -2.49
C LEU D 205 35.06 -4.94 -1.78
N GLU D 206 33.98 -5.25 -2.53
CA GLU D 206 32.62 -5.35 -1.92
C GLU D 206 32.61 -6.49 -0.89
N ILE D 207 33.26 -7.61 -1.20
CA ILE D 207 33.31 -8.76 -0.25
C ILE D 207 33.99 -8.29 1.03
N GLU D 208 35.11 -7.56 0.89
CA GLU D 208 35.87 -7.10 2.08
C GLU D 208 35.00 -6.14 2.91
N LYS D 209 34.27 -5.24 2.24
CA LYS D 209 33.41 -4.27 2.96
C LYS D 209 32.32 -5.04 3.72
N TYR D 210 31.69 -6.02 3.06
CA TYR D 210 30.60 -6.80 3.70
C TYR D 210 31.15 -7.60 4.89
N THR D 211 32.33 -8.22 4.74
CA THR D 211 32.93 -9.00 5.85
C THR D 211 33.22 -8.06 7.02
N LEU D 212 33.74 -6.86 6.73
CA LEU D 212 34.10 -5.91 7.82
C LEU D 212 32.83 -5.54 8.61
N ILE D 213 31.74 -5.23 7.90
CA ILE D 213 30.47 -4.85 8.59
C ILE D 213 29.96 -6.05 9.38
N ARG D 214 29.99 -7.24 8.77
CA ARG D 214 29.43 -8.45 9.44
C ARG D 214 30.23 -8.74 10.71
N ASP D 215 31.56 -8.67 10.63
CA ASP D 215 32.40 -9.01 11.81
C ASP D 215 32.13 -8.02 12.95
N ILE D 216 32.05 -6.72 12.63
CA ILE D 216 31.84 -5.69 13.70
C ILE D 216 30.47 -5.90 14.36
N ILE D 217 29.43 -6.17 13.56
CA ILE D 217 28.07 -6.42 14.11
C ILE D 217 28.11 -7.68 14.99
N GLN D 218 28.80 -8.72 14.53
CA GLN D 218 28.90 -9.98 15.30
C GLN D 218 29.60 -9.71 16.64
N ASP D 219 30.67 -8.91 16.61
CA ASP D 219 31.43 -8.59 17.85
C ASP D 219 30.52 -7.83 18.81
N ALA D 220 29.72 -6.89 18.29
CA ALA D 220 28.81 -6.09 19.15
C ALA D 220 27.76 -7.02 19.79
N LEU D 221 27.26 -8.00 19.05
CA LEU D 221 26.32 -8.99 19.67
C LEU D 221 27.04 -9.71 20.80
N ASN D 222 28.23 -10.25 20.55
CA ASN D 222 28.97 -11.04 21.57
C ASN D 222 29.35 -10.18 22.79
N ASN D 223 29.84 -8.96 22.56
CA ASN D 223 30.31 -8.10 23.68
C ASN D 223 29.87 -6.65 23.44
N LYS D 224 29.68 -5.87 24.51
CA LYS D 224 29.19 -4.46 24.40
C LYS D 224 27.67 -4.44 24.19
N THR D 225 27.01 -5.61 24.35
CA THR D 225 25.53 -5.66 24.28
C THR D 225 24.95 -4.87 25.46
N ASN D 226 25.61 -4.89 26.62
CA ASN D 226 25.12 -4.20 27.85
C ASN D 226 25.07 -2.68 27.65
N LEU D 227 25.73 -2.16 26.61
CA LEU D 227 25.77 -0.69 26.39
C LEU D 227 24.35 -0.14 26.26
N SER D 228 24.18 1.17 26.42
CA SER D 228 22.82 1.78 26.38
C SER D 228 22.23 1.65 24.97
N GLU D 229 20.91 1.67 24.86
CA GLU D 229 20.26 1.49 23.53
C GLU D 229 20.73 2.62 22.60
N ASP D 230 20.86 3.84 23.13
CA ASP D 230 21.37 4.98 22.32
C ASP D 230 22.79 4.68 21.85
N ASP D 231 23.63 4.11 22.73
CA ASP D 231 25.02 3.74 22.34
C ASP D 231 24.96 2.67 21.25
N TRP D 232 24.04 1.70 21.37
CA TRP D 232 23.93 0.62 20.35
C TRP D 232 23.54 1.24 19.00
N GLN D 233 22.61 2.19 19.01
CA GLN D 233 22.15 2.85 17.76
C GLN D 233 23.35 3.57 17.12
N SER D 234 24.14 4.28 17.93
CA SER D 234 25.31 5.03 17.41
C SER D 234 26.32 4.06 16.80
N LEU D 235 26.50 2.88 17.42
CA LEU D 235 27.47 1.89 16.92
C LEU D 235 27.07 1.43 15.52
N MET D 236 25.77 1.21 15.27
CA MET D 236 25.32 0.69 13.95
C MET D 236 25.01 1.81 12.97
N ILE D 237 25.02 3.08 13.41
CA ILE D 237 24.61 4.22 12.52
C ILE D 237 25.50 4.35 11.28
N PRO D 238 26.85 4.27 11.33
CA PRO D 238 27.66 4.35 10.11
C PRO D 238 27.36 3.19 9.14
N PHE D 239 27.14 1.99 9.68
CA PHE D 239 26.92 0.80 8.82
C PHE D 239 25.51 0.82 8.20
N ILE D 240 24.60 1.66 8.72
CA ILE D 240 23.20 1.62 8.21
C ILE D 240 23.20 1.97 6.72
N THR D 241 23.96 3.00 6.32
CA THR D 241 24.05 3.39 4.89
C THR D 241 24.70 2.26 4.09
N LEU D 242 25.74 1.62 4.62
CA LEU D 242 26.42 0.51 3.92
C LEU D 242 25.49 -0.69 3.80
N LEU D 243 24.74 -1.01 4.86
CA LEU D 243 23.78 -2.16 4.84
C LEU D 243 22.68 -1.88 3.81
N PHE D 244 22.22 -0.63 3.73
CA PHE D 244 21.14 -0.26 2.78
C PHE D 244 21.64 0.87 1.89
N PRO D 245 22.39 0.58 0.80
CA PRO D 245 23.00 1.60 -0.05
C PRO D 245 22.00 2.52 -0.79
N LYS D 246 20.77 2.06 -0.97
CA LYS D 246 19.74 2.91 -1.62
C LYS D 246 19.57 4.17 -0.78
N TYR D 247 19.64 4.04 0.55
CA TYR D 247 19.51 5.21 1.47
C TYR D 247 20.83 5.97 1.57
N ILE D 248 20.92 7.13 0.90
CA ILE D 248 22.18 7.94 0.89
C ILE D 248 22.53 8.55 2.24
N LYS D 249 21.56 9.03 3.03
CA LYS D 249 21.90 9.78 4.28
C LYS D 249 21.13 9.27 5.50
N VAL D 250 21.72 9.43 6.70
CA VAL D 250 21.04 9.04 7.96
C VAL D 250 20.79 10.29 8.80
N LEU D 251 19.57 10.49 9.30
CA LEU D 251 19.21 11.68 10.11
C LEU D 251 18.90 11.21 11.55
N GLU D 252 19.46 11.89 12.55
CA GLU D 252 19.29 11.45 13.95
C GLU D 252 18.40 12.45 14.71
N LYS D 253 17.42 11.96 15.47
CA LYS D 253 16.51 12.84 16.25
C LYS D 253 15.75 13.78 15.31
N VAL D 254 14.95 13.21 14.39
CA VAL D 254 14.15 14.04 13.45
C VAL D 254 12.83 14.44 14.13
N LYS D 255 12.69 15.72 14.48
CA LYS D 255 11.44 16.19 15.12
C LYS D 255 10.29 16.14 14.10
N ILE D 256 9.12 15.63 14.51
CA ILE D 256 7.93 15.60 13.63
C ILE D 256 6.75 16.16 14.42
N PHE D 257 5.71 16.67 13.74
CA PHE D 257 4.60 17.31 14.48
C PHE D 257 3.45 16.33 14.64
N ASP D 258 2.96 16.16 15.88
CA ASP D 258 1.88 15.19 16.16
C ASP D 258 0.63 15.97 16.60
N TYR D 259 -0.50 15.77 15.91
CA TYR D 259 -1.73 16.53 16.23
C TYR D 259 -2.78 15.57 16.79
N TYR D 260 -2.72 14.29 16.40
CA TYR D 260 -3.73 13.29 16.85
C TYR D 260 -3.67 13.08 18.37
N SER D 261 -2.48 13.01 18.96
CA SER D 261 -2.38 12.69 20.41
C SER D 261 -3.07 13.76 21.26
N ASN D 262 -2.85 15.04 20.95
CA ASN D 262 -3.56 16.13 21.67
C ASN D 262 -4.29 17.02 20.66
N PRO D 263 -5.64 17.11 20.70
CA PRO D 263 -6.37 18.01 19.81
C PRO D 263 -6.03 19.49 20.08
N SER D 264 -5.91 19.87 21.35
CA SER D 264 -5.68 21.30 21.69
C SER D 264 -4.36 21.82 21.13
N ALA D 265 -3.27 21.05 21.25
CA ALA D 265 -1.95 21.54 20.81
C ALA D 265 -1.13 20.43 20.15
N LYS D 266 -0.22 20.78 19.23
CA LYS D 266 0.65 19.76 18.59
C LYS D 266 1.72 19.33 19.60
N THR D 267 2.12 18.05 19.56
CA THR D 267 3.17 17.54 20.48
C THR D 267 4.36 17.07 19.66
N ASN D 268 5.57 17.53 20.00
CA ASN D 268 6.77 17.18 19.19
C ASN D 268 7.11 15.69 19.40
N ARG D 269 7.38 14.96 18.31
CA ARG D 269 7.77 13.53 18.41
C ARG D 269 9.12 13.38 17.70
N PHE D 270 10.07 12.66 18.28
CA PHE D 270 11.41 12.59 17.65
C PHE D 270 11.64 11.20 17.05
N ILE D 271 11.92 11.12 15.75
CA ILE D 271 12.28 9.81 15.15
C ILE D 271 13.76 9.60 15.50
N ASP D 272 14.06 8.56 16.30
CA ASP D 272 15.46 8.28 16.71
C ASP D 272 16.36 8.27 15.48
N ILE D 273 16.12 7.35 14.54
CA ILE D 273 16.93 7.28 13.28
C ILE D 273 15.99 7.35 12.07
N ALA D 274 16.27 8.25 11.12
CA ALA D 274 15.46 8.35 9.88
C ALA D 274 16.37 8.20 8.67
N LEU D 275 15.94 7.46 7.65
CA LEU D 275 16.79 7.18 6.47
C LEU D 275 16.30 7.98 5.25
N VAL D 276 17.19 8.73 4.60
CA VAL D 276 16.81 9.48 3.36
C VAL D 276 17.47 8.78 2.17
N ASP D 277 16.70 8.44 1.14
CA ASP D 277 17.27 7.69 -0.02
C ASP D 277 17.71 8.67 -1.11
N ALA D 278 18.15 8.16 -2.27
CA ALA D 278 18.61 9.02 -3.38
C ALA D 278 17.46 9.89 -3.88
N ASN D 279 16.25 9.32 -3.97
CA ASN D 279 15.05 10.11 -4.37
C ASN D 279 14.78 11.22 -3.34
N GLY D 280 14.95 10.90 -2.05
CA GLY D 280 14.64 11.88 -0.99
C GLY D 280 13.45 11.39 -0.19
N ASN D 281 12.93 10.21 -0.53
CA ASN D 281 11.73 9.64 0.15
C ASN D 281 12.13 9.26 1.57
N LEU D 282 11.67 10.02 2.56
CA LEU D 282 12.08 9.76 3.97
C LEU D 282 11.58 8.40 4.42
N ASP D 283 12.42 7.63 5.10
CA ASP D 283 12.03 6.29 5.63
C ASP D 283 12.52 6.24 7.08
N ILE D 284 12.12 5.21 7.83
CA ILE D 284 12.49 5.12 9.28
C ILE D 284 13.18 3.78 9.55
N ILE D 285 14.27 3.76 10.32
CA ILE D 285 14.87 2.46 10.73
C ILE D 285 14.93 2.41 12.26
N GLU D 286 14.50 1.30 12.85
CA GLU D 286 14.54 1.16 14.34
C GLU D 286 15.66 0.18 14.70
N VAL D 287 16.64 0.65 15.50
CA VAL D 287 17.76 -0.23 15.95
C VAL D 287 17.50 -0.56 17.43
N LYS D 288 16.98 -1.76 17.71
CA LYS D 288 16.61 -2.09 19.11
C LYS D 288 17.71 -2.95 19.73
N LYS D 289 18.22 -2.55 20.90
CA LYS D 289 19.29 -3.32 21.60
C LYS D 289 18.71 -4.70 21.95
N PRO D 290 19.34 -5.82 21.52
CA PRO D 290 18.76 -7.14 21.79
C PRO D 290 18.76 -7.40 23.30
N PHE D 291 17.60 -7.78 23.85
CA PHE D 291 17.53 -8.13 25.30
C PHE D 291 16.98 -9.55 25.46
N ASP D 292 16.51 -10.15 24.37
CA ASP D 292 15.90 -11.50 24.46
C ASP D 292 16.37 -12.38 23.31
N ASP D 293 16.37 -13.71 23.49
CA ASP D 293 16.77 -14.65 22.41
C ASP D 293 15.52 -15.15 21.67
N LYS D 294 14.34 -14.64 22.05
CA LYS D 294 13.08 -15.10 21.40
C LYS D 294 12.41 -13.93 20.68
N ILE D 295 12.16 -14.05 19.37
CA ILE D 295 11.39 -13.00 18.65
C ILE D 295 9.94 -13.50 18.52
N LEU D 296 9.72 -14.78 18.87
CA LEU D 296 8.34 -15.36 18.86
C LEU D 296 8.05 -15.85 20.28
N ARG D 297 6.77 -15.93 20.65
CA ARG D 297 6.41 -16.37 22.02
C ARG D 297 6.86 -17.82 22.20
N LYS D 298 7.36 -18.19 23.39
CA LYS D 298 7.89 -19.56 23.60
C LYS D 298 6.77 -20.59 23.41
N THR D 299 5.57 -20.29 23.91
CA THR D 299 4.42 -21.21 23.72
C THR D 299 3.47 -20.60 22.69
N PRO D 300 3.08 -21.35 21.62
CA PRO D 300 2.22 -20.80 20.57
C PRO D 300 0.79 -20.52 21.06
N TYR D 301 0.19 -19.41 20.62
CA TYR D 301 -1.23 -19.15 20.96
C TYR D 301 -2.11 -20.02 20.07
N ARG D 302 -2.65 -21.12 20.62
CA ARG D 302 -3.54 -22.03 19.85
C ARG D 302 -2.83 -22.52 18.58
N ASP D 303 -1.54 -22.89 18.68
CA ASP D 303 -0.77 -23.45 17.53
C ASP D 303 -0.31 -22.35 16.57
N ASN D 304 -0.48 -21.08 16.95
CA ASN D 304 0.05 -19.97 16.11
C ASN D 304 1.07 -19.17 16.93
N TYR D 305 2.28 -18.97 16.40
CA TYR D 305 3.32 -18.28 17.19
C TYR D 305 3.14 -16.77 17.02
N ILE D 306 2.77 -16.08 18.10
CA ILE D 306 2.56 -14.60 18.03
C ILE D 306 3.91 -13.89 18.16
N PRO D 307 4.06 -12.63 17.67
CA PRO D 307 5.30 -11.88 17.85
C PRO D 307 5.49 -11.51 19.32
N THR D 308 6.75 -11.43 19.77
CA THR D 308 7.04 -11.06 21.19
C THR D 308 6.68 -9.59 21.44
N SER D 309 6.63 -9.19 22.72
CA SER D 309 6.28 -7.79 23.08
C SER D 309 7.31 -6.83 22.49
N GLU D 310 8.60 -7.20 22.52
CA GLU D 310 9.67 -6.28 22.03
C GLU D 310 9.46 -6.02 20.54
N LEU D 311 9.17 -7.07 19.77
CA LEU D 311 8.95 -6.91 18.31
C LEU D 311 7.71 -6.03 18.09
N SER D 312 6.64 -6.30 18.83
CA SER D 312 5.37 -5.52 18.66
C SER D 312 5.60 -4.06 19.04
N GLY D 313 6.33 -3.81 20.13
CA GLY D 313 6.57 -2.43 20.59
C GLY D 313 7.40 -1.64 19.60
N GLY D 314 8.45 -2.24 19.04
CA GLY D 314 9.27 -1.56 18.02
C GLY D 314 8.46 -1.26 16.78
N ILE D 315 7.65 -2.22 16.34
CA ILE D 315 6.78 -2.01 15.14
C ILE D 315 5.77 -0.90 15.44
N MET D 316 5.20 -0.90 16.65
CA MET D 316 4.18 0.11 17.01
C MET D 316 4.82 1.51 16.98
N GLN D 317 6.05 1.63 17.51
CA GLN D 317 6.73 2.94 17.55
C GLN D 317 6.97 3.42 16.11
N ALA D 318 7.42 2.51 15.24
CA ALA D 318 7.66 2.87 13.82
C ALA D 318 6.34 3.25 13.16
N GLU D 319 5.26 2.50 13.45
CA GLU D 319 3.93 2.78 12.84
C GLU D 319 3.44 4.16 13.27
N LYS D 320 3.64 4.50 14.56
CA LYS D 320 3.19 5.82 15.07
C LYS D 320 3.96 6.93 14.34
N TYR D 321 5.27 6.75 14.16
CA TYR D 321 6.08 7.77 13.44
C TYR D 321 5.60 7.88 11.99
N ILE D 322 5.35 6.74 11.33
CA ILE D 322 4.87 6.76 9.91
C ILE D 322 3.52 7.49 9.86
N PHE D 323 2.64 7.23 10.83
CA PHE D 323 1.29 7.85 10.82
C PHE D 323 1.41 9.37 10.93
N HIS D 324 2.29 9.86 11.82
CA HIS D 324 2.45 11.32 12.00
C HIS D 324 2.99 11.95 10.72
N LEU D 325 3.93 11.28 10.04
CA LEU D 325 4.52 11.81 8.79
C LEU D 325 3.44 11.93 7.71
N SER D 326 2.57 10.93 7.59
CA SER D 326 1.51 10.94 6.56
C SER D 326 0.56 12.11 6.83
N LYS D 327 0.20 12.32 8.10
CA LYS D 327 -0.69 13.46 8.47
C LYS D 327 0.03 14.79 8.21
N TRP D 328 1.34 14.84 8.48
CA TRP D 328 2.13 16.09 8.27
C TRP D 328 2.09 16.44 6.77
N GLY D 329 2.24 15.45 5.88
CA GLY D 329 2.10 15.68 4.43
C GLY D 329 3.01 16.75 3.86
N VAL D 330 2.44 17.69 3.09
CA VAL D 330 3.24 18.76 2.42
C VAL D 330 3.92 19.64 3.47
N LYS D 331 3.22 19.95 4.57
CA LYS D 331 3.80 20.84 5.61
C LYS D 331 5.05 20.16 6.17
N GLY D 332 4.99 18.84 6.35
CA GLY D 332 6.16 18.09 6.82
C GLY D 332 7.32 18.17 5.85
N GLU D 333 7.04 18.04 4.56
CA GLU D 333 8.14 18.05 3.55
C GLU D 333 8.87 19.39 3.62
N LYS D 334 8.12 20.48 3.78
CA LYS D 334 8.73 21.84 3.85
C LYS D 334 9.61 21.94 5.10
N GLU D 335 9.05 21.64 6.28
CA GLU D 335 9.83 21.81 7.54
C GLU D 335 11.06 20.91 7.53
N LEU D 336 10.91 19.65 7.12
CA LEU D 336 12.04 18.69 7.15
C LEU D 336 13.13 19.17 6.19
N THR D 337 12.73 19.61 4.99
CA THR D 337 13.74 20.04 3.97
C THR D 337 14.50 21.25 4.52
N ASN D 338 13.79 22.21 5.13
CA ASN D 338 14.46 23.44 5.62
C ASN D 338 15.46 23.07 6.72
N ALA D 339 15.07 22.20 7.64
CA ALA D 339 15.95 21.80 8.77
C ALA D 339 17.18 21.05 8.27
N TYR D 340 17.01 20.16 7.28
CA TYR D 340 18.14 19.31 6.84
C TYR D 340 18.68 19.72 5.46
N LYS D 341 18.40 20.95 5.03
CA LYS D 341 18.81 21.38 3.66
C LYS D 341 20.34 21.31 3.55
N ASN D 342 21.05 21.79 4.58
CA ASN D 342 22.54 21.73 4.58
C ASN D 342 23.00 20.26 4.60
N SER D 343 22.33 19.42 5.40
CA SER D 343 22.70 17.98 5.49
C SER D 343 22.48 17.28 4.16
N LEU D 344 21.37 17.58 3.48
CA LEU D 344 21.04 16.93 2.17
C LEU D 344 21.94 17.48 1.07
N PRO D 345 22.20 16.72 -0.03
CA PRO D 345 22.95 17.26 -1.17
C PRO D 345 22.15 18.41 -1.78
N ALA D 346 22.83 19.45 -2.27
CA ALA D 346 22.11 20.64 -2.80
C ALA D 346 21.22 20.22 -3.98
N GLY D 347 20.01 20.78 -4.05
CA GLY D 347 19.06 20.44 -5.14
C GLY D 347 18.25 19.19 -4.82
N MET D 348 18.39 18.63 -3.61
CA MET D 348 17.58 17.45 -3.21
C MET D 348 16.71 17.82 -2.01
N CYS D 349 15.42 17.45 -2.04
CA CYS D 349 14.49 17.84 -0.95
C CYS D 349 13.82 16.58 -0.37
N ILE D 350 13.57 16.57 0.95
CA ILE D 350 12.91 15.41 1.60
C ILE D 350 11.44 15.34 1.13
N ARG D 351 11.02 14.17 0.65
CA ARG D 351 9.60 13.98 0.25
C ARG D 351 9.02 12.88 1.14
N ILE D 352 8.04 13.21 1.99
CA ILE D 352 7.52 12.19 2.95
C ILE D 352 6.92 11.03 2.14
N SER D 353 6.16 11.31 1.09
CA SER D 353 5.60 10.24 0.21
C SER D 353 4.89 9.20 1.08
N ASN D 354 5.20 7.92 0.89
CA ASN D 354 4.64 6.87 1.80
C ASN D 354 5.78 6.40 2.71
N PRO D 355 5.76 6.72 4.01
CA PRO D 355 6.87 6.35 4.91
C PRO D 355 6.89 4.83 5.16
N LYS D 356 8.10 4.24 5.19
CA LYS D 356 8.24 2.78 5.43
C LYS D 356 9.26 2.59 6.57
N ALA D 357 9.19 1.47 7.29
CA ALA D 357 10.11 1.31 8.45
C ALA D 357 10.90 0.00 8.39
N ILE D 358 12.18 0.06 8.79
CA ILE D 358 13.04 -1.16 8.85
C ILE D 358 13.37 -1.41 10.32
N ILE D 359 13.09 -2.60 10.85
CA ILE D 359 13.32 -2.82 12.32
C ILE D 359 14.32 -3.96 12.52
N ILE D 360 15.41 -3.71 13.25
CA ILE D 360 16.33 -4.82 13.59
C ILE D 360 16.19 -5.05 15.11
N VAL D 361 15.52 -6.13 15.52
CA VAL D 361 15.24 -6.31 16.98
C VAL D 361 15.50 -7.74 17.45
N GLY D 362 16.28 -7.91 18.51
CA GLY D 362 16.46 -9.25 19.12
C GLY D 362 17.23 -10.24 18.25
N ARG D 363 17.13 -11.53 18.56
CA ARG D 363 17.88 -12.58 17.80
C ARG D 363 17.00 -13.82 17.63
N ASP D 364 16.72 -14.22 16.38
CA ASP D 364 15.86 -15.40 16.09
C ASP D 364 16.51 -16.70 16.60
N GLN D 365 17.84 -16.81 16.54
CA GLN D 365 18.55 -18.07 16.92
C GLN D 365 18.15 -19.21 15.99
N ILE D 366 17.93 -18.91 14.70
CA ILE D 366 17.61 -19.96 13.68
C ILE D 366 18.83 -20.89 13.57
N ALA D 367 20.04 -20.33 13.69
CA ALA D 367 21.28 -21.13 13.57
C ALA D 367 21.24 -22.31 14.55
N ASN D 368 20.56 -22.13 15.70
CA ASN D 368 20.46 -23.20 16.72
C ASN D 368 19.72 -24.41 16.13
N GLY D 369 18.68 -24.18 15.34
CA GLY D 369 17.86 -25.29 14.81
C GLY D 369 16.78 -25.68 15.80
N ASN D 370 16.67 -24.93 16.91
CA ASN D 370 15.63 -25.21 17.93
C ASN D 370 14.23 -25.00 17.32
N MET D 371 14.07 -24.00 16.44
CA MET D 371 12.74 -23.68 15.85
C MET D 371 12.22 -24.89 15.07
N THR D 372 10.91 -25.19 15.21
CA THR D 372 10.29 -26.31 14.45
C THR D 372 9.88 -25.78 13.07
N ASP D 373 9.48 -26.66 12.15
CA ASP D 373 9.18 -26.20 10.77
C ASP D 373 7.96 -25.26 10.82
N GLY D 374 6.95 -25.59 11.62
CA GLY D 374 5.79 -24.69 11.78
C GLY D 374 6.19 -23.37 12.40
N GLN D 375 7.08 -23.40 13.39
CA GLN D 375 7.58 -22.15 14.02
C GLN D 375 8.33 -21.32 12.98
N LEU D 376 9.15 -21.99 12.15
CA LEU D 376 9.91 -21.28 11.09
C LEU D 376 8.94 -20.63 10.10
N LEU D 377 7.87 -21.35 9.75
CA LEU D 377 6.86 -20.79 8.81
C LEU D 377 6.21 -19.56 9.44
N ASP D 378 5.87 -19.64 10.73
CA ASP D 378 5.24 -18.50 11.44
C ASP D 378 6.23 -17.33 11.48
N PHE D 379 7.51 -17.61 11.72
CA PHE D 379 8.54 -16.54 11.75
C PHE D 379 8.49 -15.73 10.44
N GLU D 380 8.59 -16.40 9.30
CA GLU D 380 8.62 -15.70 7.98
C GLU D 380 7.31 -14.93 7.77
N ILE D 381 6.18 -15.53 8.11
CA ILE D 381 4.86 -14.88 7.86
C ILE D 381 4.79 -13.57 8.67
N ILE D 382 5.28 -13.57 9.91
CA ILE D 382 5.19 -12.36 10.77
C ILE D 382 6.00 -11.23 10.13
N LYS D 383 7.17 -11.55 9.57
CA LYS D 383 8.03 -10.50 8.97
C LYS D 383 7.30 -9.85 7.79
N ARG D 384 6.58 -10.65 6.99
CA ARG D 384 5.92 -10.09 5.78
C ARG D 384 4.46 -9.70 6.05
N LYS D 385 3.96 -9.85 7.28
CA LYS D 385 2.52 -9.59 7.54
C LYS D 385 2.29 -8.12 7.93
N TYR D 386 3.34 -7.31 8.04
CA TYR D 386 3.15 -5.92 8.53
C TYR D 386 3.22 -4.92 7.39
N ALA D 387 2.18 -4.09 7.24
CA ALA D 387 2.17 -3.04 6.18
C ALA D 387 3.10 -1.89 6.61
N ASN D 388 3.48 -1.02 5.65
CA ASN D 388 4.33 0.16 5.96
C ASN D 388 5.71 -0.32 6.45
N MET D 389 5.98 -1.62 6.36
CA MET D 389 7.34 -2.12 6.72
C MET D 389 7.98 -2.69 5.45
N ILE D 390 9.12 -2.12 5.03
CA ILE D 390 9.84 -2.69 3.85
C ILE D 390 10.29 -4.10 4.21
N ASP D 391 10.85 -4.28 5.41
CA ASP D 391 11.28 -5.64 5.86
C ASP D 391 11.38 -5.66 7.39
N ILE D 392 11.32 -6.86 7.99
CA ILE D 392 11.55 -6.98 9.46
C ILE D 392 12.81 -7.83 9.62
N LEU D 393 13.79 -7.36 10.39
CA LEU D 393 15.09 -8.08 10.45
C LEU D 393 15.49 -8.38 11.89
N THR D 394 16.21 -9.48 12.10
CA THR D 394 16.77 -9.77 13.45
C THR D 394 18.28 -9.69 13.29
N TYR D 395 19.03 -9.57 14.38
CA TYR D 395 20.51 -9.41 14.23
C TYR D 395 21.10 -10.66 13.57
N ASP D 396 20.62 -11.84 13.97
CA ASP D 396 21.08 -13.11 13.33
C ASP D 396 20.68 -13.10 11.85
N ASP D 397 19.45 -12.65 11.54
CA ASP D 397 18.96 -12.61 10.14
C ASP D 397 19.84 -11.64 9.34
N LEU D 398 20.22 -10.50 9.94
CA LEU D 398 21.05 -9.49 9.23
C LEU D 398 22.41 -10.12 8.90
N LEU D 399 22.99 -10.87 9.84
CA LEU D 399 24.29 -11.55 9.60
C LEU D 399 24.14 -12.55 8.46
N ARG D 400 23.02 -13.29 8.43
CA ARG D 400 22.78 -14.29 7.35
C ARG D 400 22.67 -13.58 6.00
N ARG D 401 22.01 -12.41 5.97
CA ARG D 401 21.90 -11.64 4.70
C ARG D 401 23.30 -11.21 4.25
N LEU D 402 24.14 -10.77 5.20
CA LEU D 402 25.53 -10.35 4.86
C LEU D 402 26.29 -11.56 4.30
N ASN D 403 26.11 -12.74 4.91
CA ASN D 403 26.79 -13.97 4.42
C ASN D 403 26.33 -14.26 2.99
N ASN D 404 25.02 -14.10 2.72
CA ASN D 404 24.48 -14.42 1.38
C ASN D 404 25.11 -13.50 0.33
N THR D 405 25.24 -12.20 0.65
CA THR D 405 25.84 -11.25 -0.32
C THR D 405 27.29 -11.64 -0.59
N ILE D 406 28.03 -12.01 0.46
CA ILE D 406 29.47 -12.36 0.29
C ILE D 406 29.59 -13.60 -0.60
N GLU D 407 28.75 -14.61 -0.36
CA GLU D 407 28.81 -15.86 -1.16
C GLU D 407 28.45 -15.58 -2.62
N ALA D 408 27.43 -14.75 -2.85
CA ALA D 408 27.00 -14.43 -4.23
C ALA D 408 28.13 -13.69 -4.96
N LEU D 409 28.81 -12.76 -4.28
CA LEU D 409 29.94 -12.02 -4.90
C LEU D 409 31.06 -13.01 -5.26
N LYS D 410 31.33 -13.98 -4.37
CA LYS D 410 32.37 -15.00 -4.66
C LYS D 410 31.93 -15.82 -5.88
N GLY D 411 30.64 -16.15 -5.98
CA GLY D 411 30.13 -16.94 -7.12
C GLY D 411 28.84 -17.66 -6.76
#